data_4D9L
#
_entry.id   4D9L
#
_cell.length_a   68.322
_cell.length_b   82.460
_cell.length_c   93.212
_cell.angle_alpha   82.12
_cell.angle_beta   70.41
_cell.angle_gamma   86.27
#
_symmetry.space_group_name_H-M   'P 1'
#
loop_
_entity.id
_entity.type
_entity.pdbx_description
1 polymer 'Light chain of Fab fragment of anti-HIV1 gp120 V2 mAb 697'
2 polymer 'Heavy chain of Fab fragment of anti-HIV1 gp120 V2 mAb 697'
3 water water
#
loop_
_entity_poly.entity_id
_entity_poly.type
_entity_poly.pdbx_seq_one_letter_code
_entity_poly.pdbx_strand_id
1 'polypeptide(L)'
;QSVLTQPPSVSGAPGQRVTISCTGSSSNIGAHYDVHWYQQLPGTAPKLLIYGNSNRPSGVPDRFSGSKSGTSASLAITGL
QAEDEADYYCQSYDSSLSGYVFGTGTKVTVLGQPKANPTVTLFPPSSEELQANKATLVCLISDFYPGAVTVAWKADSSPV
KAGVETTTPSKQSNNKYAASSYLSLTPEQWKSHRSYSCQVTHEGSTVEKTVAPTE
;
L,M,N,O
2 'polypeptide(L)'
;QVQLVQSGAEVKKPGSSVKVSCKASGGNFNTYTISWVRQAPGQGLEWMGRIIPIFGIVNPAQKFPGRVTINVDKSTNTAY
MELSSLRSEDTAVYYCATSGVGLHFGYFDYWGQGTQVTVSSASTKGPSVFPLAPSSKSTSGGTAALGCLVKDYFPEPVTV
SWNSGALTSGVHTFPAVLQSSGLYSLSSVVTVPSSSLGTQTYICNVNHKPSNTKVDKKVEPKS
;
H,I,J,K
#
# COMPACT_ATOMS: atom_id res chain seq x y z
N GLN A 1 14.68 -45.97 43.69
CA GLN A 1 14.55 -44.65 43.10
C GLN A 1 15.83 -44.18 42.40
N SER A 2 16.77 -43.61 43.15
CA SER A 2 18.05 -43.15 42.59
C SER A 2 19.12 -44.26 42.65
N VAL A 3 18.86 -45.35 41.92
CA VAL A 3 19.56 -46.61 42.08
C VAL A 3 20.45 -46.91 40.88
N LEU A 4 20.29 -46.14 39.80
CA LEU A 4 21.21 -46.20 38.67
C LEU A 4 22.37 -45.23 38.93
N THR A 5 23.59 -45.67 38.67
CA THR A 5 24.78 -44.87 39.02
C THR A 5 25.37 -44.10 37.85
N GLN A 6 25.56 -42.80 38.03
CA GLN A 6 26.16 -41.98 37.00
C GLN A 6 27.32 -41.27 37.64
N PRO A 7 28.32 -40.87 36.85
CA PRO A 7 29.37 -39.99 37.37
C PRO A 7 28.77 -38.65 37.81
N PRO A 8 29.28 -38.06 38.91
CA PRO A 8 28.72 -36.77 39.36
C PRO A 8 29.02 -35.62 38.39
N SER A 9 30.20 -35.63 37.76
CA SER A 9 30.61 -34.55 36.85
C SER A 9 31.28 -35.02 35.59
N VAL A 10 30.99 -34.32 34.51
CA VAL A 10 31.64 -34.53 33.24
C VAL A 10 31.95 -33.16 32.65
N SER A 11 33.13 -33.01 32.06
CA SER A 11 33.56 -31.71 31.55
C SER A 11 34.02 -31.81 30.11
N GLY A 12 33.90 -30.71 29.39
CA GLY A 12 34.46 -30.61 28.07
C GLY A 12 34.43 -29.18 27.55
N ALA A 13 35.30 -28.93 26.57
CA ALA A 13 35.35 -27.65 25.85
C ALA A 13 34.39 -27.78 24.68
N PRO A 14 33.97 -26.65 24.09
CA PRO A 14 33.07 -26.74 22.95
C PRO A 14 33.71 -27.56 21.83
N GLY A 15 32.90 -28.36 21.15
CA GLY A 15 33.32 -29.14 20.01
C GLY A 15 33.80 -30.52 20.40
N GLN A 16 34.06 -30.71 21.69
CA GLN A 16 34.47 -32.01 22.21
C GLN A 16 33.33 -33.03 22.26
N ARG A 17 33.70 -34.30 22.30
CA ARG A 17 32.74 -35.39 22.46
C ARG A 17 32.79 -35.89 23.89
N VAL A 18 31.63 -36.03 24.54
CA VAL A 18 31.61 -36.57 25.90
C VAL A 18 30.57 -37.69 26.06
N THR A 19 30.77 -38.52 27.06
CA THR A 19 29.85 -39.62 27.30
C THR A 19 29.49 -39.62 28.78
N ILE A 20 28.30 -40.14 29.07
CA ILE A 20 27.85 -40.27 30.45
C ILE A 20 27.37 -41.69 30.68
N SER A 21 27.91 -42.31 31.71
CA SER A 21 27.58 -43.69 31.97
C SER A 21 26.39 -43.78 32.89
N CYS A 22 25.60 -44.84 32.71
CA CYS A 22 24.46 -45.09 33.52
C CYS A 22 24.59 -46.54 33.92
N THR A 23 24.88 -46.78 35.18
CA THR A 23 25.17 -48.12 35.65
C THR A 23 24.08 -48.69 36.57
N GLY A 24 23.49 -49.78 36.12
CA GLY A 24 22.45 -50.46 36.88
C GLY A 24 22.78 -51.90 37.17
N SER A 25 21.73 -52.66 37.51
CA SER A 25 21.89 -54.05 37.91
C SER A 25 20.93 -54.96 37.14
N SER A 26 20.94 -56.24 37.48
CA SER A 26 20.15 -57.24 36.78
C SER A 26 18.63 -57.05 36.96
N SER A 27 18.22 -56.26 37.93
CA SER A 27 16.78 -56.08 38.14
C SER A 27 16.22 -54.89 37.37
N ASN A 28 17.09 -54.18 36.65
CA ASN A 28 16.65 -53.07 35.79
C ASN A 28 17.16 -53.10 34.34
N ILE A 29 18.40 -52.65 34.13
CA ILE A 29 18.90 -52.35 32.77
C ILE A 29 19.14 -53.47 31.71
N GLY A 30 19.73 -54.62 32.05
CA GLY A 30 19.70 -55.23 33.34
C GLY A 30 18.80 -56.43 33.09
N ALA A 31 17.49 -56.22 33.27
CA ALA A 31 16.50 -57.23 32.95
C ALA A 31 15.89 -56.91 31.59
N HIS A 32 16.67 -56.23 30.76
CA HIS A 32 16.25 -55.81 29.43
C HIS A 32 15.13 -54.75 29.36
N TYR A 33 15.02 -53.94 30.40
CA TYR A 33 14.12 -52.77 30.38
C TYR A 33 14.78 -51.59 29.69
N ASP A 34 13.99 -50.81 28.97
CA ASP A 34 14.50 -49.63 28.25
C ASP A 34 15.08 -48.57 29.17
N VAL A 35 16.01 -47.81 28.61
CA VAL A 35 16.57 -46.69 29.33
C VAL A 35 16.17 -45.40 28.62
N HIS A 36 15.85 -44.37 29.40
CA HIS A 36 15.55 -43.06 28.85
C HIS A 36 16.45 -42.01 29.49
N TRP A 37 16.59 -40.86 28.85
CA TRP A 37 17.37 -39.77 29.41
C TRP A 37 16.58 -38.48 29.52
N TYR A 38 16.78 -37.73 30.60
CA TYR A 38 16.21 -36.39 30.67
C TYR A 38 17.30 -35.33 30.79
N GLN A 39 17.04 -34.16 30.22
CA GLN A 39 17.96 -33.04 30.34
C GLN A 39 17.34 -32.00 31.23
N GLN A 40 18.09 -31.55 32.23
CA GLN A 40 17.58 -30.47 33.06
C GLN A 40 18.46 -29.24 33.03
N LEU A 41 18.04 -28.27 32.25
CA LEU A 41 18.71 -26.98 32.27
C LEU A 41 18.41 -26.35 33.63
N PRO A 42 19.40 -25.64 34.20
CA PRO A 42 19.30 -24.97 35.49
C PRO A 42 18.04 -24.11 35.65
N GLY A 43 17.29 -24.35 36.72
CA GLY A 43 16.10 -23.58 37.01
C GLY A 43 14.85 -24.06 36.29
N THR A 44 15.00 -25.10 35.48
CA THR A 44 13.88 -25.56 34.66
C THR A 44 13.50 -26.99 34.99
N ALA A 45 12.44 -27.45 34.34
CA ALA A 45 11.98 -28.82 34.49
C ALA A 45 12.78 -29.76 33.57
N PRO A 46 12.92 -31.02 33.97
CA PRO A 46 13.49 -32.04 33.10
C PRO A 46 12.72 -32.11 31.78
N LYS A 47 13.41 -32.33 30.65
CA LYS A 47 12.75 -32.57 29.37
C LYS A 47 13.29 -33.88 28.86
N LEU A 48 12.45 -34.65 28.20
CA LEU A 48 12.87 -35.93 27.65
C LEU A 48 13.96 -35.69 26.61
N LEU A 49 15.04 -36.45 26.69
CA LEU A 49 16.16 -36.26 25.79
C LEU A 49 16.32 -37.44 24.84
N ILE A 50 16.34 -38.64 25.42
CA ILE A 50 16.38 -39.90 24.69
C ILE A 50 15.31 -40.83 25.28
N TYR A 51 14.62 -41.58 24.43
CA TYR A 51 13.66 -42.57 24.90
C TYR A 51 13.88 -43.89 24.16
N GLY A 52 13.51 -44.99 24.79
CA GLY A 52 13.75 -46.30 24.21
C GLY A 52 15.22 -46.49 23.86
N ASN A 53 16.10 -46.18 24.81
CA ASN A 53 17.55 -46.33 24.65
C ASN A 53 18.23 -45.39 23.66
N SER A 54 17.60 -45.08 22.53
CA SER A 54 18.33 -44.37 21.46
C SER A 54 17.54 -43.38 20.60
N ASN A 55 16.24 -43.28 20.80
CA ASN A 55 15.44 -42.38 19.99
C ASN A 55 15.42 -40.94 20.48
N ARG A 56 15.49 -40.00 19.53
CA ARG A 56 15.38 -38.59 19.86
C ARG A 56 13.98 -38.08 19.57
N PRO A 57 13.37 -37.43 20.56
CA PRO A 57 12.09 -36.76 20.28
C PRO A 57 12.35 -35.61 19.32
N SER A 58 11.32 -35.09 18.66
CA SER A 58 11.49 -33.95 17.75
C SER A 58 12.11 -32.74 18.44
N GLY A 59 13.12 -32.16 17.82
CA GLY A 59 13.73 -30.95 18.35
C GLY A 59 14.75 -31.18 19.43
N VAL A 60 15.30 -32.39 19.49
CA VAL A 60 16.49 -32.64 20.28
C VAL A 60 17.61 -32.79 19.26
N PRO A 61 18.69 -32.03 19.45
CA PRO A 61 19.77 -31.96 18.46
C PRO A 61 20.42 -33.30 18.15
N ASP A 62 20.96 -33.38 16.95
CA ASP A 62 21.67 -34.55 16.45
C ASP A 62 22.83 -34.99 17.35
N ARG A 63 23.46 -34.02 18.02
CA ARG A 63 24.57 -34.21 18.96
C ARG A 63 24.38 -35.35 19.93
N PHE A 64 23.15 -35.48 20.40
CA PHE A 64 22.85 -36.39 21.48
C PHE A 64 22.57 -37.76 20.92
N SER A 65 23.15 -38.78 21.56
CA SER A 65 22.84 -40.14 21.20
C SER A 65 22.90 -41.08 22.40
N GLY A 66 22.10 -42.13 22.36
CA GLY A 66 22.03 -43.06 23.45
C GLY A 66 22.26 -44.48 23.01
N SER A 67 22.87 -45.26 23.89
CA SER A 67 22.95 -46.70 23.70
C SER A 67 22.83 -47.38 25.06
N LYS A 68 22.52 -48.67 25.03
CA LYS A 68 22.45 -49.48 26.22
C LYS A 68 23.24 -50.75 25.90
N SER A 69 23.83 -51.38 26.92
CA SER A 69 24.58 -52.61 26.69
C SER A 69 24.75 -53.40 27.96
N GLY A 70 24.25 -54.63 27.95
CA GLY A 70 24.25 -55.46 29.13
C GLY A 70 23.55 -54.76 30.27
N THR A 71 24.35 -54.30 31.23
CA THR A 71 23.81 -53.72 32.44
C THR A 71 24.01 -52.19 32.49
N SER A 72 24.63 -51.63 31.44
CA SER A 72 24.86 -50.19 31.37
C SER A 72 24.17 -49.49 30.20
N ALA A 73 24.00 -48.19 30.34
CA ALA A 73 23.55 -47.35 29.25
C ALA A 73 24.51 -46.19 29.14
N SER A 74 24.49 -45.52 28.00
CA SER A 74 25.43 -44.44 27.77
C SER A 74 24.78 -43.33 26.97
N LEU A 75 25.07 -42.09 27.38
CA LEU A 75 24.65 -40.93 26.63
C LEU A 75 25.87 -40.27 26.04
N ALA A 76 25.85 -39.99 24.74
CA ALA A 76 26.96 -39.30 24.11
C ALA A 76 26.53 -37.94 23.54
N ILE A 77 27.34 -36.94 23.79
CA ILE A 77 27.19 -35.63 23.17
C ILE A 77 28.42 -35.34 22.31
N THR A 78 28.24 -35.45 21.00
CA THR A 78 29.33 -35.33 20.05
C THR A 78 29.44 -33.91 19.51
N GLY A 79 30.15 -33.06 20.23
CA GLY A 79 30.28 -31.67 19.87
C GLY A 79 29.62 -30.71 20.84
N LEU A 80 30.00 -30.80 22.13
CA LEU A 80 29.47 -29.93 23.18
C LEU A 80 29.19 -28.53 22.73
N GLN A 81 28.02 -28.02 23.09
CA GLN A 81 27.70 -26.62 22.90
C GLN A 81 27.49 -26.00 24.27
N ALA A 82 27.69 -24.69 24.36
CA ALA A 82 27.46 -23.96 25.59
C ALA A 82 26.11 -24.32 26.22
N GLU A 83 25.07 -24.34 25.41
CA GLU A 83 23.71 -24.61 25.90
C GLU A 83 23.46 -26.06 26.37
N ASP A 84 24.44 -26.95 26.21
CA ASP A 84 24.36 -28.32 26.72
C ASP A 84 24.74 -28.39 28.21
N GLU A 85 25.07 -27.25 28.81
CA GLU A 85 25.45 -27.23 30.21
C GLU A 85 24.20 -27.40 31.08
N ALA A 86 24.04 -28.60 31.64
CA ALA A 86 22.83 -28.96 32.36
C ALA A 86 23.07 -30.22 33.18
N ASP A 87 22.02 -30.69 33.86
CA ASP A 87 22.03 -31.98 34.53
C ASP A 87 21.34 -33.06 33.68
N TYR A 88 21.92 -34.25 33.64
CA TYR A 88 21.36 -35.34 32.88
C TYR A 88 21.07 -36.55 33.77
N TYR A 89 19.83 -37.06 33.68
CA TYR A 89 19.45 -38.27 34.41
C TYR A 89 19.04 -39.39 33.46
N CYS A 90 19.51 -40.60 33.69
CA CYS A 90 18.94 -41.75 33.01
C CYS A 90 17.75 -42.23 33.84
N GLN A 91 16.87 -43.01 33.22
CA GLN A 91 15.80 -43.64 33.96
C GLN A 91 15.36 -44.94 33.30
N SER A 92 14.76 -45.80 34.10
CA SER A 92 14.38 -47.09 33.62
C SER A 92 13.38 -47.66 34.61
N TYR A 93 13.25 -48.97 34.60
CA TYR A 93 12.28 -49.65 35.44
C TYR A 93 12.98 -50.75 36.20
N ASP A 94 12.63 -50.90 37.47
CA ASP A 94 13.20 -51.96 38.29
C ASP A 94 12.11 -52.91 38.75
N SER A 95 12.24 -54.18 38.36
CA SER A 95 11.21 -55.17 38.68
C SER A 95 11.36 -55.70 40.10
N SER A 96 12.53 -55.46 40.69
CA SER A 96 12.75 -55.85 42.08
C SER A 96 12.11 -54.85 43.05
N LEU A 97 11.93 -53.60 42.63
CA LEU A 97 11.13 -52.68 43.45
C LEU A 97 9.80 -52.33 42.78
N SER A 98 9.59 -52.88 41.59
CA SER A 98 8.35 -52.68 40.82
C SER A 98 8.04 -51.21 40.53
N GLY A 99 9.02 -50.51 39.98
CA GLY A 99 8.82 -49.12 39.64
C GLY A 99 9.96 -48.43 38.92
N TYR A 100 9.71 -47.16 38.60
CA TYR A 100 10.71 -46.25 38.07
C TYR A 100 11.98 -46.18 38.91
N VAL A 101 13.11 -46.35 38.24
CA VAL A 101 14.38 -46.09 38.88
C VAL A 101 15.06 -44.96 38.11
N PHE A 102 15.68 -44.04 38.85
CA PHE A 102 16.41 -42.92 38.26
C PHE A 102 17.92 -42.99 38.49
N GLY A 103 18.65 -42.31 37.62
CA GLY A 103 20.08 -42.18 37.82
C GLY A 103 20.37 -41.10 38.84
N THR A 104 21.55 -41.19 39.44
CA THR A 104 21.98 -40.22 40.46
C THR A 104 22.20 -38.81 39.91
N GLY A 105 22.34 -38.66 38.60
CA GLY A 105 22.52 -37.36 37.99
C GLY A 105 23.96 -36.98 37.65
N THR A 106 24.15 -36.46 36.44
CA THR A 106 25.45 -35.96 36.01
C THR A 106 25.39 -34.48 35.65
N LYS A 107 26.30 -33.68 36.20
CA LYS A 107 26.42 -32.29 35.80
C LYS A 107 27.51 -32.17 34.73
N VAL A 108 27.11 -31.82 33.51
CA VAL A 108 28.13 -31.51 32.50
C VAL A 108 28.45 -30.02 32.41
N THR A 109 29.74 -29.75 32.48
CA THR A 109 30.22 -28.39 32.42
C THR A 109 30.86 -28.19 31.06
N VAL A 110 30.51 -27.07 30.44
CA VAL A 110 31.09 -26.71 29.16
C VAL A 110 32.06 -25.58 29.44
N LEU A 111 33.35 -25.92 29.41
CA LEU A 111 34.42 -24.98 29.68
C LEU A 111 34.61 -24.12 28.45
N GLY A 112 33.79 -23.08 28.32
CA GLY A 112 33.78 -22.25 27.12
C GLY A 112 34.03 -20.80 27.43
N GLN A 113 34.98 -20.57 28.32
CA GLN A 113 35.29 -19.24 28.80
C GLN A 113 36.64 -19.44 29.41
N PRO A 114 37.53 -18.44 29.30
CA PRO A 114 38.85 -18.54 29.95
C PRO A 114 38.74 -18.39 31.48
N LYS A 115 39.65 -19.01 32.22
CA LYS A 115 39.76 -18.84 33.66
C LYS A 115 39.63 -17.37 34.06
N ALA A 116 38.81 -17.09 35.09
CA ALA A 116 38.70 -15.74 35.64
C ALA A 116 39.02 -15.80 37.12
N ASN A 117 39.97 -14.97 37.57
CA ASN A 117 40.34 -14.93 38.97
C ASN A 117 39.29 -14.20 39.79
N PRO A 118 39.05 -14.64 41.05
CA PRO A 118 37.96 -14.07 41.86
C PRO A 118 38.27 -12.70 42.45
N THR A 119 37.25 -11.84 42.50
CA THR A 119 37.30 -10.62 43.28
C THR A 119 36.72 -10.94 44.65
N VAL A 120 37.48 -10.61 45.70
CA VAL A 120 37.06 -10.92 47.07
C VAL A 120 36.88 -9.66 47.90
N THR A 121 35.70 -9.48 48.47
CA THR A 121 35.45 -8.34 49.37
C THR A 121 34.94 -8.81 50.73
N LEU A 122 35.62 -8.34 51.77
CA LEU A 122 35.31 -8.75 53.11
C LEU A 122 34.69 -7.58 53.91
N PHE A 123 33.46 -7.75 54.39
CA PHE A 123 32.86 -6.77 55.30
C PHE A 123 32.81 -7.22 56.76
N PRO A 124 33.28 -6.34 57.66
CA PRO A 124 33.16 -6.55 59.10
C PRO A 124 31.70 -6.34 59.47
N PRO A 125 31.29 -6.81 60.65
CA PRO A 125 29.91 -6.53 61.12
C PRO A 125 29.67 -5.04 61.27
N SER A 126 28.49 -4.56 60.87
CA SER A 126 28.15 -3.15 61.07
C SER A 126 27.90 -2.87 62.55
N SER A 127 28.19 -1.64 62.98
CA SER A 127 27.99 -1.28 64.38
C SER A 127 26.51 -1.42 64.74
N GLU A 128 25.66 -1.06 63.79
CA GLU A 128 24.24 -1.34 63.88
C GLU A 128 23.93 -2.82 64.22
N GLU A 129 24.61 -3.76 63.57
CA GLU A 129 24.41 -5.16 63.92
C GLU A 129 24.92 -5.48 65.34
N LEU A 130 25.96 -4.76 65.75
CA LEU A 130 26.54 -4.94 67.08
C LEU A 130 25.57 -4.43 68.16
N GLN A 131 24.96 -3.28 67.92
CA GLN A 131 23.92 -2.76 68.78
C GLN A 131 22.79 -3.77 68.95
N ALA A 132 22.68 -4.70 68.00
CA ALA A 132 21.64 -5.72 68.04
C ALA A 132 22.15 -7.00 68.67
N ASN A 133 23.34 -6.91 69.27
CA ASN A 133 23.93 -8.07 69.93
C ASN A 133 24.18 -9.27 68.96
N LYS A 134 24.40 -8.97 67.69
CA LYS A 134 24.81 -9.98 66.73
C LYS A 134 26.06 -9.47 66.01
N ALA A 135 26.77 -10.35 65.32
CA ALA A 135 27.91 -9.92 64.54
C ALA A 135 28.20 -10.93 63.44
N THR A 136 28.23 -10.42 62.21
CA THR A 136 28.35 -11.27 61.03
C THR A 136 29.41 -10.73 60.09
N LEU A 137 30.37 -11.58 59.75
CA LEU A 137 31.38 -11.24 58.75
C LEU A 137 30.89 -11.67 57.37
N VAL A 138 31.04 -10.79 56.39
CA VAL A 138 30.53 -11.10 55.07
C VAL A 138 31.63 -11.12 54.02
N CYS A 139 31.86 -12.30 53.45
CA CYS A 139 32.88 -12.47 52.42
C CYS A 139 32.22 -12.76 51.06
N LEU A 140 32.37 -11.84 50.12
CA LEU A 140 31.74 -11.97 48.80
C LEU A 140 32.80 -12.26 47.71
N ILE A 141 32.59 -13.35 46.98
CA ILE A 141 33.52 -13.79 45.97
C ILE A 141 32.84 -13.64 44.62
N SER A 142 33.50 -12.91 43.71
CA SER A 142 32.88 -12.48 42.47
C SER A 142 33.71 -12.79 41.24
N ASP A 143 33.01 -12.95 40.12
CA ASP A 143 33.61 -12.95 38.79
C ASP A 143 34.70 -13.99 38.56
N PHE A 144 34.50 -15.18 39.09
CA PHE A 144 35.48 -16.23 38.86
C PHE A 144 34.96 -17.28 37.88
N TYR A 145 35.89 -18.00 37.28
CA TYR A 145 35.62 -19.14 36.40
C TYR A 145 36.86 -20.01 36.36
N PRO A 146 36.69 -21.34 36.44
CA PRO A 146 35.44 -22.06 36.61
C PRO A 146 34.82 -21.91 38.02
N GLY A 147 33.79 -22.70 38.29
CA GLY A 147 32.90 -22.42 39.40
C GLY A 147 33.16 -23.12 40.70
N ALA A 148 34.41 -23.50 40.97
CA ALA A 148 34.78 -24.14 42.24
C ALA A 148 35.72 -23.27 43.10
N VAL A 149 35.26 -22.96 44.30
CA VAL A 149 36.09 -22.28 45.28
C VAL A 149 36.01 -23.00 46.61
N THR A 150 37.03 -22.80 47.43
CA THR A 150 36.95 -23.15 48.83
C THR A 150 37.20 -21.89 49.66
N VAL A 151 36.48 -21.80 50.78
CA VAL A 151 36.63 -20.66 51.67
C VAL A 151 37.06 -21.18 53.03
N ALA A 152 38.07 -20.55 53.62
CA ALA A 152 38.43 -20.83 55.00
C ALA A 152 38.48 -19.54 55.80
N TRP A 153 38.07 -19.62 57.05
CA TRP A 153 38.09 -18.46 57.91
C TRP A 153 39.11 -18.64 59.02
N LYS A 154 39.74 -17.54 59.43
CA LYS A 154 40.69 -17.59 60.53
C LYS A 154 40.43 -16.45 61.50
N ALA A 155 40.72 -16.71 62.77
CA ALA A 155 40.79 -15.67 63.77
C ALA A 155 42.23 -15.64 64.27
N ASP A 156 42.92 -14.52 64.09
CA ASP A 156 44.35 -14.42 64.37
C ASP A 156 45.14 -15.52 63.68
N SER A 157 44.96 -15.61 62.36
CA SER A 157 45.52 -16.68 61.52
C SER A 157 45.38 -18.08 62.12
N SER A 158 44.32 -18.29 62.90
CA SER A 158 44.01 -19.64 63.37
C SER A 158 42.59 -20.04 62.92
N PRO A 159 42.47 -21.23 62.32
CA PRO A 159 41.20 -21.64 61.68
C PRO A 159 39.98 -21.67 62.59
N VAL A 160 38.84 -21.39 61.99
CA VAL A 160 37.56 -21.56 62.62
C VAL A 160 36.66 -22.34 61.65
N LYS A 161 35.77 -23.16 62.18
CA LYS A 161 34.80 -23.82 61.32
C LYS A 161 33.36 -23.57 61.79
N ALA A 162 33.20 -23.40 63.10
CA ALA A 162 31.88 -23.12 63.65
C ALA A 162 31.50 -21.67 63.36
N GLY A 163 30.32 -21.48 62.78
CA GLY A 163 29.79 -20.17 62.54
C GLY A 163 29.87 -19.84 61.06
N VAL A 164 30.35 -20.81 60.29
CA VAL A 164 30.58 -20.62 58.87
C VAL A 164 29.45 -21.13 57.99
N GLU A 165 29.00 -20.30 57.08
CA GLU A 165 27.95 -20.69 56.15
C GLU A 165 28.31 -20.13 54.76
N THR A 166 28.21 -20.99 53.76
CA THR A 166 28.75 -20.69 52.44
C THR A 166 27.76 -21.12 51.36
N THR A 167 27.51 -20.25 50.39
CA THR A 167 26.66 -20.65 49.26
C THR A 167 27.48 -21.29 48.17
N THR A 168 26.92 -22.30 47.52
CA THR A 168 27.58 -22.88 46.36
C THR A 168 27.59 -21.82 45.26
N PRO A 169 28.64 -21.83 44.43
CA PRO A 169 28.76 -20.81 43.39
C PRO A 169 27.60 -20.85 42.38
N SER A 170 27.26 -19.70 41.83
CA SER A 170 26.22 -19.61 40.81
C SER A 170 26.52 -18.46 39.86
N LYS A 171 26.08 -18.58 38.62
CA LYS A 171 26.46 -17.67 37.56
C LYS A 171 25.92 -16.28 37.79
N GLN A 172 26.64 -15.27 37.32
CA GLN A 172 26.16 -13.90 37.35
C GLN A 172 25.60 -13.48 35.99
N SER A 173 25.15 -12.24 35.89
CA SER A 173 24.61 -11.74 34.63
C SER A 173 25.73 -11.38 33.67
N ASN A 174 26.83 -12.12 33.76
CA ASN A 174 27.92 -12.01 32.82
C ASN A 174 28.57 -13.39 32.66
N ASN A 175 27.82 -14.41 33.09
CA ASN A 175 28.20 -15.80 32.93
C ASN A 175 29.46 -16.28 33.65
N LYS A 176 30.02 -15.42 34.50
CA LYS A 176 31.00 -15.87 35.46
C LYS A 176 30.27 -16.21 36.77
N TYR A 177 30.98 -16.78 37.71
CA TYR A 177 30.41 -17.21 38.99
C TYR A 177 30.58 -16.19 40.13
N ALA A 178 29.66 -16.25 41.11
CA ALA A 178 29.81 -15.56 42.38
C ALA A 178 29.50 -16.53 43.51
N ALA A 179 29.92 -16.19 44.73
CA ALA A 179 29.60 -17.01 45.90
C ALA A 179 29.83 -16.20 47.17
N SER A 180 29.21 -16.63 48.27
CA SER A 180 29.31 -15.88 49.52
C SER A 180 29.53 -16.77 50.74
N SER A 181 30.33 -16.26 51.66
CA SER A 181 30.60 -16.94 52.91
C SER A 181 30.31 -16.00 54.09
N TYR A 182 29.76 -16.56 55.17
CA TYR A 182 29.36 -15.79 56.35
C TYR A 182 29.94 -16.44 57.58
N LEU A 183 30.52 -15.61 58.44
CA LEU A 183 31.02 -16.09 59.72
C LEU A 183 30.23 -15.42 60.82
N SER A 184 29.46 -16.21 61.58
CA SER A 184 28.65 -15.66 62.68
C SER A 184 29.44 -15.66 63.97
N LEU A 185 29.40 -14.52 64.66
CA LEU A 185 30.13 -14.30 65.89
C LEU A 185 29.26 -13.52 66.89
N THR A 186 29.56 -13.69 68.18
CA THR A 186 29.00 -12.83 69.22
C THR A 186 29.85 -11.58 69.24
N PRO A 187 29.28 -10.45 69.66
CA PRO A 187 30.07 -9.21 69.72
C PRO A 187 31.32 -9.37 70.59
N GLU A 188 31.27 -10.27 71.57
CA GLU A 188 32.40 -10.51 72.45
C GLU A 188 33.53 -11.25 71.73
N GLN A 189 33.21 -12.38 71.08
CA GLN A 189 34.13 -13.06 70.18
C GLN A 189 34.77 -12.05 69.22
N TRP A 190 33.95 -11.21 68.62
CA TRP A 190 34.43 -10.21 67.68
C TRP A 190 35.46 -9.30 68.34
N LYS A 191 35.15 -8.77 69.51
CA LYS A 191 36.06 -7.80 70.15
C LYS A 191 37.28 -8.44 70.81
N SER A 192 37.23 -9.75 71.06
CA SER A 192 38.38 -10.49 71.54
C SER A 192 39.60 -10.34 70.61
N HIS A 193 39.52 -11.01 69.46
CA HIS A 193 40.68 -11.23 68.59
C HIS A 193 41.26 -9.96 67.95
N ARG A 194 42.46 -10.09 67.39
CA ARG A 194 43.13 -8.95 66.76
C ARG A 194 42.63 -8.72 65.34
N SER A 195 42.31 -9.81 64.66
CA SER A 195 41.78 -9.70 63.30
C SER A 195 40.98 -10.92 62.92
N TYR A 196 40.20 -10.79 61.87
CA TYR A 196 39.59 -11.95 61.24
C TYR A 196 39.94 -12.00 59.75
N SER A 197 40.05 -13.21 59.22
CA SER A 197 40.45 -13.37 57.83
C SER A 197 39.50 -14.26 57.08
N CYS A 198 39.25 -13.87 55.83
CA CYS A 198 38.56 -14.69 54.88
C CYS A 198 39.59 -15.13 53.85
N GLN A 199 39.72 -16.44 53.64
CA GLN A 199 40.72 -16.98 52.71
C GLN A 199 40.03 -17.75 51.57
N VAL A 200 40.28 -17.32 50.34
CA VAL A 200 39.63 -17.89 49.18
C VAL A 200 40.64 -18.53 48.24
N THR A 201 40.44 -19.81 47.96
CA THR A 201 41.31 -20.60 47.09
C THR A 201 40.58 -20.95 45.80
N HIS A 202 41.19 -20.58 44.69
CA HIS A 202 40.58 -20.82 43.39
C HIS A 202 41.67 -21.13 42.38
N GLU A 203 41.60 -22.33 41.79
CA GLU A 203 42.59 -22.79 40.82
C GLU A 203 44.03 -22.59 41.33
N GLY A 204 44.34 -23.14 42.48
CA GLY A 204 45.69 -23.04 43.02
C GLY A 204 46.15 -21.68 43.53
N SER A 205 45.30 -20.67 43.40
CA SER A 205 45.62 -19.34 43.92
C SER A 205 44.82 -19.06 45.18
N THR A 206 45.41 -18.30 46.09
CA THR A 206 44.72 -17.90 47.30
C THR A 206 44.63 -16.38 47.39
N VAL A 207 43.47 -15.88 47.78
CA VAL A 207 43.30 -14.47 48.15
C VAL A 207 42.81 -14.40 49.59
N GLU A 208 43.53 -13.70 50.44
CA GLU A 208 43.11 -13.55 51.83
C GLU A 208 42.76 -12.08 52.14
N LYS A 209 41.55 -11.85 52.67
CA LYS A 209 41.22 -10.53 53.20
C LYS A 209 41.14 -10.53 54.71
N THR A 210 41.35 -9.37 55.31
CA THR A 210 41.38 -9.26 56.75
C THR A 210 40.59 -8.04 57.22
N VAL A 211 39.90 -8.16 58.36
CA VAL A 211 39.29 -7.01 59.03
C VAL A 211 39.59 -7.09 60.53
N ALA A 212 39.69 -5.94 61.18
CA ALA A 212 39.95 -5.91 62.63
C ALA A 212 38.90 -5.11 63.38
N PRO A 213 38.55 -5.56 64.60
CA PRO A 213 37.59 -4.82 65.44
C PRO A 213 38.04 -3.39 65.69
N THR A 214 39.36 -3.18 65.73
CA THR A 214 39.92 -1.84 65.79
C THR A 214 39.89 -1.17 64.43
N GLN B 1 2.76 -31.33 22.42
CA GLN B 1 1.42 -31.90 22.29
C GLN B 1 0.56 -31.66 23.53
N VAL B 2 1.20 -31.54 24.71
CA VAL B 2 0.48 -31.19 25.93
C VAL B 2 1.14 -30.02 26.66
N GLN B 3 0.33 -29.09 27.16
CA GLN B 3 0.79 -28.03 28.05
C GLN B 3 0.32 -28.31 29.49
N LEU B 4 1.27 -28.55 30.38
CA LEU B 4 0.96 -28.85 31.79
C LEU B 4 1.27 -27.63 32.67
N VAL B 5 0.26 -27.09 33.34
CA VAL B 5 0.45 -25.91 34.19
C VAL B 5 0.14 -26.19 35.67
N GLN B 6 1.17 -26.12 36.52
CA GLN B 6 1.03 -26.45 37.94
C GLN B 6 0.70 -25.23 38.79
N SER B 7 0.11 -25.45 39.96
CA SER B 7 -0.22 -24.38 40.87
C SER B 7 1.02 -23.79 41.55
N GLY B 8 0.83 -22.70 42.30
CA GLY B 8 1.93 -21.94 42.89
C GLY B 8 2.68 -22.59 44.06
N ALA B 9 3.85 -22.03 44.37
CA ALA B 9 4.70 -22.52 45.44
C ALA B 9 4.01 -22.53 46.77
N GLU B 10 4.42 -23.43 47.65
CA GLU B 10 3.68 -23.65 48.87
C GLU B 10 4.60 -23.69 50.08
N VAL B 11 4.17 -23.09 51.19
CA VAL B 11 4.96 -23.10 52.43
C VAL B 11 4.12 -23.68 53.60
N LYS B 12 4.63 -24.71 54.25
CA LYS B 12 3.82 -25.46 55.18
C LYS B 12 4.61 -25.84 56.44
N LYS B 13 3.89 -25.99 57.54
CA LYS B 13 4.46 -26.52 58.78
C LYS B 13 4.51 -28.03 58.71
N PRO B 14 5.38 -28.64 59.53
CA PRO B 14 5.31 -30.10 59.69
C PRO B 14 3.93 -30.55 60.15
N GLY B 15 3.46 -31.67 59.62
CA GLY B 15 2.19 -32.24 59.99
C GLY B 15 0.99 -31.75 59.19
N SER B 16 1.14 -30.65 58.45
CA SER B 16 0.03 -30.21 57.63
C SER B 16 0.07 -30.97 56.31
N SER B 17 -0.80 -30.60 55.40
CA SER B 17 -0.86 -31.30 54.14
C SER B 17 -0.74 -30.27 53.03
N VAL B 18 -0.47 -30.73 51.81
CA VAL B 18 -0.44 -29.84 50.68
C VAL B 18 -1.07 -30.51 49.48
N LYS B 19 -1.84 -29.74 48.73
CA LYS B 19 -2.45 -30.20 47.51
C LYS B 19 -1.84 -29.39 46.38
N VAL B 20 -1.35 -30.07 45.35
CA VAL B 20 -0.82 -29.40 44.17
C VAL B 20 -1.69 -29.78 42.98
N SER B 21 -1.89 -28.84 42.06
CA SER B 21 -2.67 -29.14 40.88
C SER B 21 -1.83 -29.06 39.61
N CYS B 22 -2.21 -29.84 38.61
CA CYS B 22 -1.56 -29.83 37.32
C CYS B 22 -2.66 -29.73 36.27
N LYS B 23 -2.72 -28.61 35.57
CA LYS B 23 -3.77 -28.39 34.57
C LYS B 23 -3.28 -28.64 33.14
N ALA B 24 -3.92 -29.57 32.44
CA ALA B 24 -3.52 -29.87 31.07
C ALA B 24 -4.23 -29.00 30.04
N SER B 25 -3.48 -28.64 28.99
CA SER B 25 -4.04 -27.96 27.84
C SER B 25 -3.55 -28.70 26.61
N GLY B 26 -4.49 -29.14 25.77
CA GLY B 26 -4.15 -29.92 24.59
C GLY B 26 -4.07 -31.42 24.83
N GLY B 27 -3.79 -32.16 23.75
CA GLY B 27 -3.77 -33.61 23.80
C GLY B 27 -5.07 -34.17 24.34
N ASN B 28 -5.00 -35.33 24.97
CA ASN B 28 -6.16 -35.93 25.61
C ASN B 28 -5.82 -36.43 27.01
N PHE B 29 -5.67 -35.47 27.92
CA PHE B 29 -5.28 -35.69 29.32
C PHE B 29 -5.99 -36.84 30.01
N ASN B 30 -7.26 -37.02 29.71
CA ASN B 30 -8.02 -38.08 30.38
C ASN B 30 -7.70 -39.47 29.85
N THR B 31 -6.86 -39.55 28.82
CA THR B 31 -6.38 -40.82 28.30
C THR B 31 -4.95 -41.13 28.73
N TYR B 32 -4.21 -40.12 29.18
CA TYR B 32 -2.80 -40.27 29.50
C TYR B 32 -2.60 -40.90 30.88
N THR B 33 -1.39 -41.37 31.17
CA THR B 33 -1.03 -41.77 32.54
C THR B 33 -0.20 -40.65 33.20
N ILE B 34 -0.61 -40.24 34.39
CA ILE B 34 -0.05 -39.05 35.01
C ILE B 34 0.74 -39.39 36.25
N SER B 35 1.98 -38.96 36.30
CA SER B 35 2.82 -39.23 37.44
C SER B 35 3.12 -37.95 38.19
N TRP B 36 3.58 -38.09 39.42
CA TRP B 36 4.18 -37.01 40.18
C TRP B 36 5.58 -37.43 40.60
N VAL B 37 6.54 -36.56 40.29
CA VAL B 37 7.94 -36.82 40.55
C VAL B 37 8.46 -35.61 41.32
N ARG B 38 9.22 -35.87 42.37
CA ARG B 38 9.75 -34.79 43.17
C ARG B 38 11.28 -34.74 43.12
N GLN B 39 11.81 -33.53 43.29
CA GLN B 39 13.25 -33.32 43.31
C GLN B 39 13.65 -32.45 44.49
N ALA B 40 14.32 -33.08 45.46
CA ALA B 40 14.84 -32.36 46.62
C ALA B 40 15.98 -31.45 46.18
N PRO B 41 16.21 -30.35 46.92
CA PRO B 41 17.26 -29.38 46.60
C PRO B 41 18.65 -30.01 46.47
N GLY B 42 19.23 -29.91 45.28
CA GLY B 42 20.51 -30.52 44.98
C GLY B 42 20.48 -32.04 44.86
N GLN B 43 19.30 -32.64 44.98
CA GLN B 43 19.18 -34.10 44.83
C GLN B 43 18.59 -34.54 43.49
N GLY B 44 18.47 -35.86 43.32
CA GLY B 44 17.95 -36.43 42.09
C GLY B 44 16.42 -36.51 42.07
N LEU B 45 15.93 -37.49 41.31
CA LEU B 45 14.50 -37.57 41.03
C LEU B 45 13.83 -38.68 41.80
N GLU B 46 12.61 -38.43 42.28
CA GLU B 46 11.88 -39.39 43.10
C GLU B 46 10.40 -39.49 42.73
N TRP B 47 9.98 -40.69 42.36
CA TRP B 47 8.61 -40.95 41.91
C TRP B 47 7.64 -41.06 43.10
N MET B 48 6.55 -40.30 43.04
CA MET B 48 5.55 -40.25 44.12
C MET B 48 4.37 -41.21 43.89
N GLY B 49 4.13 -41.58 42.63
CA GLY B 49 2.94 -42.32 42.28
C GLY B 49 2.32 -41.84 40.98
N ARG B 50 1.40 -42.63 40.44
CA ARG B 50 0.76 -42.32 39.17
C ARG B 50 -0.76 -42.49 39.30
N ILE B 51 -1.49 -41.87 38.37
CA ILE B 51 -2.90 -42.15 38.24
C ILE B 51 -3.16 -42.51 36.79
N ILE B 52 -3.97 -43.54 36.57
CA ILE B 52 -4.49 -43.84 35.24
C ILE B 52 -5.98 -43.49 35.22
N PRO B 53 -6.33 -42.38 34.57
CA PRO B 53 -7.71 -41.88 34.64
C PRO B 53 -8.68 -42.71 33.80
N ILE B 54 -8.16 -43.49 32.85
CA ILE B 54 -8.99 -44.41 32.07
C ILE B 54 -9.79 -45.35 32.98
N PHE B 55 -9.15 -45.85 34.03
CA PHE B 55 -9.77 -46.79 34.93
C PHE B 55 -10.07 -46.20 36.29
N GLY B 56 -9.66 -44.95 36.51
CA GLY B 56 -9.80 -44.32 37.82
C GLY B 56 -8.88 -44.92 38.87
N ILE B 57 -7.72 -45.42 38.44
CA ILE B 57 -6.84 -46.19 39.29
C ILE B 57 -5.58 -45.40 39.65
N VAL B 58 -5.20 -45.46 40.92
CA VAL B 58 -3.99 -44.79 41.38
C VAL B 58 -3.00 -45.74 42.02
N ASN B 59 -1.75 -45.64 41.57
CA ASN B 59 -0.67 -46.44 42.11
C ASN B 59 0.31 -45.54 42.86
N PRO B 60 0.14 -45.41 44.19
CA PRO B 60 1.12 -44.61 44.96
C PRO B 60 2.44 -45.36 45.09
N ALA B 61 3.51 -44.67 45.44
CA ALA B 61 4.82 -45.29 45.59
C ALA B 61 4.95 -45.81 47.02
N GLN B 62 5.72 -46.88 47.19
CA GLN B 62 5.78 -47.59 48.47
C GLN B 62 6.18 -46.71 49.64
N LYS B 63 7.00 -45.71 49.38
CA LYS B 63 7.55 -44.87 50.44
C LYS B 63 6.52 -43.93 51.10
N PHE B 64 5.34 -43.78 50.49
CA PHE B 64 4.39 -42.78 50.97
C PHE B 64 2.98 -43.33 51.19
N PRO B 65 2.78 -44.03 52.33
CA PRO B 65 1.55 -44.77 52.60
C PRO B 65 0.51 -43.91 53.29
N GLY B 66 -0.62 -43.68 52.63
CA GLY B 66 -1.66 -42.85 53.20
C GLY B 66 -1.38 -41.37 52.97
N ARG B 67 -0.10 -41.03 52.87
CA ARG B 67 0.29 -39.63 52.72
C ARG B 67 -0.07 -39.09 51.35
N VAL B 68 0.17 -39.88 50.31
CA VAL B 68 -0.09 -39.43 48.94
C VAL B 68 -1.48 -39.80 48.47
N THR B 69 -2.18 -38.81 47.92
CA THR B 69 -3.47 -39.00 47.30
C THR B 69 -3.48 -38.31 45.95
N ILE B 70 -3.68 -39.07 44.89
CA ILE B 70 -3.66 -38.51 43.54
C ILE B 70 -5.06 -38.50 42.97
N ASN B 71 -5.31 -37.61 42.01
CA ASN B 71 -6.65 -37.22 41.70
C ASN B 71 -6.73 -36.53 40.35
N VAL B 72 -7.73 -36.88 39.55
CA VAL B 72 -8.03 -36.12 38.34
C VAL B 72 -9.47 -35.62 38.41
N ASP B 73 -9.67 -34.37 38.02
CA ASP B 73 -11.01 -33.85 37.79
C ASP B 73 -11.25 -33.81 36.28
N LYS B 74 -11.98 -34.80 35.78
CA LYS B 74 -12.09 -35.01 34.33
C LYS B 74 -12.78 -33.88 33.58
N SER B 75 -13.54 -33.06 34.30
CA SER B 75 -14.23 -31.93 33.69
C SER B 75 -13.30 -30.75 33.43
N THR B 76 -12.55 -30.33 34.45
CA THR B 76 -11.66 -29.19 34.29
C THR B 76 -10.28 -29.60 33.79
N ASN B 77 -10.07 -30.90 33.62
CA ASN B 77 -8.84 -31.42 33.03
C ASN B 77 -7.64 -31.07 33.91
N THR B 78 -7.74 -31.44 35.19
CA THR B 78 -6.77 -31.04 36.19
C THR B 78 -6.39 -32.20 37.11
N ALA B 79 -5.09 -32.46 37.22
CA ALA B 79 -4.61 -33.49 38.13
C ALA B 79 -4.24 -32.87 39.47
N TYR B 80 -4.37 -33.67 40.54
CA TYR B 80 -4.00 -33.21 41.86
C TYR B 80 -3.13 -34.23 42.57
N MET B 81 -2.25 -33.74 43.44
CA MET B 81 -1.55 -34.60 44.38
C MET B 81 -1.64 -33.94 45.75
N GLU B 82 -2.07 -34.74 46.72
CA GLU B 82 -2.04 -34.29 48.10
C GLU B 82 -1.11 -35.17 48.94
N LEU B 83 -0.11 -34.53 49.53
CA LEU B 83 0.82 -35.21 50.42
C LEU B 83 0.50 -34.71 51.82
N SER B 84 0.34 -35.62 52.77
CA SER B 84 -0.08 -35.25 54.11
C SER B 84 0.97 -35.66 55.11
N SER B 85 0.80 -35.25 56.37
CA SER B 85 1.82 -35.46 57.40
C SER B 85 3.18 -35.03 56.92
N LEU B 86 3.26 -33.78 56.44
CA LEU B 86 4.51 -33.28 55.90
C LEU B 86 5.61 -33.30 56.95
N ARG B 87 6.83 -33.57 56.49
CA ARG B 87 8.05 -33.42 57.29
C ARG B 87 8.99 -32.53 56.49
N SER B 88 10.05 -32.06 57.13
CA SER B 88 10.97 -31.16 56.45
C SER B 88 11.66 -31.82 55.24
N GLU B 89 11.84 -33.14 55.29
CA GLU B 89 12.43 -33.88 54.17
C GLU B 89 11.54 -33.89 52.94
N ASP B 90 10.29 -33.48 53.11
CA ASP B 90 9.35 -33.40 52.01
C ASP B 90 9.57 -32.14 51.20
N THR B 91 10.53 -31.31 51.61
CA THR B 91 10.87 -30.10 50.88
C THR B 91 11.49 -30.44 49.51
N ALA B 92 10.84 -29.98 48.45
CA ALA B 92 11.24 -30.36 47.11
C ALA B 92 10.47 -29.55 46.09
N VAL B 93 10.89 -29.66 44.83
CA VAL B 93 10.06 -29.21 43.72
C VAL B 93 9.30 -30.42 43.24
N TYR B 94 7.98 -30.26 43.12
CA TYR B 94 7.10 -31.35 42.68
C TYR B 94 6.71 -31.16 41.23
N TYR B 95 6.94 -32.19 40.41
CA TYR B 95 6.55 -32.15 39.00
C TYR B 95 5.38 -33.05 38.63
N CYS B 96 4.46 -32.47 37.89
CA CYS B 96 3.47 -33.21 37.16
C CYS B 96 4.09 -33.72 35.84
N ALA B 97 3.96 -35.00 35.54
CA ALA B 97 4.47 -35.49 34.28
C ALA B 97 3.56 -36.54 33.67
N THR B 98 3.44 -36.50 32.34
CA THR B 98 2.66 -37.50 31.63
C THR B 98 3.54 -38.57 31.03
N SER B 99 3.12 -39.81 31.24
CA SER B 99 3.63 -40.89 30.41
C SER B 99 2.57 -41.10 29.34
N GLY B 100 2.80 -41.96 28.38
CA GLY B 100 1.78 -42.17 27.37
C GLY B 100 0.57 -42.90 27.95
N VAL B 101 -0.46 -43.04 27.14
CA VAL B 101 -1.61 -43.90 27.48
C VAL B 101 -1.17 -45.38 27.66
N GLY B 102 -1.50 -45.97 28.81
CA GLY B 102 -1.15 -47.36 29.08
C GLY B 102 -0.87 -47.72 30.53
N LEU B 103 -0.75 -49.01 30.81
CA LEU B 103 -0.49 -49.47 32.16
C LEU B 103 0.99 -49.75 32.42
N HIS B 104 1.81 -49.60 31.37
CA HIS B 104 3.24 -49.85 31.50
C HIS B 104 3.92 -48.65 32.17
N PHE B 105 5.20 -48.79 32.49
CA PHE B 105 5.93 -47.66 33.05
C PHE B 105 6.76 -46.98 31.98
N GLY B 106 6.11 -46.08 31.24
CA GLY B 106 6.72 -45.46 30.09
C GLY B 106 7.56 -44.27 30.52
N TYR B 107 8.35 -43.76 29.60
CA TYR B 107 9.09 -42.53 29.84
C TYR B 107 8.12 -41.37 30.02
N PHE B 108 8.64 -40.26 30.54
CA PHE B 108 7.85 -39.07 30.76
C PHE B 108 8.10 -38.09 29.64
N ASP B 109 7.20 -38.04 28.66
CA ASP B 109 7.43 -37.14 27.53
C ASP B 109 7.04 -35.68 27.76
N TYR B 110 6.18 -35.42 28.74
CA TYR B 110 5.74 -34.05 29.04
C TYR B 110 5.73 -33.74 30.55
N TRP B 111 6.14 -32.53 30.93
CA TRP B 111 6.35 -32.18 32.32
C TRP B 111 5.82 -30.80 32.65
N GLY B 112 5.07 -30.66 33.73
CA GLY B 112 4.73 -29.33 34.21
C GLY B 112 5.98 -28.58 34.61
N GLN B 113 5.83 -27.30 34.96
CA GLN B 113 6.97 -26.41 35.28
C GLN B 113 7.48 -26.58 36.70
N GLY B 114 6.75 -27.33 37.52
CA GLY B 114 7.19 -27.63 38.86
C GLY B 114 6.54 -26.75 39.90
N THR B 115 6.35 -27.30 41.09
CA THR B 115 5.84 -26.53 42.22
C THR B 115 6.78 -26.63 43.41
N GLN B 116 7.28 -25.49 43.88
CA GLN B 116 8.14 -25.52 45.03
C GLN B 116 7.30 -25.73 46.28
N VAL B 117 7.70 -26.69 47.10
CA VAL B 117 7.03 -26.94 48.36
C VAL B 117 8.08 -26.93 49.47
N THR B 118 7.91 -26.02 50.42
CA THR B 118 8.86 -25.90 51.53
C THR B 118 8.20 -26.29 52.86
N VAL B 119 8.74 -27.32 53.50
CA VAL B 119 8.23 -27.73 54.80
C VAL B 119 9.22 -27.36 55.88
N SER B 120 8.77 -26.53 56.80
CA SER B 120 9.64 -26.02 57.85
C SER B 120 8.82 -25.61 59.06
N SER B 121 9.42 -25.76 60.23
CA SER B 121 8.76 -25.43 61.48
C SER B 121 8.91 -23.94 61.75
N ALA B 122 9.71 -23.28 60.91
CA ALA B 122 9.90 -21.85 61.00
C ALA B 122 8.59 -21.13 60.71
N SER B 123 8.46 -19.91 61.21
CA SER B 123 7.29 -19.11 60.96
C SER B 123 7.75 -17.94 60.14
N THR B 124 6.83 -17.35 59.38
CA THR B 124 7.13 -16.18 58.56
C THR B 124 7.83 -15.07 59.33
N LYS B 125 8.94 -14.59 58.79
CA LYS B 125 9.69 -13.50 59.40
C LYS B 125 10.34 -12.62 58.35
N GLY B 126 10.09 -11.33 58.41
CA GLY B 126 10.79 -10.39 57.58
C GLY B 126 12.25 -10.25 58.03
N PRO B 127 13.10 -9.76 57.13
CA PRO B 127 14.53 -9.68 57.45
C PRO B 127 14.93 -8.41 58.21
N SER B 128 16.03 -8.51 58.94
CA SER B 128 16.72 -7.32 59.40
C SER B 128 17.66 -6.93 58.28
N VAL B 129 17.86 -5.64 58.06
CA VAL B 129 18.69 -5.21 56.95
C VAL B 129 19.82 -4.33 57.45
N PHE B 130 21.05 -4.74 57.17
CA PHE B 130 22.20 -4.00 57.63
C PHE B 130 23.07 -3.56 56.47
N PRO B 131 23.60 -2.35 56.58
CA PRO B 131 24.44 -1.81 55.51
C PRO B 131 25.78 -2.54 55.47
N LEU B 132 26.25 -2.86 54.27
CA LEU B 132 27.64 -3.22 54.07
C LEU B 132 28.30 -1.97 53.48
N ALA B 133 28.83 -1.14 54.37
CA ALA B 133 29.34 0.18 54.00
C ALA B 133 30.65 0.13 53.24
N PRO B 134 30.72 0.90 52.14
CA PRO B 134 31.95 1.06 51.35
C PRO B 134 33.00 1.85 52.15
N SER B 135 34.26 1.57 51.83
CA SER B 135 35.41 2.17 52.46
C SER B 135 36.61 1.72 51.62
N SER B 136 37.83 2.09 52.01
CA SER B 136 38.99 1.70 51.21
C SER B 136 39.09 0.19 51.11
N LYS B 137 38.60 -0.48 52.14
CA LYS B 137 38.55 -1.95 52.23
C LYS B 137 37.73 -2.58 51.09
N SER B 138 36.80 -1.81 50.53
CA SER B 138 35.97 -2.33 49.42
C SER B 138 36.21 -1.56 48.11
N THR B 139 37.26 -0.75 48.10
CA THR B 139 37.63 0.02 46.92
C THR B 139 38.85 -0.58 46.22
N SER B 140 38.77 -0.68 44.89
CA SER B 140 39.91 -1.07 44.08
C SER B 140 39.91 -0.26 42.77
N GLY B 141 40.72 0.79 42.70
CA GLY B 141 40.76 1.61 41.50
C GLY B 141 39.49 2.39 41.22
N GLY B 142 38.93 2.21 40.03
CA GLY B 142 37.78 2.97 39.59
C GLY B 142 36.46 2.52 40.21
N THR B 143 36.46 1.35 40.86
CA THR B 143 35.24 0.78 41.43
C THR B 143 35.28 0.55 42.94
N ALA B 144 34.12 0.73 43.56
CA ALA B 144 33.94 0.42 44.97
C ALA B 144 32.66 -0.41 45.07
N ALA B 145 32.71 -1.43 45.92
CA ALA B 145 31.55 -2.24 46.25
C ALA B 145 30.92 -1.77 47.55
N LEU B 146 29.60 -1.72 47.57
CA LEU B 146 28.85 -1.53 48.80
C LEU B 146 27.66 -2.48 48.75
N GLY B 147 27.00 -2.71 49.87
CA GLY B 147 25.93 -3.68 49.85
C GLY B 147 24.93 -3.59 50.97
N CYS B 148 23.99 -4.53 50.96
CA CYS B 148 23.03 -4.71 52.02
C CYS B 148 23.00 -6.15 52.46
N LEU B 149 22.96 -6.36 53.77
CA LEU B 149 22.90 -7.68 54.35
C LEU B 149 21.47 -7.93 54.81
N VAL B 150 20.87 -8.99 54.26
CA VAL B 150 19.45 -9.28 54.45
C VAL B 150 19.33 -10.51 55.35
N LYS B 151 19.05 -10.28 56.62
CA LYS B 151 19.32 -11.27 57.64
C LYS B 151 18.07 -11.91 58.23
N ASP B 152 18.15 -13.21 58.46
CA ASP B 152 17.13 -13.98 59.20
C ASP B 152 15.69 -13.79 58.75
N TYR B 153 15.38 -14.17 57.52
CA TYR B 153 13.99 -14.12 57.04
C TYR B 153 13.48 -15.50 56.70
N PHE B 154 12.17 -15.62 56.64
CA PHE B 154 11.52 -16.86 56.23
C PHE B 154 10.14 -16.52 55.72
N PRO B 155 9.69 -17.19 54.65
CA PRO B 155 10.43 -18.10 53.77
C PRO B 155 11.08 -17.33 52.61
N GLU B 156 11.74 -18.06 51.71
CA GLU B 156 12.14 -17.50 50.43
C GLU B 156 10.86 -17.11 49.69
N PRO B 157 10.92 -16.12 48.78
CA PRO B 157 12.11 -15.40 48.31
C PRO B 157 12.12 -13.95 48.80
N VAL B 158 13.23 -13.28 48.51
CA VAL B 158 13.39 -11.88 48.82
C VAL B 158 13.91 -11.25 47.54
N THR B 159 13.46 -10.04 47.24
CA THR B 159 14.06 -9.33 46.13
C THR B 159 14.71 -8.04 46.61
N VAL B 160 15.86 -7.72 46.03
CA VAL B 160 16.55 -6.48 46.34
C VAL B 160 16.74 -5.70 45.06
N SER B 161 16.37 -4.44 45.07
CA SER B 161 16.70 -3.56 43.98
C SER B 161 17.45 -2.42 44.63
N TRP B 162 18.10 -1.59 43.82
CA TRP B 162 18.83 -0.44 44.32
C TRP B 162 18.30 0.85 43.72
N ASN B 163 18.17 1.87 44.58
CA ASN B 163 17.51 3.13 44.22
C ASN B 163 16.21 2.90 43.46
N SER B 164 15.40 1.98 43.99
CA SER B 164 14.05 1.69 43.51
C SER B 164 13.94 1.10 42.11
N GLY B 165 15.05 0.52 41.63
CA GLY B 165 15.05 -0.09 40.31
C GLY B 165 15.84 0.75 39.33
N ALA B 166 16.18 1.96 39.76
CA ALA B 166 16.90 2.88 38.89
C ALA B 166 18.30 2.38 38.56
N LEU B 167 18.86 1.57 39.46
CA LEU B 167 20.24 1.13 39.35
C LEU B 167 20.30 -0.38 39.23
N THR B 168 20.70 -0.88 38.06
CA THR B 168 20.75 -2.32 37.86
C THR B 168 22.16 -2.76 37.50
N SER B 169 22.90 -1.87 36.84
CA SER B 169 24.26 -2.21 36.45
C SER B 169 25.19 -2.31 37.66
N GLY B 170 26.00 -3.36 37.70
CA GLY B 170 26.91 -3.58 38.82
C GLY B 170 26.33 -4.33 40.01
N VAL B 171 25.09 -4.81 39.87
CA VAL B 171 24.37 -5.40 40.98
C VAL B 171 24.35 -6.92 40.93
N HIS B 172 24.85 -7.55 41.99
CA HIS B 172 24.57 -8.97 42.17
C HIS B 172 23.86 -9.19 43.49
N THR B 173 22.72 -9.86 43.42
CA THR B 173 22.05 -10.36 44.60
C THR B 173 22.36 -11.86 44.70
N PHE B 174 23.07 -12.22 45.75
CA PHE B 174 23.49 -13.59 45.98
C PHE B 174 22.34 -14.52 46.37
N PRO B 175 22.51 -15.82 46.16
CA PRO B 175 21.52 -16.74 46.70
C PRO B 175 21.64 -16.83 48.22
N ALA B 176 20.60 -17.34 48.86
CA ALA B 176 20.54 -17.37 50.31
C ALA B 176 21.26 -18.54 50.92
N VAL B 177 21.83 -18.34 52.10
CA VAL B 177 22.24 -19.41 52.98
C VAL B 177 21.03 -19.81 53.81
N LEU B 178 20.85 -21.09 54.08
CA LEU B 178 19.87 -21.53 55.07
C LEU B 178 20.58 -21.90 56.37
N GLN B 179 20.23 -21.22 57.44
CA GLN B 179 20.90 -21.43 58.72
C GLN B 179 20.26 -22.53 59.56
N SER B 180 20.98 -22.98 60.57
CA SER B 180 20.50 -24.03 61.47
C SER B 180 19.21 -23.59 62.15
N SER B 181 19.01 -22.28 62.26
CA SER B 181 17.87 -21.73 62.96
C SER B 181 16.63 -21.82 62.10
N GLY B 182 16.79 -22.38 60.90
CA GLY B 182 15.74 -22.41 59.89
C GLY B 182 15.52 -21.10 59.14
N LEU B 183 16.36 -20.09 59.35
CA LEU B 183 16.13 -18.79 58.71
C LEU B 183 17.12 -18.51 57.59
N TYR B 184 16.71 -17.70 56.60
CA TYR B 184 17.55 -17.38 55.46
C TYR B 184 18.28 -16.05 55.56
N SER B 185 19.44 -15.97 54.94
CA SER B 185 20.10 -14.70 54.74
C SER B 185 20.72 -14.62 53.34
N LEU B 186 20.83 -13.40 52.82
CA LEU B 186 21.58 -13.22 51.59
C LEU B 186 22.22 -11.86 51.64
N SER B 187 23.06 -11.57 50.65
CA SER B 187 23.57 -10.22 50.49
C SER B 187 23.30 -9.72 49.10
N SER B 188 23.23 -8.41 48.96
CA SER B 188 23.18 -7.74 47.69
C SER B 188 24.32 -6.72 47.61
N VAL B 189 25.18 -6.85 46.60
CA VAL B 189 26.21 -5.85 46.37
C VAL B 189 25.99 -5.10 45.09
N VAL B 190 26.44 -3.86 45.10
CA VAL B 190 26.48 -3.07 43.89
C VAL B 190 27.88 -2.44 43.74
N THR B 191 28.48 -2.67 42.59
CA THR B 191 29.76 -2.08 42.30
C THR B 191 29.51 -0.77 41.56
N VAL B 192 30.01 0.31 42.14
CA VAL B 192 29.74 1.66 41.69
C VAL B 192 31.08 2.34 41.41
N PRO B 193 31.04 3.51 40.77
CA PRO B 193 32.30 4.23 40.59
C PRO B 193 32.86 4.75 41.91
N SER B 194 34.16 4.61 42.10
CA SER B 194 34.81 5.11 43.32
C SER B 194 34.59 6.59 43.55
N SER B 195 34.60 7.38 42.49
CA SER B 195 34.40 8.82 42.63
C SER B 195 32.98 9.21 43.09
N SER B 196 32.00 8.34 42.86
CA SER B 196 30.61 8.63 43.22
C SER B 196 30.33 8.40 44.70
N LEU B 197 31.28 7.78 45.37
CA LEU B 197 31.15 7.50 46.79
C LEU B 197 31.07 8.83 47.51
N GLY B 198 30.06 9.01 48.34
CA GLY B 198 29.92 10.25 49.08
C GLY B 198 29.17 11.39 48.40
N THR B 199 28.89 11.27 47.11
CA THR B 199 28.06 12.29 46.46
C THR B 199 26.88 11.69 45.71
N GLN B 200 26.91 10.38 45.52
CA GLN B 200 25.75 9.68 44.98
C GLN B 200 25.09 8.87 46.09
N THR B 201 23.79 9.03 46.21
CA THR B 201 22.99 8.30 47.17
C THR B 201 22.65 6.88 46.71
N TYR B 202 22.86 5.91 47.60
CA TYR B 202 22.57 4.52 47.30
C TYR B 202 21.65 3.95 48.37
N ILE B 203 20.52 3.40 47.94
CA ILE B 203 19.55 2.83 48.85
C ILE B 203 19.14 1.47 48.37
N CYS B 204 19.26 0.48 49.23
CA CYS B 204 18.81 -0.84 48.87
C CYS B 204 17.35 -1.00 49.31
N ASN B 205 16.56 -1.64 48.45
CA ASN B 205 15.14 -1.79 48.67
C ASN B 205 14.82 -3.25 48.72
N VAL B 206 14.64 -3.76 49.93
CA VAL B 206 14.36 -5.17 50.12
C VAL B 206 12.86 -5.38 50.23
N ASN B 207 12.34 -6.33 49.46
CA ASN B 207 10.92 -6.62 49.49
C ASN B 207 10.69 -8.08 49.83
N HIS B 208 9.99 -8.31 50.93
CA HIS B 208 9.66 -9.67 51.34
C HIS B 208 8.15 -9.81 51.35
N LYS B 209 7.58 -10.20 50.21
CA LYS B 209 6.13 -10.40 50.07
C LYS B 209 5.51 -11.38 51.07
N PRO B 210 6.13 -12.56 51.30
CA PRO B 210 5.55 -13.50 52.27
C PRO B 210 5.33 -12.95 53.69
N SER B 211 5.98 -11.85 54.04
CA SER B 211 5.79 -11.26 55.37
C SER B 211 5.20 -9.87 55.28
N ASN B 212 4.89 -9.46 54.04
CA ASN B 212 4.40 -8.12 53.71
C ASN B 212 5.27 -7.00 54.22
N THR B 213 6.59 -7.18 54.17
CA THR B 213 7.48 -6.09 54.59
C THR B 213 8.43 -5.62 53.50
N LYS B 214 8.54 -4.30 53.40
CA LYS B 214 9.54 -3.67 52.55
C LYS B 214 10.48 -2.88 53.44
N VAL B 215 11.77 -2.90 53.13
CA VAL B 215 12.73 -2.10 53.88
C VAL B 215 13.57 -1.27 52.93
N ASP B 216 13.70 0.02 53.23
CA ASP B 216 14.64 0.86 52.50
C ASP B 216 15.80 1.24 53.42
N LYS B 217 17.01 0.83 53.06
CA LYS B 217 18.18 1.18 53.84
C LYS B 217 19.22 1.94 52.99
N LYS B 218 19.50 3.17 53.38
CA LYS B 218 20.53 3.93 52.70
C LYS B 218 21.91 3.40 53.13
N VAL B 219 22.80 3.22 52.16
CA VAL B 219 24.13 2.69 52.45
C VAL B 219 25.22 3.74 52.22
N GLU B 220 25.83 4.19 53.31
CA GLU B 220 26.80 5.29 53.29
C GLU B 220 28.20 4.84 53.65
N PRO B 221 29.22 5.58 53.17
CA PRO B 221 30.63 5.40 53.52
C PRO B 221 30.92 5.55 55.01
N LYS B 222 32.07 5.03 55.43
CA LYS B 222 32.73 5.28 56.72
C LYS B 222 32.05 6.24 57.70
N GLN C 1 11.88 -3.90 -0.64
CA GLN C 1 12.22 -4.81 0.45
C GLN C 1 13.55 -5.61 0.27
N SER C 2 13.57 -6.67 -0.54
CA SER C 2 14.80 -7.50 -0.69
C SER C 2 15.99 -6.79 -1.39
N VAL C 3 16.66 -5.90 -0.66
CA VAL C 3 17.60 -4.94 -1.24
C VAL C 3 19.04 -5.23 -0.85
N LEU C 4 19.24 -5.79 0.35
CA LEU C 4 20.57 -6.20 0.77
C LEU C 4 21.00 -7.51 0.09
N THR C 5 22.26 -7.55 -0.35
CA THR C 5 22.79 -8.71 -1.06
C THR C 5 23.45 -9.70 -0.11
N GLN C 6 23.03 -10.96 -0.21
CA GLN C 6 23.64 -12.04 0.55
C GLN C 6 24.01 -13.12 -0.43
N PRO C 7 25.05 -13.89 -0.12
CA PRO C 7 25.34 -15.02 -1.02
C PRO C 7 24.22 -16.07 -0.93
N PRO C 8 23.81 -16.65 -2.05
CA PRO C 8 22.68 -17.58 -2.10
C PRO C 8 22.94 -18.83 -1.27
N SER C 9 24.18 -19.25 -1.21
CA SER C 9 24.48 -20.55 -0.63
C SER C 9 25.78 -20.55 0.14
N VAL C 10 25.79 -21.25 1.27
CA VAL C 10 26.98 -21.37 2.11
C VAL C 10 26.98 -22.80 2.67
N SER C 11 28.14 -23.45 2.61
CA SER C 11 28.24 -24.85 3.03
C SER C 11 29.32 -25.00 4.09
N GLY C 12 29.08 -25.92 5.01
CA GLY C 12 30.10 -26.32 5.97
C GLY C 12 29.81 -27.69 6.59
N ALA C 13 30.85 -28.32 7.14
CA ALA C 13 30.68 -29.56 7.89
C ALA C 13 30.52 -29.22 9.37
N PRO C 14 29.83 -30.12 10.12
CA PRO C 14 29.69 -29.97 11.57
C PRO C 14 30.99 -29.59 12.26
N GLY C 15 30.91 -28.59 13.13
CA GLY C 15 32.05 -28.14 13.92
C GLY C 15 32.80 -27.00 13.25
N GLN C 16 32.62 -26.87 11.94
CA GLN C 16 33.30 -25.81 11.20
C GLN C 16 32.66 -24.43 11.41
N ARG C 17 33.43 -23.41 11.06
CA ARG C 17 32.99 -22.03 11.16
C ARG C 17 32.59 -21.54 9.78
N VAL C 18 31.41 -20.92 9.68
CA VAL C 18 31.04 -20.26 8.44
C VAL C 18 30.56 -18.84 8.71
N THR C 19 30.58 -18.01 7.66
CA THR C 19 30.11 -16.63 7.76
C THR C 19 29.24 -16.28 6.56
N ILE C 20 28.24 -15.44 6.81
CA ILE C 20 27.37 -14.97 5.76
C ILE C 20 27.57 -13.48 5.63
N SER C 21 27.69 -13.00 4.39
CA SER C 21 27.86 -11.57 4.16
C SER C 21 26.53 -10.90 3.81
N CYS C 22 26.43 -9.63 4.17
CA CYS C 22 25.23 -8.84 3.91
C CYS C 22 25.67 -7.45 3.46
N THR C 23 25.44 -7.17 2.17
CA THR C 23 25.94 -5.96 1.55
C THR C 23 24.85 -4.95 1.23
N GLY C 24 25.01 -3.74 1.77
CA GLY C 24 24.05 -2.68 1.58
C GLY C 24 24.61 -1.41 0.98
N SER C 25 24.11 -0.26 1.43
CA SER C 25 24.43 1.02 0.82
C SER C 25 24.49 2.19 1.80
N SER C 26 24.89 3.34 1.26
CA SER C 26 24.95 4.59 2.01
C SER C 26 23.58 4.95 2.59
N SER C 27 22.51 4.53 1.92
CA SER C 27 21.17 4.84 2.39
C SER C 27 20.60 3.89 3.45
N ASN C 28 21.36 2.89 3.87
CA ASN C 28 20.88 1.99 4.93
C ASN C 28 21.91 1.64 5.99
N ILE C 29 22.68 0.59 5.72
CA ILE C 29 23.80 0.21 6.59
C ILE C 29 24.82 1.35 6.66
N GLY C 30 25.15 1.90 5.50
CA GLY C 30 26.04 3.05 5.43
C GLY C 30 25.57 4.25 6.23
N ALA C 31 24.26 4.38 6.39
CA ALA C 31 23.68 5.49 7.16
C ALA C 31 23.61 5.16 8.65
N HIS C 32 24.38 4.15 9.05
CA HIS C 32 24.50 3.75 10.45
C HIS C 32 23.19 3.28 11.08
N TYR C 33 22.41 2.52 10.30
CA TYR C 33 21.23 1.85 10.83
C TYR C 33 21.61 0.44 11.23
N ASP C 34 20.97 -0.08 12.26
CA ASP C 34 21.32 -1.42 12.76
C ASP C 34 21.02 -2.53 11.77
N VAL C 35 21.68 -3.67 11.95
CA VAL C 35 21.34 -4.83 11.17
C VAL C 35 20.88 -5.94 12.08
N HIS C 36 19.84 -6.64 11.67
CA HIS C 36 19.31 -7.70 12.47
C HIS C 36 19.32 -8.90 11.58
N TRP C 37 19.41 -10.08 12.17
CA TRP C 37 19.35 -11.31 11.39
C TRP C 37 18.18 -12.19 11.84
N TYR C 38 17.61 -12.93 10.88
CA TYR C 38 16.54 -13.87 11.20
C TYR C 38 16.83 -15.28 10.69
N GLN C 39 16.52 -16.27 11.50
CA GLN C 39 16.73 -17.65 11.09
C GLN C 39 15.40 -18.25 10.65
N GLN C 40 15.41 -18.95 9.53
CA GLN C 40 14.22 -19.67 9.10
C GLN C 40 14.55 -21.12 8.81
N LEU C 41 14.19 -21.97 9.76
CA LEU C 41 14.31 -23.40 9.54
C LEU C 41 13.28 -23.76 8.48
N PRO C 42 13.55 -24.85 7.73
CA PRO C 42 12.63 -25.27 6.66
C PRO C 42 11.22 -25.55 7.18
N GLY C 43 10.23 -24.89 6.60
CA GLY C 43 8.84 -25.15 6.94
C GLY C 43 8.31 -24.37 8.13
N THR C 44 9.07 -23.40 8.59
CA THR C 44 8.65 -22.64 9.76
C THR C 44 8.80 -21.13 9.63
N ALA C 45 8.29 -20.42 10.63
CA ALA C 45 8.35 -18.97 10.66
C ALA C 45 9.75 -18.47 11.00
N PRO C 46 10.14 -17.32 10.42
CA PRO C 46 11.39 -16.67 10.82
C PRO C 46 11.43 -16.49 12.34
N LYS C 47 12.62 -16.42 12.93
CA LYS C 47 12.75 -15.98 14.30
C LYS C 47 13.98 -15.12 14.40
N LEU C 48 13.92 -14.11 15.26
CA LEU C 48 15.02 -13.19 15.42
C LEU C 48 16.25 -13.95 15.88
N LEU C 49 17.38 -13.76 15.21
CA LEU C 49 18.61 -14.44 15.60
C LEU C 49 19.61 -13.46 16.20
N ILE C 50 19.76 -12.31 15.55
CA ILE C 50 20.67 -11.27 15.99
C ILE C 50 19.94 -9.94 15.88
N TYR C 51 19.95 -9.16 16.96
CA TYR C 51 19.42 -7.80 16.87
C TYR C 51 20.48 -6.77 17.26
N GLY C 52 20.31 -5.54 16.79
CA GLY C 52 21.22 -4.45 17.08
C GLY C 52 22.63 -4.83 16.71
N ASN C 53 22.80 -5.24 15.46
CA ASN C 53 24.10 -5.63 14.90
C ASN C 53 24.72 -6.89 15.47
N SER C 54 24.64 -7.08 16.78
CA SER C 54 25.42 -8.18 17.38
C SER C 54 24.89 -8.83 18.66
N ASN C 55 23.67 -8.54 19.06
CA ASN C 55 23.13 -9.08 20.31
C ASN C 55 22.28 -10.32 20.11
N ARG C 56 22.44 -11.29 20.99
CA ARG C 56 21.60 -12.49 20.96
C ARG C 56 20.41 -12.40 21.91
N PRO C 57 19.21 -12.68 21.40
CA PRO C 57 18.08 -12.84 22.33
C PRO C 57 18.19 -14.15 23.12
N SER C 58 17.33 -14.31 24.13
CA SER C 58 17.26 -15.57 24.90
C SER C 58 16.97 -16.76 23.99
N GLY C 59 17.73 -17.84 24.23
CA GLY C 59 17.52 -19.08 23.51
C GLY C 59 18.26 -19.17 22.19
N VAL C 60 19.11 -18.18 21.92
CA VAL C 60 19.96 -18.28 20.74
C VAL C 60 21.35 -18.75 21.19
N PRO C 61 21.80 -19.90 20.65
CA PRO C 61 23.12 -20.45 20.99
C PRO C 61 24.18 -19.39 20.81
N ASP C 62 25.25 -19.42 21.58
CA ASP C 62 26.24 -18.37 21.42
C ASP C 62 27.26 -18.62 20.30
N ARG C 63 27.16 -19.77 19.63
CA ARG C 63 27.96 -20.01 18.44
C ARG C 63 27.55 -19.06 17.30
N PHE C 64 26.43 -18.36 17.48
CA PHE C 64 26.02 -17.32 16.55
C PHE C 64 26.59 -15.98 16.96
N SER C 65 27.13 -15.23 16.00
CA SER C 65 27.58 -13.87 16.26
C SER C 65 27.47 -13.02 15.02
N GLY C 66 27.30 -11.71 15.23
CA GLY C 66 27.20 -10.78 14.13
C GLY C 66 28.06 -9.54 14.30
N SER C 67 28.27 -8.84 13.20
CA SER C 67 29.01 -7.58 13.24
C SER C 67 28.72 -6.78 11.98
N LYS C 68 28.78 -5.46 12.10
CA LYS C 68 28.69 -4.60 10.92
C LYS C 68 29.72 -3.50 10.99
N SER C 69 30.19 -3.09 9.81
CA SER C 69 31.06 -1.92 9.69
C SER C 69 31.05 -1.44 8.24
N GLY C 70 31.00 -0.13 8.05
CA GLY C 70 30.96 0.43 6.72
C GLY C 70 29.57 0.27 6.12
N THR C 71 29.50 -0.38 4.96
CA THR C 71 28.20 -0.65 4.34
C THR C 71 27.90 -2.15 4.27
N SER C 72 28.61 -2.93 5.09
CA SER C 72 28.37 -4.36 5.13
C SER C 72 28.18 -4.90 6.54
N ALA C 73 27.51 -6.03 6.63
CA ALA C 73 27.39 -6.73 7.91
C ALA C 73 27.70 -8.20 7.68
N SER C 74 27.94 -8.91 8.77
CA SER C 74 28.34 -10.32 8.70
C SER C 74 27.79 -11.11 9.87
N LEU C 75 27.28 -12.29 9.56
CA LEU C 75 26.85 -13.25 10.57
C LEU C 75 27.80 -14.44 10.55
N ALA C 76 28.32 -14.79 11.72
CA ALA C 76 29.22 -15.95 11.84
C ALA C 76 28.59 -17.08 12.64
N ILE C 77 28.70 -18.31 12.12
CA ILE C 77 28.34 -19.49 12.89
C ILE C 77 29.58 -20.30 13.26
N THR C 78 30.00 -20.19 14.51
CA THR C 78 31.25 -20.81 14.92
C THR C 78 31.03 -22.15 15.60
N GLY C 79 31.13 -23.23 14.82
CA GLY C 79 30.93 -24.58 15.33
C GLY C 79 29.62 -25.13 14.80
N LEU C 80 29.59 -25.34 13.49
CA LEU C 80 28.34 -25.55 12.77
C LEU C 80 27.63 -26.82 13.26
N GLN C 81 26.31 -26.74 13.39
CA GLN C 81 25.53 -27.81 13.97
C GLN C 81 24.42 -28.17 12.99
N ALA C 82 24.02 -29.43 12.96
CA ALA C 82 22.96 -29.86 12.04
C ALA C 82 21.68 -29.02 12.11
N GLU C 83 21.31 -28.50 13.30
CA GLU C 83 20.12 -27.65 13.45
C GLU C 83 20.28 -26.32 12.73
N ASP C 84 21.50 -25.96 12.37
CA ASP C 84 21.75 -24.64 11.82
C ASP C 84 21.43 -24.59 10.33
N GLU C 85 21.10 -25.74 9.76
CA GLU C 85 20.71 -25.80 8.36
C GLU C 85 19.35 -25.10 8.16
N ALA C 86 19.38 -23.92 7.57
CA ALA C 86 18.20 -23.07 7.49
C ALA C 86 18.45 -21.93 6.52
N ASP C 87 17.49 -21.03 6.41
CA ASP C 87 17.69 -19.81 5.65
C ASP C 87 17.91 -18.63 6.61
N TYR C 88 18.76 -17.70 6.21
CA TYR C 88 19.10 -16.55 7.05
C TYR C 88 18.89 -15.26 6.29
N TYR C 89 18.31 -14.27 6.94
CA TYR C 89 18.04 -12.99 6.30
C TYR C 89 18.59 -11.88 7.15
N CYS C 90 19.33 -10.96 6.55
CA CYS C 90 19.66 -9.79 7.32
C CYS C 90 18.52 -8.82 7.11
N GLN C 91 18.56 -7.71 7.82
CA GLN C 91 17.52 -6.72 7.67
C GLN C 91 17.98 -5.43 8.32
N SER C 92 17.55 -4.31 7.75
CA SER C 92 17.86 -3.00 8.29
C SER C 92 16.82 -1.99 7.85
N TYR C 93 17.20 -0.72 7.90
CA TYR C 93 16.33 0.38 7.53
C TYR C 93 17.00 1.20 6.45
N ASP C 94 16.23 1.68 5.47
CA ASP C 94 16.78 2.48 4.38
C ASP C 94 16.11 3.86 4.32
N SER C 95 16.89 4.91 4.59
CA SER C 95 16.35 6.26 4.64
C SER C 95 15.93 6.77 3.25
N SER C 96 16.47 6.17 2.20
CA SER C 96 16.10 6.54 0.85
C SER C 96 14.72 6.02 0.41
N LEU C 97 14.25 4.96 1.05
CA LEU C 97 12.88 4.54 0.75
C LEU C 97 11.97 4.59 1.98
N SER C 98 12.55 5.02 3.10
CA SER C 98 11.84 5.14 4.38
C SER C 98 11.12 3.85 4.79
N GLY C 99 11.84 2.73 4.78
CA GLY C 99 11.23 1.45 5.10
C GLY C 99 12.22 0.37 5.46
N TYR C 100 11.69 -0.80 5.80
CA TYR C 100 12.54 -1.94 6.07
C TYR C 100 13.18 -2.37 4.77
N VAL C 101 14.42 -2.85 4.85
CA VAL C 101 14.98 -3.59 3.72
C VAL C 101 15.45 -4.95 4.20
N PHE C 102 15.44 -5.92 3.29
CA PHE C 102 15.77 -7.30 3.62
C PHE C 102 16.87 -7.84 2.73
N GLY C 103 17.70 -8.71 3.30
CA GLY C 103 18.64 -9.48 2.51
C GLY C 103 17.92 -10.46 1.63
N THR C 104 18.61 -10.93 0.59
CA THR C 104 18.03 -11.81 -0.42
C THR C 104 17.95 -13.26 0.05
N GLY C 105 18.59 -13.57 1.18
CA GLY C 105 18.52 -14.91 1.74
C GLY C 105 19.69 -15.82 1.45
N THR C 106 20.21 -16.45 2.50
CA THR C 106 21.26 -17.44 2.33
C THR C 106 20.82 -18.77 2.94
N LYS C 107 20.96 -19.83 2.17
CA LYS C 107 20.76 -21.16 2.72
C LYS C 107 22.10 -21.65 3.23
N VAL C 108 22.19 -22.05 4.49
CA VAL C 108 23.37 -22.81 4.85
C VAL C 108 23.11 -24.32 4.85
N THR C 109 24.03 -25.04 4.22
CA THR C 109 23.99 -26.48 4.21
C THR C 109 25.01 -27.04 5.20
N VAL C 110 24.54 -27.92 6.08
CA VAL C 110 25.43 -28.57 6.99
C VAL C 110 25.68 -29.96 6.43
N LEU C 111 26.88 -30.16 5.91
CA LEU C 111 27.28 -31.42 5.26
C LEU C 111 27.56 -32.49 6.31
N GLY C 112 26.52 -33.21 6.70
CA GLY C 112 26.61 -34.09 7.86
C GLY C 112 26.56 -35.55 7.50
N GLN C 113 26.66 -35.85 6.21
CA GLN C 113 26.51 -37.20 5.71
C GLN C 113 27.49 -37.43 4.56
N PRO C 114 27.87 -38.70 4.34
CA PRO C 114 28.70 -39.02 3.18
C PRO C 114 27.95 -38.82 1.85
N LYS C 115 28.69 -38.47 0.80
CA LYS C 115 28.16 -38.31 -0.55
C LYS C 115 27.45 -39.58 -1.04
N ALA C 116 26.15 -39.45 -1.35
CA ALA C 116 25.37 -40.59 -1.85
C ALA C 116 24.92 -40.39 -3.29
N ASN C 117 24.98 -41.47 -4.07
CA ASN C 117 24.64 -41.41 -5.47
C ASN C 117 23.16 -41.63 -5.71
N PRO C 118 22.59 -40.81 -6.61
CA PRO C 118 21.17 -40.84 -6.97
C PRO C 118 20.78 -42.13 -7.67
N THR C 119 19.70 -42.72 -7.20
CA THR C 119 19.03 -43.80 -7.90
C THR C 119 18.03 -43.12 -8.79
N VAL C 120 18.03 -43.46 -10.07
CA VAL C 120 17.06 -42.89 -11.00
C VAL C 120 16.09 -43.95 -11.49
N THR C 121 14.82 -43.57 -11.55
CA THR C 121 13.76 -44.47 -11.91
C THR C 121 12.79 -43.70 -12.79
N LEU C 122 12.59 -44.17 -14.01
CA LEU C 122 11.83 -43.40 -14.99
C LEU C 122 10.60 -44.18 -15.46
N PHE C 123 9.43 -43.60 -15.23
CA PHE C 123 8.18 -44.21 -15.62
C PHE C 123 7.68 -43.62 -16.94
N PRO C 124 7.33 -44.48 -17.90
CA PRO C 124 6.68 -44.03 -19.14
C PRO C 124 5.23 -43.65 -18.82
N PRO C 125 4.50 -43.06 -19.78
CA PRO C 125 3.09 -42.81 -19.49
C PRO C 125 2.32 -44.12 -19.38
N SER C 126 1.43 -44.24 -18.39
CA SER C 126 0.62 -45.42 -18.24
C SER C 126 -0.38 -45.49 -19.41
N SER C 127 -0.89 -46.68 -19.70
CA SER C 127 -1.82 -46.85 -20.81
C SER C 127 -3.13 -46.14 -20.50
N GLU C 128 -3.51 -46.22 -19.23
CA GLU C 128 -4.70 -45.57 -18.72
C GLU C 128 -4.67 -44.04 -18.87
N GLU C 129 -3.47 -43.46 -18.91
CA GLU C 129 -3.33 -42.01 -19.11
C GLU C 129 -3.35 -41.65 -20.61
N LEU C 130 -2.79 -42.53 -21.44
CA LEU C 130 -2.87 -42.34 -22.89
C LEU C 130 -4.34 -42.38 -23.31
N GLN C 131 -5.08 -43.28 -22.66
CA GLN C 131 -6.54 -43.40 -22.81
C GLN C 131 -7.25 -42.07 -22.48
N ALA C 132 -6.63 -41.27 -21.63
CA ALA C 132 -7.14 -39.95 -21.27
C ALA C 132 -6.47 -38.86 -22.10
N ASN C 133 -5.91 -39.29 -23.22
CA ASN C 133 -5.23 -38.38 -24.15
C ASN C 133 -4.20 -37.43 -23.53
N LYS C 134 -3.47 -37.94 -22.54
CA LYS C 134 -2.36 -37.23 -21.94
C LYS C 134 -1.19 -38.20 -21.84
N ALA C 135 0.02 -37.66 -21.84
CA ALA C 135 1.20 -38.50 -21.69
C ALA C 135 2.21 -37.83 -20.77
N THR C 136 2.49 -38.47 -19.64
CA THR C 136 3.40 -37.88 -18.68
C THR C 136 4.56 -38.83 -18.43
N LEU C 137 5.77 -38.35 -18.70
CA LEU C 137 6.96 -39.08 -18.30
C LEU C 137 7.33 -38.66 -16.88
N VAL C 138 7.50 -39.66 -16.01
CA VAL C 138 7.82 -39.37 -14.62
C VAL C 138 9.19 -39.90 -14.25
N CYS C 139 10.04 -38.98 -13.83
CA CYS C 139 11.37 -39.31 -13.41
C CYS C 139 11.55 -39.07 -11.91
N LEU C 140 11.87 -40.13 -11.18
CA LEU C 140 12.10 -40.04 -9.74
C LEU C 140 13.58 -40.20 -9.46
N ILE C 141 14.07 -39.38 -8.53
CA ILE C 141 15.47 -39.36 -8.19
C ILE C 141 15.56 -39.58 -6.69
N SER C 142 16.36 -40.57 -6.28
CA SER C 142 16.28 -41.02 -4.90
C SER C 142 17.63 -41.20 -4.25
N ASP C 143 17.60 -41.26 -2.93
CA ASP C 143 18.75 -41.65 -2.12
C ASP C 143 20.02 -40.95 -2.50
N PHE C 144 19.94 -39.65 -2.81
CA PHE C 144 21.14 -38.89 -3.07
C PHE C 144 21.50 -37.94 -1.92
N TYR C 145 22.75 -37.50 -1.93
CA TYR C 145 23.23 -36.48 -1.01
C TYR C 145 24.56 -35.93 -1.54
N PRO C 146 24.75 -34.60 -1.49
CA PRO C 146 23.92 -33.49 -0.99
C PRO C 146 22.70 -33.18 -1.86
N GLY C 147 21.72 -32.49 -1.28
CA GLY C 147 20.44 -32.25 -1.93
C GLY C 147 20.41 -31.28 -3.09
N ALA C 148 21.25 -31.50 -4.08
CA ALA C 148 21.22 -30.64 -5.26
C ALA C 148 21.48 -31.45 -6.50
N VAL C 149 20.59 -31.30 -7.48
CA VAL C 149 20.75 -31.99 -8.75
C VAL C 149 20.24 -31.08 -9.86
N THR C 150 20.71 -31.33 -11.06
CA THR C 150 20.09 -30.73 -12.23
C THR C 150 19.55 -31.87 -13.06
N VAL C 151 18.48 -31.62 -13.79
CA VAL C 151 17.82 -32.64 -14.56
C VAL C 151 17.63 -32.14 -15.99
N ALA C 152 17.95 -33.00 -16.95
CA ALA C 152 17.72 -32.66 -18.34
C ALA C 152 16.95 -33.80 -18.97
N TRP C 153 16.13 -33.49 -19.99
CA TRP C 153 15.40 -34.50 -20.73
C TRP C 153 15.86 -34.54 -22.17
N LYS C 154 15.64 -35.68 -22.82
CA LYS C 154 16.01 -35.88 -24.22
C LYS C 154 14.99 -36.72 -24.99
N ALA C 155 14.78 -36.37 -26.25
CA ALA C 155 14.02 -37.18 -27.17
C ALA C 155 14.97 -37.52 -28.30
N ASP C 156 14.99 -38.79 -28.71
CA ASP C 156 15.99 -39.30 -29.65
C ASP C 156 17.41 -39.09 -29.12
N SER C 157 17.77 -37.82 -28.90
CA SER C 157 18.92 -37.42 -28.08
C SER C 157 18.93 -35.90 -27.97
N SER C 158 17.94 -35.27 -28.60
CA SER C 158 17.85 -33.81 -28.63
C SER C 158 17.29 -33.27 -27.31
N PRO C 159 17.90 -32.19 -26.81
CA PRO C 159 17.40 -31.58 -25.57
C PRO C 159 15.93 -31.22 -25.69
N VAL C 160 15.11 -31.74 -24.80
CA VAL C 160 13.72 -31.33 -24.74
C VAL C 160 13.62 -30.21 -23.74
N LYS C 161 13.00 -29.10 -24.15
CA LYS C 161 12.89 -27.94 -23.26
C LYS C 161 11.44 -27.72 -22.82
N ALA C 162 10.53 -27.77 -23.79
CA ALA C 162 9.13 -27.56 -23.51
C ALA C 162 8.53 -28.66 -22.63
N GLY C 163 7.73 -28.25 -21.64
CA GLY C 163 6.89 -29.14 -20.87
C GLY C 163 7.54 -29.86 -19.71
N VAL C 164 8.56 -29.24 -19.12
CA VAL C 164 9.29 -29.86 -18.02
C VAL C 164 8.99 -29.17 -16.70
N GLU C 165 8.66 -29.98 -15.69
CA GLU C 165 8.44 -29.53 -14.32
C GLU C 165 9.29 -30.35 -13.34
N THR C 166 10.02 -29.67 -12.47
CA THR C 166 10.93 -30.34 -11.55
C THR C 166 10.76 -29.81 -10.11
N THR C 167 10.68 -30.72 -9.14
CA THR C 167 10.61 -30.32 -7.73
C THR C 167 12.00 -30.05 -7.16
N THR C 168 12.09 -29.24 -6.10
CA THR C 168 13.37 -29.13 -5.40
C THR C 168 13.50 -30.28 -4.42
N PRO C 169 14.74 -30.76 -4.20
CA PRO C 169 15.04 -31.87 -3.30
C PRO C 169 14.39 -31.73 -1.94
N SER C 170 13.85 -32.85 -1.46
CA SER C 170 13.20 -32.97 -0.17
C SER C 170 13.78 -34.20 0.49
N LYS C 171 13.75 -34.26 1.83
CA LYS C 171 14.37 -35.36 2.54
C LYS C 171 13.50 -36.61 2.57
N GLN C 172 14.12 -37.76 2.38
CA GLN C 172 13.44 -39.04 2.54
C GLN C 172 13.48 -39.43 4.01
N SER C 173 12.69 -40.45 4.35
CA SER C 173 12.66 -40.99 5.71
C SER C 173 14.05 -41.44 6.16
N ASN C 174 14.94 -41.70 5.20
CA ASN C 174 16.28 -42.12 5.52
C ASN C 174 17.28 -40.97 5.61
N ASN C 175 16.78 -39.74 5.50
CA ASN C 175 17.59 -38.51 5.53
C ASN C 175 18.46 -38.21 4.31
N LYS C 176 18.38 -39.05 3.29
CA LYS C 176 18.96 -38.72 2.00
C LYS C 176 17.88 -37.94 1.25
N TYR C 177 18.24 -37.35 0.12
CA TYR C 177 17.26 -36.55 -0.59
C TYR C 177 16.59 -37.29 -1.74
N ALA C 178 15.46 -36.74 -2.19
CA ALA C 178 14.77 -37.21 -3.38
C ALA C 178 14.29 -36.01 -4.18
N ALA C 179 14.03 -36.23 -5.47
CA ALA C 179 13.43 -35.20 -6.31
C ALA C 179 12.62 -35.88 -7.42
N SER C 180 11.70 -35.15 -8.02
CA SER C 180 10.91 -35.68 -9.10
C SER C 180 10.95 -34.71 -10.29
N SER C 181 10.74 -35.24 -11.49
CA SER C 181 10.65 -34.39 -12.66
C SER C 181 9.62 -34.92 -13.66
N TYR C 182 8.95 -34.01 -14.33
CA TYR C 182 7.88 -34.41 -15.24
C TYR C 182 8.13 -33.82 -16.61
N LEU C 183 7.87 -34.61 -17.64
CA LEU C 183 7.85 -34.11 -19.00
C LEU C 183 6.48 -34.38 -19.58
N SER C 184 5.74 -33.30 -19.83
CA SER C 184 4.41 -33.45 -20.39
C SER C 184 4.47 -33.59 -21.90
N LEU C 185 3.76 -34.61 -22.40
CA LEU C 185 3.76 -34.97 -23.81
C LEU C 185 2.34 -35.26 -24.24
N THR C 186 2.05 -35.05 -25.51
CA THR C 186 0.77 -35.47 -26.06
C THR C 186 0.98 -36.87 -26.61
N PRO C 187 -0.06 -37.72 -26.59
CA PRO C 187 0.07 -39.13 -26.95
C PRO C 187 0.77 -39.37 -28.31
N GLU C 188 0.66 -38.42 -29.24
CA GLU C 188 1.27 -38.56 -30.56
C GLU C 188 2.76 -38.29 -30.45
N GLN C 189 3.08 -37.17 -29.82
CA GLN C 189 4.45 -36.76 -29.54
C GLN C 189 5.23 -37.93 -28.95
N TRP C 190 4.63 -38.57 -27.94
CA TRP C 190 5.17 -39.78 -27.33
C TRP C 190 5.37 -40.86 -28.38
N LYS C 191 4.29 -41.15 -29.12
CA LYS C 191 4.20 -42.28 -30.05
C LYS C 191 5.25 -42.32 -31.17
N SER C 192 5.71 -41.17 -31.63
CA SER C 192 6.67 -41.11 -32.73
C SER C 192 8.10 -41.50 -32.31
N HIS C 193 8.77 -40.57 -31.63
CA HIS C 193 10.19 -40.65 -31.27
C HIS C 193 10.68 -42.04 -30.83
N ARG C 194 11.94 -42.32 -31.09
CA ARG C 194 12.50 -43.64 -30.82
C ARG C 194 12.65 -43.86 -29.32
N SER C 195 13.15 -42.85 -28.62
CA SER C 195 13.40 -42.99 -27.19
C SER C 195 13.34 -41.64 -26.47
N TYR C 196 13.04 -41.71 -25.17
CA TYR C 196 13.07 -40.53 -24.33
C TYR C 196 13.93 -40.83 -23.12
N SER C 197 14.67 -39.83 -22.67
CA SER C 197 15.62 -40.04 -21.58
C SER C 197 15.57 -38.99 -20.49
N CYS C 198 15.68 -39.47 -19.25
CA CYS C 198 15.82 -38.60 -18.09
C CYS C 198 17.29 -38.58 -17.69
N GLN C 199 17.92 -37.41 -17.79
CA GLN C 199 19.35 -37.28 -17.52
C GLN C 199 19.60 -36.48 -16.23
N VAL C 200 20.36 -37.07 -15.31
CA VAL C 200 20.53 -36.49 -14.00
C VAL C 200 21.99 -36.25 -13.68
N THR C 201 22.34 -35.03 -13.30
CA THR C 201 23.70 -34.72 -12.87
C THR C 201 23.72 -34.39 -11.38
N HIS C 202 24.53 -35.11 -10.63
CA HIS C 202 24.68 -34.88 -9.19
C HIS C 202 26.16 -34.88 -8.79
N GLU C 203 26.66 -33.72 -8.39
CA GLU C 203 28.06 -33.55 -8.06
C GLU C 203 28.96 -34.13 -9.15
N GLY C 204 28.81 -33.61 -10.36
CA GLY C 204 29.64 -34.04 -11.48
C GLY C 204 29.11 -35.23 -12.27
N SER C 205 29.05 -36.39 -11.62
CA SER C 205 28.61 -37.62 -12.27
C SER C 205 27.22 -37.46 -12.89
N THR C 206 26.97 -38.20 -13.97
CA THR C 206 25.68 -38.13 -14.64
C THR C 206 25.08 -39.52 -14.85
N VAL C 207 23.83 -39.67 -14.44
CA VAL C 207 23.11 -40.92 -14.61
C VAL C 207 21.96 -40.65 -15.56
N GLU C 208 21.64 -41.63 -16.41
CA GLU C 208 20.59 -41.46 -17.40
C GLU C 208 19.77 -42.72 -17.55
N LYS C 209 18.46 -42.62 -17.27
CA LYS C 209 17.54 -43.70 -17.61
C LYS C 209 16.79 -43.33 -18.89
N THR C 210 16.30 -44.36 -19.58
CA THR C 210 15.71 -44.17 -20.91
C THR C 210 14.49 -45.06 -21.04
N VAL C 211 13.48 -44.56 -21.73
CA VAL C 211 12.30 -45.37 -22.05
C VAL C 211 11.85 -45.18 -23.49
N ALA C 212 11.12 -46.16 -24.00
CA ALA C 212 10.66 -46.15 -25.39
C ALA C 212 9.20 -46.60 -25.48
N PRO C 213 8.43 -46.00 -26.40
CA PRO C 213 6.99 -46.23 -26.58
C PRO C 213 6.57 -47.65 -26.98
N THR C 214 7.21 -48.68 -26.42
CA THR C 214 6.77 -50.06 -26.62
C THR C 214 6.75 -50.80 -25.29
N GLU C 215 6.02 -51.90 -25.23
CA GLU C 215 5.96 -52.78 -24.05
C GLU C 215 5.61 -52.01 -22.77
N GLN D 1 7.75 -12.22 25.03
CA GLN D 1 7.04 -13.15 25.90
C GLN D 1 5.67 -13.46 25.29
N VAL D 2 5.48 -12.97 24.07
CA VAL D 2 4.21 -13.12 23.36
C VAL D 2 4.18 -14.30 22.41
N GLN D 3 3.14 -15.11 22.51
CA GLN D 3 2.86 -16.12 21.50
C GLN D 3 1.79 -15.57 20.55
N LEU D 4 2.08 -15.63 19.26
CA LEU D 4 1.23 -15.05 18.22
C LEU D 4 0.59 -16.18 17.40
N VAL D 5 -0.72 -16.28 17.45
CA VAL D 5 -1.42 -17.37 16.76
C VAL D 5 -2.31 -16.88 15.62
N GLN D 6 -1.96 -17.22 14.39
CA GLN D 6 -2.70 -16.72 13.23
C GLN D 6 -3.81 -17.66 12.76
N SER D 7 -4.75 -17.12 12.00
CA SER D 7 -5.80 -17.95 11.43
C SER D 7 -5.25 -18.91 10.36
N GLY D 8 -6.09 -19.87 9.97
CA GLY D 8 -5.67 -20.97 9.13
C GLY D 8 -5.60 -20.60 7.65
N ALA D 9 -5.09 -21.54 6.85
CA ALA D 9 -4.84 -21.34 5.42
C ALA D 9 -6.07 -20.87 4.61
N GLU D 10 -5.78 -20.16 3.52
CA GLU D 10 -6.82 -19.50 2.75
C GLU D 10 -6.60 -19.58 1.25
N VAL D 11 -7.68 -19.79 0.51
CA VAL D 11 -7.60 -19.81 -0.94
C VAL D 11 -8.68 -18.89 -1.53
N LYS D 12 -8.29 -18.00 -2.43
CA LYS D 12 -9.20 -16.97 -2.96
C LYS D 12 -9.08 -16.77 -4.47
N LYS D 13 -10.14 -16.26 -5.08
CA LYS D 13 -10.06 -15.83 -6.47
C LYS D 13 -9.45 -14.44 -6.56
N PRO D 14 -8.81 -14.12 -7.69
CA PRO D 14 -8.33 -12.75 -7.87
C PRO D 14 -9.49 -11.76 -7.76
N GLY D 15 -9.28 -10.64 -7.08
CA GLY D 15 -10.31 -9.63 -6.98
C GLY D 15 -11.13 -9.65 -5.70
N SER D 16 -11.08 -10.75 -4.97
CA SER D 16 -11.76 -10.83 -3.68
C SER D 16 -10.80 -10.30 -2.63
N SER D 17 -11.05 -10.59 -1.36
CA SER D 17 -10.16 -10.17 -0.28
C SER D 17 -10.03 -11.24 0.80
N VAL D 18 -8.96 -11.15 1.57
CA VAL D 18 -8.69 -12.13 2.59
C VAL D 18 -8.40 -11.36 3.86
N LYS D 19 -8.82 -11.91 5.00
CA LYS D 19 -8.63 -11.25 6.26
C LYS D 19 -7.96 -12.26 7.16
N VAL D 20 -6.69 -12.02 7.46
CA VAL D 20 -5.93 -12.92 8.31
C VAL D 20 -5.87 -12.29 9.69
N SER D 21 -6.02 -13.13 10.71
CA SER D 21 -5.98 -12.66 12.08
C SER D 21 -4.78 -13.18 12.81
N CYS D 22 -4.54 -12.60 13.96
CA CYS D 22 -3.37 -12.90 14.74
C CYS D 22 -3.64 -12.58 16.21
N LYS D 23 -4.00 -13.59 16.99
CA LYS D 23 -4.23 -13.42 18.43
C LYS D 23 -2.95 -13.56 19.25
N ALA D 24 -2.65 -12.53 20.04
CA ALA D 24 -1.54 -12.60 21.00
C ALA D 24 -1.96 -13.23 22.34
N SER D 25 -0.96 -13.60 23.12
CA SER D 25 -1.15 -13.87 24.54
C SER D 25 0.22 -13.85 25.20
N GLY D 26 0.28 -13.36 26.43
CA GLY D 26 1.55 -13.12 27.08
C GLY D 26 1.98 -11.67 26.89
N GLY D 27 0.99 -10.79 26.78
CA GLY D 27 1.25 -9.38 26.57
C GLY D 27 0.06 -8.73 25.91
N ASN D 28 0.05 -7.40 25.94
CA ASN D 28 -1.03 -6.64 25.33
C ASN D 28 -0.48 -5.88 24.13
N PHE D 29 -1.16 -6.04 23.00
CA PHE D 29 -0.78 -5.43 21.73
C PHE D 29 -0.45 -3.94 21.87
N ASN D 30 -1.15 -3.25 22.77
CA ASN D 30 -0.89 -1.84 23.06
C ASN D 30 0.58 -1.53 23.33
N THR D 31 1.27 -2.41 24.02
CA THR D 31 2.69 -2.21 24.17
C THR D 31 3.46 -2.88 23.02
N TYR D 32 2.85 -2.93 21.82
CA TYR D 32 3.53 -3.42 20.60
C TYR D 32 3.16 -2.66 19.31
N THR D 33 4.14 -2.46 18.44
CA THR D 33 3.89 -2.12 17.05
C THR D 33 3.76 -3.44 16.26
N ILE D 34 2.70 -3.59 15.47
CA ILE D 34 2.45 -4.89 14.84
C ILE D 34 2.61 -4.82 13.33
N SER D 35 3.56 -5.58 12.80
CA SER D 35 3.75 -5.62 11.35
C SER D 35 3.23 -6.91 10.72
N TRP D 36 2.97 -6.82 9.42
CA TRP D 36 2.70 -8.01 8.63
C TRP D 36 3.74 -8.15 7.54
N VAL D 37 4.34 -9.33 7.45
CA VAL D 37 5.37 -9.60 6.45
C VAL D 37 5.00 -10.84 5.64
N ARG D 38 5.29 -10.82 4.34
CA ARG D 38 4.89 -11.92 3.50
C ARG D 38 6.07 -12.51 2.75
N GLN D 39 5.93 -13.79 2.39
CA GLN D 39 6.99 -14.54 1.73
C GLN D 39 6.38 -15.48 0.70
N ALA D 40 6.59 -15.16 -0.58
CA ALA D 40 6.05 -15.98 -1.66
C ALA D 40 6.87 -17.26 -1.80
N PRO D 41 6.31 -18.29 -2.45
CA PRO D 41 7.07 -19.54 -2.61
C PRO D 41 8.47 -19.32 -3.19
N GLY D 42 9.49 -19.69 -2.43
CA GLY D 42 10.87 -19.60 -2.88
C GLY D 42 11.52 -18.24 -2.81
N GLN D 43 10.85 -17.26 -2.22
CA GLN D 43 11.39 -15.89 -2.23
C GLN D 43 11.73 -15.35 -0.85
N GLY D 44 12.10 -14.08 -0.84
CA GLY D 44 12.52 -13.40 0.37
C GLY D 44 11.36 -12.78 1.11
N LEU D 45 11.62 -11.66 1.79
CA LEU D 45 10.66 -11.09 2.73
C LEU D 45 10.17 -9.71 2.31
N GLU D 46 8.86 -9.54 2.37
CA GLU D 46 8.24 -8.27 1.98
C GLU D 46 7.29 -7.75 3.05
N TRP D 47 7.59 -6.53 3.52
CA TRP D 47 6.78 -5.83 4.54
C TRP D 47 5.46 -5.34 3.96
N MET D 48 4.35 -5.66 4.62
CA MET D 48 3.03 -5.25 4.11
C MET D 48 2.56 -3.94 4.74
N GLY D 49 3.03 -3.67 5.95
CA GLY D 49 2.51 -2.54 6.69
C GLY D 49 2.52 -2.85 8.17
N ARG D 50 2.17 -1.85 8.97
CA ARG D 50 2.22 -1.94 10.42
C ARG D 50 1.05 -1.17 11.01
N ILE D 51 0.65 -1.56 12.21
CA ILE D 51 -0.27 -0.75 12.98
C ILE D 51 0.41 -0.40 14.31
N ILE D 52 0.15 0.83 14.80
CA ILE D 52 0.58 1.26 16.13
C ILE D 52 -0.69 1.46 16.94
N PRO D 53 -1.11 0.42 17.67
CA PRO D 53 -2.39 0.30 18.37
C PRO D 53 -2.65 1.42 19.38
N ILE D 54 -1.58 1.89 20.03
CA ILE D 54 -1.65 3.01 20.97
C ILE D 54 -2.37 4.20 20.34
N PHE D 55 -2.03 4.50 19.09
CA PHE D 55 -2.62 5.64 18.40
C PHE D 55 -3.74 5.26 17.44
N GLY D 56 -3.73 4.02 16.97
CA GLY D 56 -4.69 3.57 15.99
C GLY D 56 -4.26 3.95 14.59
N ILE D 57 -2.98 4.27 14.43
CA ILE D 57 -2.43 4.70 13.14
C ILE D 57 -1.88 3.50 12.37
N VAL D 58 -2.26 3.39 11.11
CA VAL D 58 -1.73 2.33 10.24
C VAL D 58 -0.84 2.92 9.16
N ASN D 59 0.32 2.28 8.96
CA ASN D 59 1.20 2.64 7.85
C ASN D 59 1.30 1.47 6.87
N PRO D 60 0.48 1.50 5.81
CA PRO D 60 0.51 0.46 4.77
C PRO D 60 1.81 0.55 3.98
N ALA D 61 2.26 -0.52 3.37
CA ALA D 61 3.44 -0.39 2.50
C ALA D 61 3.02 0.36 1.23
N GLN D 62 3.85 1.30 0.80
CA GLN D 62 3.56 2.15 -0.36
C GLN D 62 3.29 1.33 -1.65
N LYS D 63 3.72 0.06 -1.68
CA LYS D 63 3.49 -0.81 -2.83
C LYS D 63 2.02 -1.24 -3.00
N PHE D 64 1.25 -1.22 -1.92
CA PHE D 64 -0.14 -1.64 -2.00
C PHE D 64 -1.14 -0.52 -1.62
N PRO D 65 -1.31 0.46 -2.52
CA PRO D 65 -2.21 1.59 -2.27
C PRO D 65 -3.68 1.17 -2.33
N GLY D 66 -4.37 1.34 -1.21
CA GLY D 66 -5.79 1.06 -1.12
C GLY D 66 -6.16 -0.41 -0.92
N ARG D 67 -5.17 -1.29 -0.86
CA ARG D 67 -5.44 -2.72 -0.80
C ARG D 67 -5.18 -3.28 0.60
N VAL D 68 -4.35 -2.59 1.38
CA VAL D 68 -3.96 -3.08 2.71
C VAL D 68 -4.64 -2.34 3.86
N THR D 69 -5.31 -3.09 4.73
CA THR D 69 -5.96 -2.53 5.90
C THR D 69 -5.56 -3.34 7.13
N ILE D 70 -5.06 -2.66 8.15
CA ILE D 70 -4.76 -3.29 9.42
C ILE D 70 -5.65 -2.77 10.54
N ASN D 71 -6.09 -3.69 11.41
CA ASN D 71 -7.03 -3.41 12.47
C ASN D 71 -6.64 -4.15 13.72
N VAL D 72 -6.93 -3.56 14.88
CA VAL D 72 -6.78 -4.26 16.16
C VAL D 72 -8.12 -4.26 16.89
N ASP D 73 -8.48 -5.40 17.45
CA ASP D 73 -9.64 -5.48 18.36
C ASP D 73 -9.11 -5.63 19.78
N LYS D 74 -8.99 -4.51 20.49
CA LYS D 74 -8.41 -4.50 21.84
C LYS D 74 -9.07 -5.52 22.75
N SER D 75 -10.37 -5.74 22.54
CA SER D 75 -11.15 -6.70 23.31
C SER D 75 -10.55 -8.10 23.37
N THR D 76 -10.24 -8.68 22.22
CA THR D 76 -9.82 -10.08 22.13
C THR D 76 -8.32 -10.22 21.94
N ASN D 77 -7.61 -9.09 22.02
CA ASN D 77 -6.17 -9.05 21.83
C ASN D 77 -5.75 -9.60 20.46
N THR D 78 -6.50 -9.22 19.42
CA THR D 78 -6.35 -9.78 18.09
C THR D 78 -6.12 -8.71 17.03
N ALA D 79 -5.15 -8.96 16.15
CA ALA D 79 -4.85 -8.08 15.03
C ALA D 79 -5.29 -8.69 13.71
N TYR D 80 -5.87 -7.88 12.83
CA TYR D 80 -6.30 -8.35 11.52
C TYR D 80 -5.64 -7.58 10.39
N MET D 81 -5.01 -8.30 9.47
CA MET D 81 -4.63 -7.71 8.20
C MET D 81 -5.63 -8.13 7.14
N GLU D 82 -6.08 -7.15 6.36
CA GLU D 82 -7.00 -7.42 5.26
C GLU D 82 -6.47 -6.89 3.94
N LEU D 83 -6.17 -7.81 3.04
CA LEU D 83 -5.59 -7.48 1.76
C LEU D 83 -6.72 -7.68 0.76
N SER D 84 -7.00 -6.66 -0.04
CA SER D 84 -8.11 -6.75 -0.99
C SER D 84 -7.65 -6.56 -2.44
N SER D 85 -8.60 -6.66 -3.38
CA SER D 85 -8.30 -6.69 -4.82
C SER D 85 -7.11 -7.63 -5.10
N LEU D 86 -7.25 -8.84 -4.59
CA LEU D 86 -6.19 -9.82 -4.65
C LEU D 86 -5.77 -10.11 -6.09
N ARG D 87 -4.47 -10.35 -6.25
CA ARG D 87 -3.89 -10.78 -7.50
C ARG D 87 -3.27 -12.14 -7.26
N SER D 88 -3.14 -12.93 -8.31
CA SER D 88 -2.54 -14.25 -8.16
C SER D 88 -1.12 -14.13 -7.60
N GLU D 89 -0.44 -13.05 -7.95
CA GLU D 89 0.90 -12.79 -7.44
C GLU D 89 0.95 -12.38 -5.94
N ASP D 90 -0.21 -12.35 -5.27
CA ASP D 90 -0.28 -12.14 -3.83
C ASP D 90 -0.18 -13.45 -3.08
N THR D 91 -0.10 -14.56 -3.81
CA THR D 91 0.08 -15.86 -3.20
C THR D 91 1.36 -15.87 -2.38
N ALA D 92 1.23 -16.07 -1.07
CA ALA D 92 2.39 -16.12 -0.18
C ALA D 92 1.98 -16.66 1.17
N VAL D 93 2.97 -16.85 2.03
CA VAL D 93 2.75 -17.02 3.46
C VAL D 93 2.78 -15.65 4.14
N TYR D 94 1.76 -15.36 4.94
CA TYR D 94 1.65 -14.07 5.58
C TYR D 94 1.91 -14.23 7.04
N TYR D 95 2.89 -13.48 7.55
CA TYR D 95 3.31 -13.56 8.94
C TYR D 95 2.98 -12.26 9.62
N CYS D 96 2.38 -12.33 10.80
CA CYS D 96 2.38 -11.13 11.64
C CYS D 96 3.57 -11.21 12.58
N ALA D 97 4.17 -10.06 12.84
CA ALA D 97 5.31 -9.96 13.76
C ALA D 97 5.25 -8.72 14.64
N THR D 98 5.66 -8.83 15.89
CA THR D 98 5.74 -7.65 16.73
C THR D 98 7.10 -7.01 16.59
N SER D 99 7.10 -5.69 16.53
CA SER D 99 8.29 -4.90 16.83
C SER D 99 7.94 -4.35 18.22
N GLY D 100 8.94 -3.96 19.02
CA GLY D 100 8.61 -3.39 20.32
C GLY D 100 7.95 -2.05 20.13
N VAL D 101 7.09 -1.62 21.07
CA VAL D 101 6.42 -0.33 20.91
C VAL D 101 7.36 0.81 20.65
N GLY D 102 6.87 1.78 19.89
CA GLY D 102 7.66 2.90 19.46
C GLY D 102 7.24 3.23 18.06
N LEU D 103 7.51 4.46 17.62
CA LEU D 103 7.26 4.86 16.25
C LEU D 103 8.40 4.44 15.31
N HIS D 104 9.45 3.86 15.90
CA HIS D 104 10.64 3.52 15.13
C HIS D 104 10.48 2.18 14.38
N PHE D 105 11.34 1.98 13.39
CA PHE D 105 11.34 0.74 12.63
C PHE D 105 12.30 -0.26 13.27
N GLY D 106 11.82 -0.84 14.37
CA GLY D 106 12.59 -1.80 15.12
C GLY D 106 12.61 -3.18 14.50
N TYR D 107 13.36 -4.07 15.12
CA TYR D 107 13.48 -5.44 14.63
C TYR D 107 12.22 -6.22 15.00
N PHE D 108 11.99 -7.32 14.32
CA PHE D 108 10.83 -8.15 14.59
C PHE D 108 11.20 -9.27 15.56
N ASP D 109 10.82 -9.11 16.82
CA ASP D 109 11.23 -10.10 17.81
C ASP D 109 10.25 -11.26 18.05
N TYR D 110 9.01 -11.13 17.61
CA TYR D 110 8.05 -12.26 17.71
C TYR D 110 7.24 -12.44 16.45
N TRP D 111 7.11 -13.68 16.00
CA TRP D 111 6.40 -14.00 14.76
C TRP D 111 5.30 -15.01 14.99
N GLY D 112 4.16 -14.79 14.35
CA GLY D 112 3.14 -15.81 14.22
C GLY D 112 3.65 -16.96 13.36
N GLN D 113 2.90 -18.06 13.32
CA GLN D 113 3.34 -19.26 12.60
C GLN D 113 3.14 -19.12 11.09
N GLY D 114 2.43 -18.05 10.69
CA GLY D 114 2.18 -17.78 9.30
C GLY D 114 0.89 -18.35 8.75
N THR D 115 0.34 -17.67 7.76
CA THR D 115 -0.90 -18.06 7.13
C THR D 115 -0.64 -18.18 5.64
N GLN D 116 -0.85 -19.37 5.08
CA GLN D 116 -0.82 -19.55 3.63
C GLN D 116 -2.02 -18.89 2.96
N VAL D 117 -1.74 -18.01 2.00
CA VAL D 117 -2.78 -17.47 1.16
C VAL D 117 -2.51 -17.85 -0.30
N THR D 118 -3.41 -18.63 -0.88
CA THR D 118 -3.33 -18.97 -2.30
C THR D 118 -4.37 -18.19 -3.10
N VAL D 119 -3.90 -17.48 -4.11
CA VAL D 119 -4.77 -16.70 -4.99
C VAL D 119 -4.65 -17.24 -6.42
N SER D 120 -5.79 -17.61 -6.99
CA SER D 120 -5.80 -18.33 -8.25
C SER D 120 -7.17 -18.24 -8.87
N SER D 121 -7.21 -18.12 -10.19
CA SER D 121 -8.47 -18.20 -10.93
C SER D 121 -8.94 -19.64 -11.05
N ALA D 122 -8.10 -20.60 -10.65
CA ALA D 122 -8.50 -22.01 -10.69
C ALA D 122 -9.74 -22.28 -9.83
N SER D 123 -10.56 -23.22 -10.28
CA SER D 123 -11.66 -23.68 -9.45
C SER D 123 -11.25 -24.99 -8.81
N THR D 124 -11.90 -25.31 -7.70
CA THR D 124 -11.69 -26.56 -6.99
C THR D 124 -11.91 -27.77 -7.89
N LYS D 125 -10.94 -28.67 -7.91
CA LYS D 125 -11.01 -29.86 -8.75
C LYS D 125 -10.26 -30.99 -8.04
N GLY D 126 -10.91 -32.14 -7.95
CA GLY D 126 -10.27 -33.34 -7.43
C GLY D 126 -9.28 -33.92 -8.44
N PRO D 127 -8.34 -34.72 -7.96
CA PRO D 127 -7.29 -35.23 -8.84
C PRO D 127 -7.72 -36.48 -9.59
N SER D 128 -7.04 -36.70 -10.72
CA SER D 128 -7.12 -37.95 -11.45
C SER D 128 -5.92 -38.76 -10.97
N VAL D 129 -6.14 -40.04 -10.64
CA VAL D 129 -5.05 -40.88 -10.19
C VAL D 129 -4.67 -41.96 -11.20
N PHE D 130 -3.38 -42.04 -11.52
CA PHE D 130 -2.86 -43.00 -12.49
C PHE D 130 -1.76 -43.78 -11.84
N PRO D 131 -1.63 -45.06 -12.19
CA PRO D 131 -0.61 -45.92 -11.57
C PRO D 131 0.73 -45.73 -12.23
N LEU D 132 1.79 -45.81 -11.44
CA LEU D 132 3.14 -45.91 -11.98
C LEU D 132 3.56 -47.34 -11.69
N ALA D 133 3.40 -48.19 -12.69
CA ALA D 133 3.57 -49.63 -12.51
C ALA D 133 5.05 -50.01 -12.57
N PRO D 134 5.48 -50.90 -11.68
CA PRO D 134 6.90 -51.31 -11.60
C PRO D 134 7.32 -52.06 -12.87
N SER D 135 8.57 -51.86 -13.27
CA SER D 135 9.00 -52.31 -14.59
C SER D 135 10.44 -52.80 -14.66
N SER D 136 10.59 -54.13 -14.71
CA SER D 136 11.91 -54.74 -14.82
C SER D 136 12.58 -54.49 -16.18
N GLY D 141 16.32 -55.09 -9.50
CA GLY D 141 17.21 -55.82 -8.61
C GLY D 141 16.46 -56.56 -7.52
N GLY D 142 16.79 -56.26 -6.27
CA GLY D 142 16.16 -56.89 -5.12
C GLY D 142 14.93 -56.15 -4.65
N THR D 143 14.79 -54.90 -5.10
CA THR D 143 13.61 -54.11 -4.79
C THR D 143 13.05 -53.40 -6.03
N ALA D 144 11.78 -53.01 -5.95
CA ALA D 144 11.15 -52.29 -7.05
C ALA D 144 10.41 -51.03 -6.56
N ALA D 145 10.25 -50.07 -7.47
CA ALA D 145 9.58 -48.83 -7.15
C ALA D 145 8.23 -48.68 -7.86
N LEU D 146 7.21 -48.33 -7.07
CA LEU D 146 5.90 -47.89 -7.57
C LEU D 146 5.38 -46.84 -6.56
N GLY D 147 4.49 -45.91 -6.93
CA GLY D 147 3.86 -45.81 -8.22
C GLY D 147 2.47 -45.17 -8.24
N CYS D 148 2.32 -43.94 -7.71
CA CYS D 148 1.07 -43.18 -7.95
C CYS D 148 1.22 -41.75 -8.49
N LEU D 149 0.61 -41.51 -9.64
CA LEU D 149 0.61 -40.17 -10.21
C LEU D 149 -0.73 -39.48 -9.95
N VAL D 150 -0.73 -38.45 -9.12
CA VAL D 150 -1.97 -37.73 -8.89
C VAL D 150 -1.96 -36.36 -9.60
N LYS D 151 -2.72 -36.27 -10.67
CA LYS D 151 -2.69 -35.16 -11.62
C LYS D 151 -3.83 -34.17 -11.44
N ASP D 152 -3.52 -32.90 -11.72
CA ASP D 152 -4.53 -31.86 -12.01
C ASP D 152 -5.59 -31.57 -10.93
N TYR D 153 -5.17 -31.38 -9.68
CA TYR D 153 -6.12 -30.98 -8.65
C TYR D 153 -5.86 -29.53 -8.22
N PHE D 154 -6.86 -28.92 -7.58
CA PHE D 154 -6.73 -27.61 -6.96
C PHE D 154 -7.78 -27.43 -5.84
N PRO D 155 -7.38 -26.78 -4.73
CA PRO D 155 -6.03 -26.32 -4.41
C PRO D 155 -5.30 -27.38 -3.59
N GLU D 156 -4.16 -27.01 -3.02
CA GLU D 156 -3.49 -27.84 -2.03
C GLU D 156 -4.36 -28.04 -0.80
N PRO D 157 -4.11 -29.12 -0.03
CA PRO D 157 -3.15 -30.19 -0.30
C PRO D 157 -3.85 -31.49 -0.65
N VAL D 158 -3.09 -32.49 -1.07
CA VAL D 158 -3.59 -33.85 -1.05
C VAL D 158 -2.74 -34.66 -0.07
N THR D 159 -3.37 -35.61 0.61
CA THR D 159 -2.63 -36.57 1.40
C THR D 159 -2.64 -37.91 0.68
N VAL D 160 -1.54 -38.64 0.78
CA VAL D 160 -1.44 -39.95 0.15
C VAL D 160 -0.99 -40.98 1.19
N SER D 161 -1.64 -42.13 1.18
CA SER D 161 -1.20 -43.23 2.00
C SER D 161 -1.27 -44.50 1.16
N TRP D 162 -0.75 -45.58 1.73
CA TRP D 162 -0.76 -46.86 1.04
C TRP D 162 -1.36 -47.90 1.95
N ASN D 163 -2.08 -48.86 1.36
CA ASN D 163 -2.80 -49.90 2.08
C ASN D 163 -3.45 -49.37 3.35
N SER D 164 -4.05 -48.20 3.23
CA SER D 164 -4.87 -47.59 4.29
C SER D 164 -4.10 -47.08 5.50
N GLY D 165 -2.82 -46.78 5.33
CA GLY D 165 -2.00 -46.26 6.42
C GLY D 165 -1.27 -47.39 7.14
N ALA D 166 -1.34 -48.57 6.55
CA ALA D 166 -0.69 -49.72 7.11
C ALA D 166 0.74 -49.78 6.60
N LEU D 167 0.91 -49.57 5.31
CA LEU D 167 2.25 -49.50 4.72
C LEU D 167 2.81 -48.07 4.81
N THR D 168 3.88 -47.90 5.58
CA THR D 168 4.47 -46.58 5.79
C THR D 168 5.97 -46.61 5.50
N SER D 169 6.49 -47.79 5.21
CA SER D 169 7.91 -47.97 5.07
C SER D 169 8.31 -48.09 3.60
N GLY D 170 9.24 -47.23 3.20
CA GLY D 170 9.71 -47.17 1.83
C GLY D 170 8.91 -46.16 1.03
N VAL D 171 8.08 -45.38 1.72
CA VAL D 171 7.16 -44.47 1.05
C VAL D 171 7.71 -43.05 0.93
N HIS D 172 7.65 -42.50 -0.28
CA HIS D 172 7.94 -41.08 -0.42
C HIS D 172 6.90 -40.40 -1.29
N THR D 173 6.21 -39.44 -0.70
CA THR D 173 5.29 -38.58 -1.43
C THR D 173 6.01 -37.29 -1.75
N PHE D 174 6.15 -36.97 -3.03
CA PHE D 174 6.90 -35.77 -3.44
C PHE D 174 6.09 -34.50 -3.25
N PRO D 175 6.76 -33.36 -3.14
CA PRO D 175 5.98 -32.12 -3.15
C PRO D 175 5.31 -31.93 -4.51
N ALA D 176 4.20 -31.22 -4.56
CA ALA D 176 3.50 -31.03 -5.83
C ALA D 176 4.22 -30.05 -6.76
N VAL D 177 3.83 -30.04 -8.02
CA VAL D 177 4.27 -29.02 -8.95
C VAL D 177 3.04 -28.27 -9.40
N LEU D 178 3.18 -26.95 -9.58
CA LEU D 178 2.12 -26.12 -10.13
C LEU D 178 2.31 -25.92 -11.64
N GLN D 179 1.38 -26.49 -12.38
CA GLN D 179 1.44 -26.44 -13.83
C GLN D 179 0.94 -25.10 -14.39
N SER D 180 1.22 -24.87 -15.67
CA SER D 180 0.71 -23.72 -16.39
C SER D 180 -0.78 -23.55 -16.20
N SER D 181 -1.49 -24.68 -16.16
CA SER D 181 -2.94 -24.68 -16.21
C SER D 181 -3.55 -24.16 -14.91
N GLY D 182 -2.71 -23.95 -13.91
CA GLY D 182 -3.18 -23.58 -12.58
C GLY D 182 -3.48 -24.76 -11.68
N LEU D 183 -3.38 -25.98 -12.21
CA LEU D 183 -3.64 -27.16 -11.40
C LEU D 183 -2.35 -27.79 -10.93
N TYR D 184 -2.39 -28.49 -9.78
CA TYR D 184 -1.20 -29.12 -9.23
C TYR D 184 -1.13 -30.60 -9.61
N SER D 185 0.08 -31.16 -9.53
CA SER D 185 0.27 -32.59 -9.63
C SER D 185 1.36 -33.05 -8.69
N LEU D 186 1.28 -34.30 -8.23
CA LEU D 186 2.39 -34.87 -7.48
C LEU D 186 2.46 -36.36 -7.69
N SER D 187 3.56 -36.93 -7.23
CA SER D 187 3.74 -38.37 -7.21
C SER D 187 3.99 -38.89 -5.78
N SER D 188 3.56 -40.11 -5.53
CA SER D 188 3.93 -40.80 -4.32
C SER D 188 4.50 -42.15 -4.74
N VAL D 189 5.62 -42.53 -4.13
CA VAL D 189 6.20 -43.85 -4.36
C VAL D 189 6.58 -44.62 -3.12
N VAL D 190 6.45 -45.93 -3.23
CA VAL D 190 6.95 -46.84 -2.25
C VAL D 190 7.89 -47.81 -2.95
N THR D 191 9.09 -47.95 -2.41
CA THR D 191 10.01 -48.97 -2.89
C THR D 191 9.76 -50.25 -2.06
N VAL D 192 9.60 -51.36 -2.77
CA VAL D 192 9.23 -52.62 -2.14
C VAL D 192 10.11 -53.74 -2.65
N PRO D 193 10.19 -54.84 -1.89
CA PRO D 193 10.89 -56.05 -2.34
C PRO D 193 10.26 -56.62 -3.61
N SER D 194 11.08 -56.94 -4.61
CA SER D 194 10.57 -57.47 -5.88
C SER D 194 9.93 -58.84 -5.70
N SER D 195 10.41 -59.60 -4.73
CA SER D 195 9.84 -60.89 -4.40
C SER D 195 8.36 -60.77 -4.05
N SER D 196 7.99 -59.64 -3.44
CA SER D 196 6.62 -59.38 -3.02
C SER D 196 5.66 -59.06 -4.17
N LEU D 197 6.21 -58.68 -5.32
CA LEU D 197 5.38 -58.34 -6.45
C LEU D 197 4.53 -59.52 -6.89
N GLY D 198 3.26 -59.26 -7.19
CA GLY D 198 2.36 -60.32 -7.64
C GLY D 198 1.87 -61.26 -6.55
N THR D 199 2.24 -60.99 -5.30
CA THR D 199 1.79 -61.77 -4.15
C THR D 199 1.26 -60.85 -3.06
N GLN D 200 1.71 -59.58 -3.10
CA GLN D 200 1.31 -58.54 -2.16
C GLN D 200 0.54 -57.40 -2.87
N THR D 201 -0.44 -56.83 -2.19
CA THR D 201 -1.32 -55.82 -2.79
C THR D 201 -0.88 -54.40 -2.45
N TYR D 202 -0.85 -53.53 -3.45
CA TYR D 202 -0.52 -52.12 -3.21
C TYR D 202 -1.60 -51.20 -3.74
N ILE D 203 -2.16 -50.42 -2.82
CA ILE D 203 -3.22 -49.48 -3.14
C ILE D 203 -2.89 -48.13 -2.57
N CYS D 204 -2.73 -47.14 -3.44
CA CYS D 204 -2.54 -45.79 -2.94
C CYS D 204 -3.91 -45.17 -2.71
N ASN D 205 -4.04 -44.51 -1.57
CA ASN D 205 -5.27 -43.84 -1.20
C ASN D 205 -5.00 -42.35 -1.22
N VAL D 206 -5.62 -41.67 -2.18
CA VAL D 206 -5.43 -40.23 -2.35
C VAL D 206 -6.64 -39.50 -1.78
N ASN D 207 -6.37 -38.58 -0.87
CA ASN D 207 -7.44 -37.84 -0.25
C ASN D 207 -7.34 -36.34 -0.52
N HIS D 208 -8.34 -35.78 -1.21
CA HIS D 208 -8.35 -34.36 -1.49
C HIS D 208 -9.53 -33.74 -0.78
N LYS D 209 -9.28 -33.28 0.42
CA LYS D 209 -10.31 -32.65 1.25
C LYS D 209 -10.95 -31.38 0.70
N PRO D 210 -10.13 -30.46 0.10
CA PRO D 210 -10.79 -29.26 -0.43
C PRO D 210 -11.90 -29.59 -1.43
N SER D 211 -11.72 -30.61 -2.27
CA SER D 211 -12.81 -30.99 -3.19
C SER D 211 -13.68 -32.11 -2.64
N ASN D 212 -13.42 -32.52 -1.40
CA ASN D 212 -14.11 -33.67 -0.81
C ASN D 212 -14.18 -34.89 -1.74
N THR D 213 -13.02 -35.30 -2.25
CA THR D 213 -12.95 -36.52 -3.06
C THR D 213 -11.84 -37.45 -2.58
N LYS D 214 -12.12 -38.74 -2.62
CA LYS D 214 -11.15 -39.74 -2.23
C LYS D 214 -10.98 -40.67 -3.42
N VAL D 215 -9.76 -41.15 -3.63
CA VAL D 215 -9.51 -42.12 -4.66
C VAL D 215 -8.59 -43.24 -4.15
N ASP D 216 -9.02 -44.49 -4.33
CA ASP D 216 -8.17 -45.66 -4.13
C ASP D 216 -7.81 -46.21 -5.49
N LYS D 217 -6.52 -46.45 -5.72
CA LYS D 217 -6.06 -47.01 -6.98
C LYS D 217 -5.09 -48.13 -6.69
N LYS D 218 -5.37 -49.31 -7.23
CA LYS D 218 -4.48 -50.45 -7.08
C LYS D 218 -3.40 -50.32 -8.12
N VAL D 219 -2.14 -50.40 -7.69
CA VAL D 219 -1.00 -50.36 -8.60
C VAL D 219 -0.47 -51.79 -8.76
N GLU D 220 -0.33 -52.23 -9.99
CA GLU D 220 0.05 -53.61 -10.25
C GLU D 220 1.18 -53.70 -11.26
N PRO D 221 2.00 -54.76 -11.15
CA PRO D 221 3.14 -54.99 -12.05
C PRO D 221 2.71 -55.23 -13.49
N LYS D 222 3.70 -55.23 -14.38
CA LYS D 222 3.48 -55.40 -15.82
C LYS D 222 2.66 -54.26 -16.36
N GLN E 1 -6.37 12.62 7.40
CA GLN E 1 -7.26 12.23 8.49
C GLN E 1 -8.59 12.98 8.43
N SER E 2 -9.51 12.44 7.64
CA SER E 2 -10.89 12.91 7.54
C SER E 2 -11.81 12.09 8.50
N VAL E 3 -11.64 12.30 9.81
CA VAL E 3 -12.19 11.42 10.86
C VAL E 3 -13.52 11.95 11.41
N LEU E 4 -13.81 13.21 11.12
CA LEU E 4 -15.05 13.83 11.54
C LEU E 4 -16.01 13.76 10.35
N THR E 5 -17.24 13.35 10.60
CA THR E 5 -18.19 13.14 9.51
C THR E 5 -19.06 14.35 9.24
N GLN E 6 -19.06 14.78 7.98
CA GLN E 6 -19.92 15.87 7.54
C GLN E 6 -20.83 15.33 6.43
N PRO E 7 -21.98 15.98 6.21
CA PRO E 7 -22.78 15.57 5.05
C PRO E 7 -22.05 15.97 3.77
N PRO E 8 -22.14 15.16 2.72
CA PRO E 8 -21.42 15.60 1.52
C PRO E 8 -22.07 16.82 0.90
N SER E 9 -23.36 17.01 1.11
CA SER E 9 -24.12 18.04 0.41
C SER E 9 -25.21 18.69 1.28
N VAL E 10 -25.24 20.01 1.25
CA VAL E 10 -26.26 20.82 1.92
C VAL E 10 -26.66 21.90 0.93
N SER E 11 -27.95 22.17 0.79
CA SER E 11 -28.37 23.18 -0.18
C SER E 11 -29.51 24.03 0.31
N GLY E 12 -29.63 25.22 -0.24
CA GLY E 12 -30.72 26.10 0.10
C GLY E 12 -30.85 27.20 -0.92
N ALA E 13 -32.03 27.82 -0.95
CA ALA E 13 -32.28 28.92 -1.87
C ALA E 13 -31.58 30.14 -1.32
N PRO E 14 -31.33 31.11 -2.18
CA PRO E 14 -30.83 32.41 -1.70
C PRO E 14 -31.73 32.93 -0.59
N GLY E 15 -31.15 33.46 0.47
CA GLY E 15 -31.93 33.99 1.55
C GLY E 15 -32.34 32.94 2.56
N GLN E 16 -32.15 31.66 2.24
CA GLN E 16 -32.47 30.61 3.19
C GLN E 16 -31.32 30.36 4.14
N ARG E 17 -31.63 29.64 5.22
CA ARG E 17 -30.67 29.21 6.21
C ARG E 17 -30.36 27.72 6.05
N VAL E 18 -29.08 27.36 6.18
CA VAL E 18 -28.66 25.96 6.19
C VAL E 18 -27.72 25.69 7.36
N THR E 19 -27.73 24.46 7.82
CA THR E 19 -26.78 24.03 8.82
C THR E 19 -25.96 22.85 8.30
N ILE E 20 -24.71 22.81 8.74
CA ILE E 20 -23.83 21.72 8.37
C ILE E 20 -23.37 21.04 9.65
N SER E 21 -23.55 19.73 9.72
CA SER E 21 -23.18 19.03 10.91
C SER E 21 -21.77 18.43 10.82
N CYS E 22 -21.13 18.28 11.97
CA CYS E 22 -19.80 17.69 12.08
C CYS E 22 -19.83 16.71 13.25
N THR E 23 -19.84 15.42 12.96
CA THR E 23 -19.94 14.40 13.99
C THR E 23 -18.58 13.78 14.33
N GLY E 24 -18.14 13.99 15.57
CA GLY E 24 -16.87 13.44 16.00
C GLY E 24 -17.06 12.28 16.95
N SER E 25 -16.11 12.13 17.88
CA SER E 25 -16.12 11.02 18.80
C SER E 25 -15.64 11.48 20.16
N SER E 26 -15.49 10.54 21.08
CA SER E 26 -15.05 10.84 22.43
C SER E 26 -13.56 11.17 22.46
N SER E 27 -12.85 10.94 21.37
CA SER E 27 -11.41 11.23 21.31
C SER E 27 -11.07 12.57 20.64
N ASN E 28 -12.09 13.31 20.21
CA ASN E 28 -11.87 14.63 19.61
C ASN E 28 -12.88 15.70 20.06
N ILE E 29 -13.96 15.86 19.31
CA ILE E 29 -14.99 16.81 19.71
C ILE E 29 -15.46 16.50 21.14
N GLY E 30 -15.84 15.25 21.38
CA GLY E 30 -16.20 14.83 22.73
C GLY E 30 -15.10 14.81 23.80
N ALA E 31 -13.85 15.05 23.42
CA ALA E 31 -12.78 15.10 24.43
C ALA E 31 -12.47 16.54 24.83
N HIS E 32 -13.37 17.45 24.48
CA HIS E 32 -13.31 18.87 24.86
C HIS E 32 -12.35 19.74 24.03
N TYR E 33 -12.08 19.33 22.78
CA TYR E 33 -11.24 20.13 21.91
C TYR E 33 -12.11 21.01 21.00
N ASP E 34 -11.70 22.27 20.92
CA ASP E 34 -12.31 23.26 20.04
C ASP E 34 -12.58 22.74 18.64
N VAL E 35 -13.61 23.28 18.00
CA VAL E 35 -13.82 22.99 16.59
C VAL E 35 -13.63 24.28 15.79
N HIS E 36 -12.99 24.18 14.63
CA HIS E 36 -12.86 25.34 13.75
C HIS E 36 -13.38 24.98 12.35
N TRP E 37 -13.73 25.99 11.57
CA TRP E 37 -14.32 25.79 10.25
C TRP E 37 -13.60 26.56 9.15
N TYR E 38 -13.47 25.93 8.00
CA TYR E 38 -12.80 26.57 6.87
C TYR E 38 -13.69 26.57 5.65
N GLN E 39 -13.62 27.66 4.90
CA GLN E 39 -14.28 27.79 3.63
C GLN E 39 -13.27 27.65 2.50
N GLN E 40 -13.58 26.81 1.52
CA GLN E 40 -12.74 26.67 0.37
C GLN E 40 -13.53 26.81 -0.93
N LEU E 41 -13.36 27.95 -1.59
CA LEU E 41 -13.82 28.16 -2.95
C LEU E 41 -12.89 27.44 -3.94
N PRO E 42 -13.46 26.94 -5.04
CA PRO E 42 -12.73 26.20 -6.09
C PRO E 42 -11.40 26.85 -6.52
N GLY E 43 -10.31 26.13 -6.30
CA GLY E 43 -9.00 26.60 -6.72
C GLY E 43 -8.28 27.46 -5.69
N THR E 44 -8.98 27.82 -4.62
CA THR E 44 -8.37 28.67 -3.60
C THR E 44 -7.88 27.85 -2.42
N ALA E 45 -7.06 28.45 -1.59
CA ALA E 45 -6.63 27.81 -0.37
C ALA E 45 -7.80 27.85 0.62
N PRO E 46 -7.81 26.92 1.57
CA PRO E 46 -8.83 27.05 2.61
C PRO E 46 -8.64 28.36 3.36
N LYS E 47 -9.70 28.83 4.00
CA LYS E 47 -9.70 30.10 4.68
C LYS E 47 -10.53 29.96 5.95
N LEU E 48 -9.97 30.39 7.07
CA LEU E 48 -10.62 30.30 8.36
C LEU E 48 -11.93 31.11 8.36
N LEU E 49 -13.00 30.44 8.77
CA LEU E 49 -14.34 31.01 8.81
C LEU E 49 -14.88 31.15 10.24
N ILE E 50 -14.70 30.11 11.05
CA ILE E 50 -15.15 30.09 12.43
C ILE E 50 -14.02 29.50 13.20
N TYR E 51 -13.66 30.14 14.31
CA TYR E 51 -12.69 29.55 15.22
C TYR E 51 -13.21 29.44 16.65
N GLY E 52 -12.73 28.45 17.38
CA GLY E 52 -13.12 28.26 18.76
C GLY E 52 -14.62 28.04 18.86
N ASN E 53 -15.10 27.11 18.04
CA ASN E 53 -16.52 26.73 18.00
C ASN E 53 -17.47 27.77 17.41
N SER E 54 -17.32 29.02 17.82
CA SER E 54 -18.36 30.01 17.59
C SER E 54 -17.87 31.41 17.24
N ASN E 55 -16.55 31.58 17.13
CA ASN E 55 -16.00 32.91 16.89
C ASN E 55 -15.70 33.21 15.43
N ARG E 56 -15.95 34.45 15.04
CA ARG E 56 -15.75 34.89 13.67
C ARG E 56 -14.52 35.77 13.57
N PRO E 57 -13.56 35.39 12.71
CA PRO E 57 -12.45 36.31 12.46
C PRO E 57 -12.99 37.57 11.80
N SER E 58 -12.36 38.70 12.05
CA SER E 58 -12.86 39.95 11.50
C SER E 58 -12.84 39.84 9.98
N GLY E 59 -13.83 40.42 9.32
CA GLY E 59 -13.98 40.26 7.88
C GLY E 59 -15.02 39.21 7.48
N VAL E 60 -15.36 38.32 8.39
CA VAL E 60 -16.33 37.27 8.08
C VAL E 60 -17.72 37.74 8.45
N PRO E 61 -18.67 37.65 7.50
CA PRO E 61 -20.02 38.17 7.69
C PRO E 61 -20.72 37.45 8.82
N ASP E 62 -21.69 38.10 9.46
CA ASP E 62 -22.41 37.47 10.57
C ASP E 62 -23.55 36.53 10.12
N ARG E 63 -23.55 36.18 8.84
CA ARG E 63 -24.41 35.11 8.35
C ARG E 63 -23.89 33.82 8.89
N PHE E 64 -22.59 33.81 9.19
CA PHE E 64 -21.94 32.60 9.64
C PHE E 64 -21.94 32.54 11.16
N SER E 65 -22.32 31.39 11.69
CA SER E 65 -22.27 31.14 13.11
C SER E 65 -21.99 29.68 13.32
N GLY E 66 -21.48 29.35 14.50
CA GLY E 66 -21.10 27.98 14.81
C GLY E 66 -21.39 27.68 16.26
N SER E 67 -21.59 26.41 16.56
CA SER E 67 -21.78 25.97 17.92
C SER E 67 -21.32 24.54 18.03
N LYS E 68 -21.28 24.03 19.26
CA LYS E 68 -20.77 22.71 19.55
C LYS E 68 -21.49 22.18 20.78
N SER E 69 -21.99 20.94 20.69
CA SER E 69 -22.59 20.28 21.83
C SER E 69 -22.19 18.83 21.84
N GLY E 70 -21.83 18.35 23.02
CA GLY E 70 -21.46 16.96 23.19
C GLY E 70 -20.38 16.50 22.26
N THR E 71 -20.78 15.74 21.25
CA THR E 71 -19.85 15.00 20.42
C THR E 71 -19.89 15.52 18.98
N SER E 72 -20.65 16.60 18.79
CA SER E 72 -20.88 17.15 17.47
C SER E 72 -20.67 18.67 17.43
N ALA E 73 -20.57 19.22 16.23
CA ALA E 73 -20.51 20.66 16.05
C ALA E 73 -21.33 21.05 14.83
N SER E 74 -21.58 22.34 14.68
CA SER E 74 -22.50 22.80 13.65
C SER E 74 -22.11 24.16 13.13
N LEU E 75 -22.21 24.32 11.82
CA LEU E 75 -21.98 25.61 11.19
C LEU E 75 -23.31 26.04 10.58
N ALA E 76 -23.76 27.24 10.91
CA ALA E 76 -25.01 27.76 10.31
C ALA E 76 -24.72 28.94 9.40
N ILE E 77 -25.37 28.95 8.24
CA ILE E 77 -25.29 30.10 7.35
C ILE E 77 -26.69 30.57 7.19
N THR E 78 -27.02 31.69 7.81
CA THR E 78 -28.40 32.15 7.73
C THR E 78 -28.44 33.27 6.72
N GLY E 79 -29.16 33.06 5.63
CA GLY E 79 -29.26 34.07 4.60
C GLY E 79 -28.28 33.77 3.49
N LEU E 80 -28.41 32.58 2.91
CA LEU E 80 -27.56 32.13 1.82
C LEU E 80 -27.41 33.14 0.68
N GLN E 81 -26.16 33.36 0.29
CA GLN E 81 -25.82 34.23 -0.84
C GLN E 81 -25.05 33.41 -1.85
N ALA E 82 -25.07 33.85 -3.11
CA ALA E 82 -24.46 33.07 -4.18
C ALA E 82 -22.96 32.88 -3.99
N GLU E 83 -22.34 33.79 -3.24
CA GLU E 83 -20.91 33.74 -3.00
C GLU E 83 -20.57 32.65 -1.98
N ASP E 84 -21.58 32.25 -1.21
CA ASP E 84 -21.41 31.23 -0.17
C ASP E 84 -21.23 29.81 -0.72
N GLU E 85 -21.43 29.64 -2.03
CA GLU E 85 -21.25 28.34 -2.65
C GLU E 85 -19.78 27.95 -2.68
N ALA E 86 -19.41 27.01 -1.84
CA ALA E 86 -18.03 26.58 -1.70
C ALA E 86 -18.01 25.29 -0.91
N ASP E 87 -16.80 24.82 -0.61
CA ASP E 87 -16.62 23.67 0.27
C ASP E 87 -16.34 24.17 1.69
N TYR E 88 -16.80 23.38 2.67
CA TYR E 88 -16.67 23.74 4.06
C TYR E 88 -16.13 22.54 4.82
N TYR E 89 -15.12 22.78 5.64
CA TYR E 89 -14.49 21.72 6.43
C TYR E 89 -14.50 22.12 7.89
N CYS E 90 -14.97 21.23 8.74
CA CYS E 90 -14.71 21.42 10.16
C CYS E 90 -13.31 20.83 10.46
N GLN E 91 -12.76 21.19 11.61
CA GLN E 91 -11.40 20.77 11.98
C GLN E 91 -11.31 20.77 13.48
N SER E 92 -10.67 19.74 14.04
CA SER E 92 -10.38 19.70 15.46
C SER E 92 -9.09 18.93 15.73
N TYR E 93 -8.95 18.41 16.95
CA TYR E 93 -7.77 17.66 17.36
C TYR E 93 -8.20 16.33 17.99
N ASP E 94 -7.50 15.25 17.62
CA ASP E 94 -7.80 13.92 18.16
C ASP E 94 -6.66 13.50 19.10
N SER E 95 -6.98 13.24 20.36
CA SER E 95 -5.97 12.85 21.34
C SER E 95 -5.46 11.42 21.13
N SER E 96 -6.23 10.58 20.43
CA SER E 96 -5.74 9.25 20.10
C SER E 96 -4.76 9.23 18.91
N LEU E 97 -5.11 9.91 17.82
CA LEU E 97 -4.18 10.06 16.71
C LEU E 97 -3.02 10.97 17.11
N SER E 98 -3.28 11.83 18.09
CA SER E 98 -2.30 12.79 18.59
C SER E 98 -1.88 13.81 17.52
N GLY E 99 -2.88 14.25 16.74
CA GLY E 99 -2.65 15.21 15.68
C GLY E 99 -3.94 15.91 15.28
N TYR E 100 -3.82 16.78 14.28
CA TYR E 100 -4.94 17.50 13.70
C TYR E 100 -5.91 16.58 12.96
N VAL E 101 -7.20 16.87 13.05
CA VAL E 101 -8.19 16.13 12.27
C VAL E 101 -9.15 17.05 11.53
N PHE E 102 -9.47 16.68 10.30
CA PHE E 102 -10.38 17.46 9.48
C PHE E 102 -11.62 16.66 9.13
N GLY E 103 -12.73 17.35 8.89
CA GLY E 103 -13.95 16.70 8.46
C GLY E 103 -13.86 16.22 7.02
N THR E 104 -14.88 15.51 6.54
CA THR E 104 -14.84 14.97 5.20
C THR E 104 -15.27 16.02 4.15
N GLY E 105 -15.81 17.13 4.61
CA GLY E 105 -16.15 18.23 3.73
C GLY E 105 -17.60 18.23 3.28
N THR E 106 -18.17 19.43 3.15
CA THR E 106 -19.53 19.59 2.71
C THR E 106 -19.54 20.60 1.61
N LYS E 107 -20.15 20.27 0.48
CA LYS E 107 -20.40 21.30 -0.52
C LYS E 107 -21.74 21.95 -0.21
N VAL E 108 -21.77 23.27 -0.15
CA VAL E 108 -23.06 23.93 -0.13
C VAL E 108 -23.35 24.56 -1.46
N THR E 109 -24.52 24.23 -1.99
CA THR E 109 -25.01 24.78 -3.23
C THR E 109 -26.07 25.83 -2.90
N VAL E 110 -25.96 26.99 -3.52
CA VAL E 110 -27.05 27.96 -3.47
C VAL E 110 -27.91 27.73 -4.70
N LEU E 111 -29.07 27.10 -4.48
CA LEU E 111 -29.95 26.57 -5.53
C LEU E 111 -30.42 27.60 -6.55
N GLY E 112 -30.08 27.38 -7.82
CA GLY E 112 -30.52 28.24 -8.90
C GLY E 112 -31.38 27.51 -9.91
N GLN E 113 -31.79 26.29 -9.56
CA GLN E 113 -32.60 25.46 -10.45
C GLN E 113 -33.13 24.32 -9.59
N PRO E 114 -34.13 23.58 -10.11
CA PRO E 114 -34.66 22.54 -9.22
C PRO E 114 -33.72 21.34 -9.08
N LYS E 115 -33.83 20.65 -7.95
CA LYS E 115 -33.14 19.40 -7.69
C LYS E 115 -33.42 18.44 -8.84
N ALA E 116 -32.38 17.72 -9.28
CA ALA E 116 -32.47 16.73 -10.35
C ALA E 116 -31.78 15.43 -9.94
N ASN E 117 -32.48 14.30 -10.14
CA ASN E 117 -31.96 12.98 -9.81
C ASN E 117 -31.06 12.50 -10.93
N PRO E 118 -29.94 11.87 -10.58
CA PRO E 118 -28.98 11.48 -11.61
C PRO E 118 -29.50 10.32 -12.44
N THR E 119 -29.14 10.32 -13.73
CA THR E 119 -29.21 9.13 -14.54
C THR E 119 -27.86 8.39 -14.41
N VAL E 120 -27.91 7.11 -14.05
CA VAL E 120 -26.71 6.33 -13.88
C VAL E 120 -26.64 5.21 -14.93
N THR E 121 -25.55 5.16 -15.68
CA THR E 121 -25.33 4.11 -16.65
C THR E 121 -24.01 3.43 -16.37
N LEU E 122 -24.03 2.10 -16.30
CA LEU E 122 -22.84 1.35 -15.99
C LEU E 122 -22.46 0.40 -17.13
N PHE E 123 -21.29 0.62 -17.72
CA PHE E 123 -20.74 -0.23 -18.78
C PHE E 123 -19.65 -1.22 -18.29
N PRO E 124 -19.76 -2.49 -18.69
CA PRO E 124 -18.67 -3.44 -18.42
C PRO E 124 -17.48 -3.16 -19.33
N PRO E 125 -16.35 -3.86 -19.11
CA PRO E 125 -15.32 -3.68 -20.13
C PRO E 125 -15.72 -4.38 -21.42
N SER E 126 -15.48 -3.71 -22.54
CA SER E 126 -15.64 -4.32 -23.85
C SER E 126 -14.67 -5.49 -24.00
N SER E 127 -15.09 -6.50 -24.75
CA SER E 127 -14.22 -7.64 -25.05
C SER E 127 -12.95 -7.19 -25.76
N GLU E 128 -13.06 -6.08 -26.47
CA GLU E 128 -11.92 -5.44 -27.10
C GLU E 128 -10.87 -5.01 -26.08
N GLU E 129 -11.30 -4.50 -24.93
CA GLU E 129 -10.34 -4.09 -23.91
C GLU E 129 -9.78 -5.34 -23.21
N LEU E 130 -10.66 -6.29 -22.95
CA LEU E 130 -10.25 -7.56 -22.38
C LEU E 130 -9.16 -8.18 -23.26
N GLN E 131 -9.38 -8.17 -24.58
CA GLN E 131 -8.41 -8.73 -25.51
C GLN E 131 -7.08 -7.96 -25.43
N ALA E 132 -7.12 -6.74 -24.91
CA ALA E 132 -5.89 -5.98 -24.69
C ALA E 132 -5.24 -6.29 -23.33
N ASN E 133 -5.75 -7.33 -22.65
CA ASN E 133 -5.31 -7.67 -21.29
C ASN E 133 -5.62 -6.59 -20.25
N LYS E 134 -6.69 -5.83 -20.48
CA LYS E 134 -7.06 -4.77 -19.55
C LYS E 134 -8.54 -4.82 -19.25
N ALA E 135 -8.99 -4.07 -18.24
CA ALA E 135 -10.39 -4.12 -17.84
C ALA E 135 -10.85 -2.87 -17.08
N THR E 136 -11.78 -2.14 -17.66
CA THR E 136 -12.28 -0.94 -17.02
C THR E 136 -13.79 -0.98 -16.96
N LEU E 137 -14.34 -0.78 -15.76
CA LEU E 137 -15.76 -0.54 -15.61
C LEU E 137 -15.97 0.97 -15.65
N VAL E 138 -17.01 1.39 -16.36
CA VAL E 138 -17.23 2.81 -16.55
C VAL E 138 -18.61 3.19 -16.03
N CYS E 139 -18.63 4.06 -15.02
CA CYS E 139 -19.88 4.49 -14.41
C CYS E 139 -20.15 5.94 -14.73
N LEU E 140 -21.15 6.15 -15.57
CA LEU E 140 -21.46 7.47 -16.06
C LEU E 140 -22.69 8.06 -15.38
N ILE E 141 -22.49 9.20 -14.73
CA ILE E 141 -23.54 9.86 -13.98
C ILE E 141 -23.91 11.24 -14.53
N SER E 142 -25.16 11.42 -14.91
CA SER E 142 -25.57 12.64 -15.59
C SER E 142 -26.90 13.22 -15.11
N ASP E 143 -27.15 14.48 -15.49
CA ASP E 143 -28.42 15.18 -15.27
C ASP E 143 -28.81 15.39 -13.81
N PHE E 144 -27.84 15.65 -12.95
CA PHE E 144 -28.17 15.77 -11.54
C PHE E 144 -27.85 17.14 -11.00
N TYR E 145 -28.59 17.52 -9.98
CA TYR E 145 -28.38 18.78 -9.31
C TYR E 145 -28.97 18.69 -7.92
N PRO E 146 -28.24 19.20 -6.90
CA PRO E 146 -26.92 19.87 -6.87
C PRO E 146 -25.70 19.02 -7.34
N GLY E 147 -24.61 19.70 -7.71
CA GLY E 147 -23.43 19.04 -8.24
C GLY E 147 -22.52 18.40 -7.21
N ALA E 148 -23.06 17.41 -6.49
CA ALA E 148 -22.30 16.60 -5.55
C ALA E 148 -22.83 15.15 -5.53
N VAL E 149 -21.95 14.19 -5.75
CA VAL E 149 -22.29 12.78 -5.62
C VAL E 149 -21.19 12.00 -4.91
N THR E 150 -21.55 10.88 -4.30
CA THR E 150 -20.54 9.99 -3.79
C THR E 150 -20.73 8.66 -4.51
N VAL E 151 -19.63 8.06 -4.94
CA VAL E 151 -19.67 6.81 -5.67
C VAL E 151 -18.96 5.69 -4.93
N ALA E 152 -19.63 4.56 -4.78
CA ALA E 152 -19.00 3.39 -4.19
C ALA E 152 -19.04 2.21 -5.16
N TRP E 153 -17.98 1.41 -5.17
CA TRP E 153 -17.95 0.22 -6.02
C TRP E 153 -17.98 -1.06 -5.19
N LYS E 154 -18.59 -2.10 -5.73
CA LYS E 154 -18.63 -3.37 -5.05
C LYS E 154 -18.31 -4.55 -5.96
N ALA E 155 -17.67 -5.56 -5.41
CA ALA E 155 -17.34 -6.79 -6.13
C ALA E 155 -18.03 -7.96 -5.43
N ASP E 156 -19.03 -8.56 -6.10
CA ASP E 156 -19.97 -9.48 -5.46
C ASP E 156 -20.50 -8.89 -4.16
N SER E 157 -20.96 -7.65 -4.26
CA SER E 157 -21.53 -6.89 -3.16
C SER E 157 -20.55 -6.64 -1.99
N SER E 158 -19.27 -6.71 -2.28
CA SER E 158 -18.25 -6.40 -1.29
C SER E 158 -17.51 -5.14 -1.72
N PRO E 159 -17.33 -4.19 -0.80
CA PRO E 159 -16.83 -2.88 -1.26
C PRO E 159 -15.39 -3.00 -1.72
N VAL E 160 -14.98 -2.17 -2.65
CA VAL E 160 -13.62 -2.27 -3.17
C VAL E 160 -12.99 -0.88 -3.29
N LYS E 161 -11.68 -0.81 -3.12
CA LYS E 161 -11.03 0.47 -2.88
C LYS E 161 -9.92 0.78 -3.89
N ALA E 162 -9.19 -0.23 -4.30
CA ALA E 162 -8.11 -0.04 -5.25
C ALA E 162 -8.65 0.14 -6.67
N GLY E 163 -7.91 0.89 -7.47
CA GLY E 163 -8.23 1.05 -8.88
C GLY E 163 -9.44 1.90 -9.20
N VAL E 164 -9.95 2.66 -8.24
CA VAL E 164 -11.08 3.56 -8.49
C VAL E 164 -10.64 4.99 -8.75
N GLU E 165 -11.23 5.58 -9.78
CA GLU E 165 -10.88 6.93 -10.18
C GLU E 165 -12.17 7.67 -10.56
N THR E 166 -12.46 8.78 -9.87
CA THR E 166 -13.72 9.52 -10.02
C THR E 166 -13.52 11.01 -10.29
N THR E 167 -14.21 11.55 -11.29
CA THR E 167 -14.14 12.99 -11.59
C THR E 167 -15.10 13.82 -10.72
N THR E 168 -14.72 15.05 -10.43
CA THR E 168 -15.62 15.94 -9.72
C THR E 168 -16.67 16.45 -10.68
N PRO E 169 -17.89 16.64 -10.18
CA PRO E 169 -19.02 17.03 -11.02
C PRO E 169 -18.75 18.32 -11.77
N SER E 170 -19.14 18.39 -13.04
CA SER E 170 -18.99 19.61 -13.80
C SER E 170 -20.20 19.82 -14.71
N LYS E 171 -20.44 21.06 -15.13
CA LYS E 171 -21.63 21.37 -15.91
C LYS E 171 -21.72 20.63 -17.24
N GLN E 172 -22.94 20.25 -17.58
CA GLN E 172 -23.29 19.77 -18.89
C GLN E 172 -23.75 20.96 -19.71
N SER E 173 -24.07 20.73 -20.97
CA SER E 173 -24.53 21.85 -21.81
C SER E 173 -25.90 22.34 -21.36
N ASN E 174 -26.73 21.44 -20.84
CA ASN E 174 -28.03 21.83 -20.28
C ASN E 174 -27.97 22.36 -18.84
N ASN E 175 -26.75 22.62 -18.37
CA ASN E 175 -26.52 23.27 -17.07
C ASN E 175 -26.84 22.42 -15.83
N LYS E 176 -27.14 21.14 -16.03
CA LYS E 176 -27.17 20.20 -14.92
C LYS E 176 -25.76 19.62 -14.79
N TYR E 177 -25.51 18.83 -13.77
CA TYR E 177 -24.16 18.30 -13.58
C TYR E 177 -24.01 16.85 -14.01
N ALA E 178 -22.75 16.49 -14.25
CA ALA E 178 -22.38 15.13 -14.62
C ALA E 178 -21.05 14.72 -13.98
N ALA E 179 -20.89 13.42 -13.77
CA ALA E 179 -19.64 12.90 -13.26
C ALA E 179 -19.37 11.49 -13.81
N SER E 180 -18.10 11.09 -13.80
CA SER E 180 -17.72 9.74 -14.17
C SER E 180 -16.88 9.06 -13.11
N SER E 181 -17.04 7.74 -13.00
CA SER E 181 -16.20 6.96 -12.12
C SER E 181 -15.75 5.72 -12.88
N TYR E 182 -14.52 5.30 -12.60
CA TYR E 182 -13.86 4.20 -13.29
C TYR E 182 -13.32 3.19 -12.30
N LEU E 183 -13.52 1.93 -12.62
CA LEU E 183 -12.95 0.85 -11.84
C LEU E 183 -12.01 0.00 -12.72
N SER E 184 -10.71 0.07 -12.40
CA SER E 184 -9.70 -0.71 -13.12
C SER E 184 -9.46 -2.09 -12.51
N LEU E 185 -9.49 -3.10 -13.36
CA LEU E 185 -9.31 -4.49 -12.94
C LEU E 185 -8.29 -5.15 -13.86
N THR E 186 -7.65 -6.22 -13.39
CA THR E 186 -7.07 -7.16 -14.34
C THR E 186 -8.22 -8.03 -14.90
N PRO E 187 -8.05 -8.59 -16.10
CA PRO E 187 -9.06 -9.52 -16.64
C PRO E 187 -9.42 -10.70 -15.70
N GLU E 188 -8.42 -11.24 -14.99
CA GLU E 188 -8.62 -12.33 -14.03
C GLU E 188 -9.56 -11.89 -12.89
N GLN E 189 -9.53 -10.61 -12.52
CA GLN E 189 -10.38 -10.11 -11.44
C GLN E 189 -11.81 -9.88 -11.93
N TRP E 190 -11.91 -9.43 -13.17
CA TRP E 190 -13.21 -9.33 -13.84
C TRP E 190 -13.88 -10.70 -13.93
N LYS E 191 -13.17 -11.67 -14.51
CA LYS E 191 -13.76 -12.95 -14.87
C LYS E 191 -14.07 -13.85 -13.70
N SER E 192 -13.39 -13.63 -12.57
CA SER E 192 -13.55 -14.49 -11.42
C SER E 192 -14.81 -14.20 -10.59
N HIS E 193 -15.50 -13.11 -10.91
CA HIS E 193 -16.61 -12.66 -10.08
C HIS E 193 -17.97 -12.87 -10.70
N ARG E 194 -18.97 -12.98 -9.85
CA ARG E 194 -20.35 -13.04 -10.31
C ARG E 194 -20.81 -11.68 -10.83
N SER E 195 -20.59 -10.61 -10.07
CA SER E 195 -21.04 -9.28 -10.49
C SER E 195 -20.24 -8.13 -9.88
N TYR E 196 -20.22 -6.99 -10.57
CA TYR E 196 -19.68 -5.77 -9.99
C TYR E 196 -20.77 -4.71 -9.93
N SER E 197 -20.66 -3.81 -8.96
CA SER E 197 -21.66 -2.76 -8.83
C SER E 197 -21.07 -1.36 -8.71
N CYS E 198 -21.81 -0.40 -9.24
CA CYS E 198 -21.57 1.01 -9.07
C CYS E 198 -22.75 1.54 -8.27
N GLN E 199 -22.48 2.15 -7.13
CA GLN E 199 -23.54 2.70 -6.30
C GLN E 199 -23.38 4.22 -6.16
N VAL E 200 -24.34 4.94 -6.70
CA VAL E 200 -24.30 6.38 -6.64
C VAL E 200 -25.25 6.90 -5.58
N THR E 201 -24.72 7.66 -4.64
CA THR E 201 -25.55 8.35 -3.66
C THR E 201 -25.64 9.82 -4.03
N HIS E 202 -26.87 10.32 -4.16
CA HIS E 202 -27.06 11.74 -4.43
C HIS E 202 -28.23 12.24 -3.60
N GLU E 203 -28.01 13.32 -2.87
CA GLU E 203 -29.01 13.90 -1.98
C GLU E 203 -29.74 12.84 -1.13
N GLY E 204 -28.98 11.92 -0.55
CA GLY E 204 -29.55 10.92 0.35
C GLY E 204 -30.27 9.78 -0.35
N SER E 205 -30.21 9.74 -1.67
CA SER E 205 -30.78 8.63 -2.40
C SER E 205 -29.65 7.92 -3.12
N THR E 206 -29.85 6.63 -3.35
CA THR E 206 -28.86 5.74 -3.87
C THR E 206 -29.38 5.06 -5.11
N VAL E 207 -28.52 4.92 -6.11
CA VAL E 207 -28.82 4.08 -7.26
C VAL E 207 -27.69 3.07 -7.42
N GLU E 208 -28.03 1.79 -7.53
CA GLU E 208 -27.02 0.80 -7.82
C GLU E 208 -27.24 0.15 -9.19
N LYS E 209 -26.20 0.21 -10.02
CA LYS E 209 -26.19 -0.54 -11.26
C LYS E 209 -25.21 -1.70 -11.15
N THR E 210 -25.50 -2.78 -11.88
CA THR E 210 -24.76 -4.04 -11.79
C THR E 210 -24.41 -4.60 -13.16
N VAL E 211 -23.18 -5.11 -13.29
CA VAL E 211 -22.77 -5.83 -14.49
C VAL E 211 -22.13 -7.15 -14.10
N ALA E 212 -22.33 -8.17 -14.91
CA ALA E 212 -21.73 -9.48 -14.66
C ALA E 212 -20.84 -9.87 -15.84
N PRO E 213 -19.70 -10.51 -15.57
CA PRO E 213 -18.83 -10.96 -16.66
C PRO E 213 -19.49 -11.96 -17.61
N THR E 214 -20.60 -12.55 -17.17
CA THR E 214 -21.47 -13.36 -18.03
C THR E 214 -22.63 -12.50 -18.55
N GLU E 215 -22.38 -11.77 -19.63
CA GLU E 215 -23.38 -10.91 -20.29
C GLU E 215 -22.72 -10.12 -21.42
N GLN F 1 -1.56 39.95 9.77
CA GLN F 1 -0.71 40.64 8.79
C GLN F 1 0.26 39.66 8.13
N VAL F 2 0.41 38.49 8.73
CA VAL F 2 1.24 37.40 8.19
C VAL F 2 0.90 37.06 6.73
N GLN F 3 1.90 37.04 5.85
CA GLN F 3 1.67 36.67 4.46
C GLN F 3 2.56 35.52 4.04
N LEU F 4 1.94 34.44 3.57
CA LEU F 4 2.67 33.24 3.19
C LEU F 4 2.72 33.09 1.68
N VAL F 5 3.93 32.94 1.15
CA VAL F 5 4.15 32.78 -0.28
C VAL F 5 5.00 31.54 -0.55
N GLN F 6 4.46 30.60 -1.31
CA GLN F 6 5.14 29.32 -1.48
C GLN F 6 5.83 29.18 -2.82
N SER F 7 6.82 28.29 -2.86
CA SER F 7 7.48 27.91 -4.11
C SER F 7 6.52 27.41 -5.20
N GLY F 8 7.04 27.26 -6.41
CA GLY F 8 6.23 26.97 -7.59
C GLY F 8 5.89 25.50 -7.76
N ALA F 9 4.93 25.27 -8.65
CA ALA F 9 4.46 23.92 -8.99
C ALA F 9 5.58 23.00 -9.42
N GLU F 10 5.51 21.76 -8.94
CA GLU F 10 6.54 20.78 -9.21
C GLU F 10 5.98 19.58 -9.94
N VAL F 11 6.78 19.01 -10.82
CA VAL F 11 6.49 17.68 -11.30
C VAL F 11 7.72 16.80 -11.08
N LYS F 12 7.49 15.64 -10.50
CA LYS F 12 8.58 14.85 -9.95
C LYS F 12 8.44 13.37 -10.29
N LYS F 13 9.53 12.76 -10.72
CA LYS F 13 9.58 11.32 -10.96
C LYS F 13 9.29 10.55 -9.69
N PRO F 14 8.61 9.40 -9.81
CA PRO F 14 8.39 8.53 -8.63
C PRO F 14 9.71 8.13 -7.99
N GLY F 15 9.74 8.00 -6.67
CA GLY F 15 10.97 7.64 -5.98
C GLY F 15 11.81 8.83 -5.57
N SER F 16 11.74 9.93 -6.32
CA SER F 16 12.54 11.10 -5.95
C SER F 16 11.92 11.86 -4.77
N SER F 17 12.51 12.98 -4.38
CA SER F 17 11.94 13.79 -3.30
C SER F 17 11.63 15.22 -3.76
N VAL F 18 10.72 15.88 -3.04
CA VAL F 18 10.39 17.26 -3.36
C VAL F 18 10.56 18.18 -2.14
N LYS F 19 11.03 19.41 -2.38
CA LYS F 19 11.19 20.37 -1.30
C LYS F 19 10.36 21.60 -1.58
N VAL F 20 9.39 21.87 -0.71
CA VAL F 20 8.50 22.99 -0.88
C VAL F 20 8.80 24.06 0.15
N SER F 21 8.95 25.30 -0.31
CA SER F 21 9.32 26.39 0.57
C SER F 21 8.13 27.27 0.89
N CYS F 22 8.20 27.95 2.03
CA CYS F 22 7.15 28.86 2.43
C CYS F 22 7.78 30.10 3.04
N LYS F 23 7.80 31.19 2.27
CA LYS F 23 8.38 32.45 2.72
C LYS F 23 7.35 33.28 3.46
N ALA F 24 7.59 33.51 4.74
CA ALA F 24 6.66 34.31 5.52
C ALA F 24 7.10 35.77 5.55
N SER F 25 6.14 36.65 5.29
CA SER F 25 6.41 38.07 5.39
C SER F 25 5.54 38.70 6.48
N GLY F 26 6.03 39.79 7.07
CA GLY F 26 5.29 40.49 8.11
C GLY F 26 5.27 39.77 9.45
N GLY F 27 6.30 38.96 9.69
CA GLY F 27 6.41 38.26 10.96
C GLY F 27 7.60 37.33 11.09
N ASN F 28 8.41 37.55 12.12
CA ASN F 28 9.45 36.60 12.51
C ASN F 28 8.77 35.28 12.88
N PHE F 29 9.19 34.17 12.27
CA PHE F 29 8.42 32.93 12.44
C PHE F 29 8.65 32.24 13.78
N ASN F 30 9.49 32.84 14.63
CA ASN F 30 9.52 32.46 16.02
C ASN F 30 8.27 32.93 16.76
N THR F 31 7.48 33.79 16.15
CA THR F 31 6.27 34.25 16.81
C THR F 31 5.08 33.38 16.43
N TYR F 32 5.29 32.32 15.66
CA TYR F 32 4.18 31.40 15.38
C TYR F 32 4.57 29.95 15.06
N THR F 33 3.57 29.15 14.71
CA THR F 33 3.75 27.74 14.38
C THR F 33 3.44 27.52 12.90
N ILE F 34 4.31 26.78 12.22
CA ILE F 34 4.08 26.46 10.83
C ILE F 34 3.73 24.99 10.62
N SER F 35 2.57 24.75 10.00
CA SER F 35 2.13 23.42 9.63
C SER F 35 2.12 23.27 8.12
N TRP F 36 2.04 22.02 7.68
CA TRP F 36 1.81 21.73 6.28
C TRP F 36 0.57 20.85 6.14
N VAL F 37 -0.29 21.25 5.23
CA VAL F 37 -1.49 20.51 4.95
C VAL F 37 -1.53 20.23 3.46
N ARG F 38 -1.75 18.97 3.08
CA ARG F 38 -1.90 18.64 1.67
C ARG F 38 -3.36 18.29 1.29
N GLN F 39 -3.67 18.46 0.01
CA GLN F 39 -4.99 18.14 -0.52
C GLN F 39 -4.87 17.40 -1.86
N ALA F 40 -5.00 16.08 -1.84
CA ALA F 40 -5.07 15.30 -3.07
C ALA F 40 -6.27 15.78 -3.90
N PRO F 41 -6.18 15.69 -5.24
CA PRO F 41 -7.22 16.26 -6.12
C PRO F 41 -8.62 15.68 -5.88
N GLY F 42 -9.58 16.55 -5.60
CA GLY F 42 -10.95 16.14 -5.31
C GLY F 42 -11.18 15.62 -3.89
N GLN F 43 -10.16 15.68 -3.04
CA GLN F 43 -10.18 15.02 -1.75
C GLN F 43 -10.17 16.04 -0.63
N GLY F 44 -10.12 15.54 0.61
CA GLY F 44 -10.11 16.41 1.78
C GLY F 44 -8.72 16.89 2.20
N LEU F 45 -8.55 17.08 3.50
CA LEU F 45 -7.39 17.78 4.00
C LEU F 45 -6.59 16.85 4.88
N GLU F 46 -5.26 16.91 4.73
CA GLU F 46 -4.37 16.10 5.55
C GLU F 46 -3.12 16.84 6.03
N TRP F 47 -2.91 16.75 7.35
CA TRP F 47 -1.85 17.44 8.05
C TRP F 47 -0.58 16.62 7.90
N MET F 48 0.50 17.28 7.49
CA MET F 48 1.76 16.61 7.21
C MET F 48 2.78 16.79 8.34
N GLY F 49 2.44 17.60 9.33
CA GLY F 49 3.35 17.91 10.41
C GLY F 49 3.45 19.40 10.66
N ARG F 50 4.08 19.77 11.76
CA ARG F 50 4.21 21.14 12.15
C ARG F 50 5.63 21.40 12.66
N ILE F 51 6.07 22.65 12.55
CA ILE F 51 7.26 23.08 13.27
C ILE F 51 6.94 24.28 14.20
N ILE F 52 7.56 24.29 15.37
CA ILE F 52 7.44 25.43 16.26
C ILE F 52 8.85 25.94 16.51
N PRO F 53 9.28 26.90 15.69
CA PRO F 53 10.72 27.24 15.70
C PRO F 53 11.24 27.74 17.05
N ILE F 54 10.51 28.57 17.77
CA ILE F 54 10.96 29.09 19.07
C ILE F 54 11.31 27.98 20.08
N PHE F 55 10.67 26.81 19.95
CA PHE F 55 10.91 25.71 20.86
C PHE F 55 11.87 24.69 20.22
N GLY F 56 12.21 24.91 18.96
CA GLY F 56 13.01 23.95 18.22
C GLY F 56 12.36 22.56 18.20
N ILE F 57 11.05 22.55 18.00
CA ILE F 57 10.31 21.30 17.98
C ILE F 57 9.60 21.09 16.64
N VAL F 58 9.71 19.88 16.08
CA VAL F 58 8.76 19.46 15.06
C VAL F 58 7.93 18.25 15.49
N ASN F 59 6.65 18.30 15.21
CA ASN F 59 5.77 17.16 15.38
C ASN F 59 5.39 16.62 14.00
N PRO F 60 6.07 15.55 13.56
CA PRO F 60 5.79 14.92 12.27
C PRO F 60 4.40 14.31 12.30
N ALA F 61 3.75 14.21 11.14
CA ALA F 61 2.53 13.40 11.02
C ALA F 61 2.95 11.93 11.00
N GLN F 62 2.45 11.16 11.96
CA GLN F 62 2.88 9.77 12.11
C GLN F 62 2.29 8.90 11.00
N LYS F 63 1.42 9.47 10.19
CA LYS F 63 0.92 8.80 8.99
C LYS F 63 1.95 8.81 7.86
N PHE F 64 3.06 9.53 8.04
CA PHE F 64 4.12 9.58 7.04
C PHE F 64 5.50 9.32 7.64
N PRO F 65 5.70 8.13 8.23
CA PRO F 65 6.96 7.92 8.95
C PRO F 65 8.18 7.91 8.04
N GLY F 66 9.17 8.71 8.42
CA GLY F 66 10.43 8.78 7.72
C GLY F 66 10.46 9.60 6.44
N ARG F 67 9.30 9.97 5.92
CA ARG F 67 9.24 10.58 4.58
C ARG F 67 9.23 12.09 4.61
N VAL F 68 8.88 12.65 5.76
CA VAL F 68 8.70 14.08 5.86
C VAL F 68 9.75 14.70 6.74
N THR F 69 10.38 15.77 6.25
CA THR F 69 11.34 16.52 7.04
C THR F 69 10.97 18.00 6.97
N ILE F 70 10.80 18.61 8.13
CA ILE F 70 10.42 20.00 8.21
C ILE F 70 11.54 20.77 8.89
N ASN F 71 11.90 21.90 8.31
CA ASN F 71 12.91 22.76 8.90
C ASN F 71 12.77 24.19 8.40
N VAL F 72 13.71 25.01 8.80
CA VAL F 72 13.49 26.44 8.72
C VAL F 72 14.82 27.13 8.45
N ASP F 73 14.78 28.18 7.62
CA ASP F 73 15.97 28.98 7.33
C ASP F 73 15.76 30.37 7.92
N LYS F 74 16.44 30.63 9.03
CA LYS F 74 16.29 31.90 9.75
C LYS F 74 16.83 33.13 9.01
N SER F 75 17.78 32.91 8.11
CA SER F 75 18.39 34.00 7.36
C SER F 75 17.43 34.62 6.32
N THR F 76 16.44 33.84 5.89
CA THR F 76 15.53 34.28 4.85
C THR F 76 14.09 34.17 5.35
N ASN F 77 13.94 33.78 6.61
CA ASN F 77 12.62 33.56 7.21
C ASN F 77 11.72 32.61 6.37
N THR F 78 12.27 31.46 5.99
CA THR F 78 11.57 30.51 5.12
C THR F 78 11.45 29.12 5.75
N ALA F 79 10.26 28.54 5.68
CA ALA F 79 10.07 27.17 6.16
C ALA F 79 10.04 26.18 4.99
N TYR F 80 10.46 24.95 5.26
CA TYR F 80 10.57 23.95 4.21
C TYR F 80 9.88 22.67 4.58
N MET F 81 9.36 22.01 3.58
CA MET F 81 8.82 20.68 3.77
C MET F 81 9.42 19.85 2.66
N GLU F 82 10.18 18.85 3.03
CA GLU F 82 10.69 17.92 2.05
C GLU F 82 10.03 16.56 2.24
N LEU F 83 9.47 16.06 1.15
CA LEU F 83 8.81 14.75 1.12
C LEU F 83 9.54 13.79 0.17
N SER F 84 10.05 12.69 0.71
CA SER F 84 10.81 11.74 -0.11
C SER F 84 10.04 10.46 -0.43
N SER F 85 10.66 9.59 -1.23
CA SER F 85 9.99 8.41 -1.80
C SER F 85 8.65 8.75 -2.41
N LEU F 86 8.63 9.77 -3.25
CA LEU F 86 7.39 10.17 -3.89
C LEU F 86 6.75 9.02 -4.67
N ARG F 87 5.47 8.79 -4.38
CA ARG F 87 4.67 7.88 -5.18
C ARG F 87 3.53 8.66 -5.78
N SER F 88 2.75 8.01 -6.64
CA SER F 88 1.66 8.68 -7.32
C SER F 88 0.64 9.29 -6.32
N GLU F 89 0.49 8.65 -5.18
CA GLU F 89 -0.46 9.04 -4.16
C GLU F 89 -0.11 10.41 -3.54
N ASP F 90 1.11 10.87 -3.74
CA ASP F 90 1.56 12.12 -3.16
C ASP F 90 1.24 13.34 -4.03
N THR F 91 0.74 13.09 -5.23
CA THR F 91 0.17 14.14 -6.06
C THR F 91 -0.92 14.92 -5.32
N ALA F 92 -0.67 16.20 -5.09
CA ALA F 92 -1.55 17.00 -4.28
C ALA F 92 -1.12 18.45 -4.32
N VAL F 93 -1.99 19.33 -3.81
CA VAL F 93 -1.61 20.71 -3.54
C VAL F 93 -1.15 20.74 -2.08
N TYR F 94 0.05 21.28 -1.85
CA TYR F 94 0.60 21.37 -0.52
C TYR F 94 0.46 22.79 0.00
N TYR F 95 -0.09 22.93 1.20
CA TYR F 95 -0.33 24.23 1.81
C TYR F 95 0.55 24.44 3.01
N CYS F 96 1.10 25.63 3.08
CA CYS F 96 1.74 26.16 4.27
C CYS F 96 0.65 26.89 5.12
N ALA F 97 0.60 26.63 6.42
CA ALA F 97 -0.36 27.32 7.28
C ALA F 97 0.20 27.62 8.67
N THR F 98 -0.12 28.79 9.19
CA THR F 98 0.32 29.17 10.53
C THR F 98 -0.78 29.03 11.56
N SER F 99 -0.38 28.73 12.79
CA SER F 99 -1.24 28.86 13.97
C SER F 99 -0.44 29.54 15.07
N GLY F 100 -1.09 29.81 16.19
CA GLY F 100 -0.45 30.54 17.28
C GLY F 100 0.69 29.79 17.97
N VAL F 101 1.73 30.51 18.34
CA VAL F 101 2.85 29.90 19.05
C VAL F 101 2.38 29.24 20.32
N GLY F 102 3.08 28.19 20.70
CA GLY F 102 2.72 27.44 21.88
C GLY F 102 2.70 25.99 21.50
N LEU F 103 2.39 25.14 22.48
CA LEU F 103 2.50 23.71 22.29
C LEU F 103 1.13 23.11 22.01
N HIS F 104 0.13 23.97 22.08
CA HIS F 104 -1.26 23.58 21.88
C HIS F 104 -1.52 23.47 20.37
N PHE F 105 -2.58 22.77 19.97
CA PHE F 105 -2.88 22.65 18.54
C PHE F 105 -3.96 23.63 18.10
N GLY F 106 -3.54 24.80 17.66
CA GLY F 106 -4.48 25.87 17.36
C GLY F 106 -5.07 25.80 15.95
N TYR F 107 -5.90 26.78 15.64
CA TYR F 107 -6.51 26.86 14.34
C TYR F 107 -5.52 27.48 13.37
N PHE F 108 -5.68 27.22 12.08
CA PHE F 108 -4.82 27.78 11.07
C PHE F 108 -5.42 29.10 10.58
N ASP F 109 -4.84 30.23 10.95
CA ASP F 109 -5.44 31.51 10.61
C ASP F 109 -4.93 32.09 9.29
N TYR F 110 -3.74 31.69 8.87
CA TYR F 110 -3.25 32.09 7.56
C TYR F 110 -2.75 30.91 6.74
N TRP F 111 -3.06 30.96 5.44
CA TRP F 111 -2.62 29.92 4.53
C TRP F 111 -1.76 30.46 3.40
N GLY F 112 -0.75 29.69 3.01
CA GLY F 112 -0.08 29.93 1.75
C GLY F 112 -1.01 29.63 0.59
N GLN F 113 -0.57 29.89 -0.63
CA GLN F 113 -1.45 29.80 -1.79
C GLN F 113 -1.50 28.36 -2.30
N GLY F 114 -0.57 27.53 -1.82
CA GLY F 114 -0.53 26.13 -2.18
C GLY F 114 0.48 25.89 -3.27
N THR F 115 1.15 24.75 -3.19
CA THR F 115 2.08 24.35 -4.23
C THR F 115 1.61 23.03 -4.81
N GLN F 116 1.33 23.01 -6.11
CA GLN F 116 0.96 21.77 -6.74
C GLN F 116 2.22 20.92 -6.98
N VAL F 117 2.15 19.66 -6.54
CA VAL F 117 3.19 18.70 -6.83
C VAL F 117 2.54 17.56 -7.59
N THR F 118 3.12 17.17 -8.71
CA THR F 118 2.61 16.06 -9.49
C THR F 118 3.69 14.98 -9.59
N VAL F 119 3.34 13.77 -9.24
CA VAL F 119 4.31 12.69 -9.30
C VAL F 119 4.05 11.88 -10.56
N SER F 120 4.94 12.04 -11.53
CA SER F 120 4.66 11.54 -12.86
C SER F 120 5.96 11.24 -13.58
N SER F 121 5.93 10.23 -14.45
CA SER F 121 7.04 9.94 -15.34
C SER F 121 6.49 9.82 -16.76
N ALA F 122 5.31 10.37 -16.96
CA ALA F 122 4.64 10.29 -18.25
C ALA F 122 5.26 11.19 -19.30
N SER F 123 5.16 10.77 -20.54
CA SER F 123 5.50 11.61 -21.67
C SER F 123 4.44 11.33 -22.71
N THR F 124 4.49 12.06 -23.81
CA THR F 124 3.52 11.95 -24.88
C THR F 124 3.11 10.51 -25.24
N LYS F 125 1.80 10.25 -25.22
CA LYS F 125 1.25 8.97 -25.59
C LYS F 125 -0.17 9.16 -26.13
N GLY F 126 -0.45 8.57 -27.28
CA GLY F 126 -1.79 8.61 -27.84
C GLY F 126 -2.73 7.69 -27.09
N PRO F 127 -4.03 7.97 -27.16
CA PRO F 127 -5.08 7.20 -26.48
C PRO F 127 -5.38 5.86 -27.14
N SER F 128 -5.82 4.90 -26.34
CA SER F 128 -6.56 3.75 -26.84
C SER F 128 -8.05 4.08 -26.81
N VAL F 129 -8.81 3.51 -27.74
CA VAL F 129 -10.24 3.82 -27.81
C VAL F 129 -11.10 2.57 -27.81
N PHE F 130 -12.07 2.52 -26.91
CA PHE F 130 -12.89 1.34 -26.74
C PHE F 130 -14.35 1.75 -26.84
N PRO F 131 -15.19 0.90 -27.42
CA PRO F 131 -16.59 1.31 -27.51
C PRO F 131 -17.29 1.08 -26.17
N LEU F 132 -18.12 2.03 -25.76
CA LEU F 132 -19.09 1.77 -24.71
C LEU F 132 -20.39 1.43 -25.44
N ALA F 133 -20.57 0.15 -25.74
CA ALA F 133 -21.64 -0.30 -26.62
C ALA F 133 -23.02 -0.24 -25.97
N PRO F 134 -24.00 0.28 -26.71
CA PRO F 134 -25.38 0.28 -26.24
C PRO F 134 -25.89 -1.17 -26.11
N SER F 135 -26.76 -1.37 -25.13
CA SER F 135 -27.48 -2.62 -24.91
C SER F 135 -28.69 -2.25 -24.04
N SER F 136 -29.39 -3.24 -23.52
CA SER F 136 -30.58 -2.98 -22.72
C SER F 136 -30.22 -2.34 -21.37
N LYS F 137 -29.08 -2.75 -20.81
CA LYS F 137 -28.52 -2.14 -19.61
C LYS F 137 -28.22 -0.64 -19.74
N SER F 138 -28.17 -0.12 -20.97
CA SER F 138 -27.92 1.31 -21.15
C SER F 138 -29.12 1.96 -21.82
N THR F 139 -30.20 1.18 -21.91
CA THR F 139 -31.47 1.65 -22.44
C THR F 139 -32.50 1.97 -21.34
N SER F 140 -33.25 3.04 -21.52
CA SER F 140 -34.40 3.28 -20.66
C SER F 140 -35.52 3.92 -21.44
N GLY F 141 -36.54 3.12 -21.73
CA GLY F 141 -37.68 3.56 -22.50
C GLY F 141 -37.27 4.02 -23.88
N GLY F 142 -37.54 5.28 -24.19
CA GLY F 142 -37.26 5.83 -25.49
C GLY F 142 -35.82 6.25 -25.75
N THR F 143 -34.96 6.19 -24.71
CA THR F 143 -33.57 6.59 -24.88
C THR F 143 -32.56 5.49 -24.61
N ALA F 144 -31.41 5.59 -25.25
CA ALA F 144 -30.30 4.67 -24.97
C ALA F 144 -28.97 5.41 -24.95
N ALA F 145 -28.09 4.99 -24.05
CA ALA F 145 -26.75 5.53 -23.97
C ALA F 145 -25.74 4.65 -24.70
N LEU F 146 -24.81 5.29 -25.39
CA LEU F 146 -23.67 4.62 -26.01
C LEU F 146 -22.51 5.60 -25.94
N GLY F 147 -21.27 5.13 -26.05
CA GLY F 147 -20.15 6.02 -25.85
C GLY F 147 -18.79 5.55 -26.31
N CYS F 148 -17.77 6.26 -25.85
CA CYS F 148 -16.38 5.96 -26.19
C CYS F 148 -15.49 6.16 -25.00
N LEU F 149 -14.69 5.15 -24.68
CA LEU F 149 -13.72 5.23 -23.61
C LEU F 149 -12.42 5.59 -24.29
N VAL F 150 -11.84 6.74 -23.94
CA VAL F 150 -10.49 7.01 -24.40
C VAL F 150 -9.45 6.89 -23.27
N LYS F 151 -8.69 5.79 -23.31
CA LYS F 151 -7.78 5.44 -22.21
C LYS F 151 -6.32 5.81 -22.41
N ASP F 152 -5.68 6.24 -21.33
CA ASP F 152 -4.21 6.33 -21.27
C ASP F 152 -3.56 7.22 -22.35
N TYR F 153 -3.79 8.53 -22.26
CA TYR F 153 -3.11 9.47 -23.10
C TYR F 153 -2.36 10.50 -22.25
N PHE F 154 -1.38 11.14 -22.87
CA PHE F 154 -0.64 12.21 -22.23
C PHE F 154 -0.01 13.10 -23.29
N PRO F 155 -0.06 14.42 -23.08
CA PRO F 155 -0.74 15.07 -21.97
C PRO F 155 -2.17 15.40 -22.42
N GLU F 156 -2.90 16.15 -21.61
CA GLU F 156 -4.19 16.67 -22.03
C GLU F 156 -3.99 17.70 -23.15
N PRO F 157 -5.03 17.94 -23.96
CA PRO F 157 -6.37 17.36 -23.94
C PRO F 157 -6.64 16.42 -25.09
N VAL F 158 -7.70 15.63 -24.98
CA VAL F 158 -8.30 15.08 -26.17
C VAL F 158 -9.60 15.82 -26.39
N THR F 159 -10.00 15.88 -27.65
CA THR F 159 -11.34 16.33 -27.96
C THR F 159 -12.02 15.19 -28.65
N VAL F 160 -13.34 15.12 -28.46
CA VAL F 160 -14.15 14.07 -29.05
C VAL F 160 -15.31 14.74 -29.71
N SER F 161 -15.75 14.19 -30.83
CA SER F 161 -16.92 14.71 -31.49
C SER F 161 -17.61 13.50 -32.06
N TRP F 162 -18.91 13.61 -32.34
CA TRP F 162 -19.66 12.48 -32.86
C TRP F 162 -20.13 12.72 -34.29
N ASN F 163 -20.06 11.67 -35.10
CA ASN F 163 -20.33 11.76 -36.52
C ASN F 163 -19.76 13.01 -37.19
N SER F 164 -18.47 13.24 -36.95
CA SER F 164 -17.74 14.38 -37.49
C SER F 164 -18.40 15.70 -37.17
N GLY F 165 -18.90 15.84 -35.95
CA GLY F 165 -19.46 17.11 -35.47
C GLY F 165 -20.95 17.30 -35.69
N ALA F 166 -21.56 16.50 -36.55
CA ALA F 166 -22.99 16.62 -36.84
C ALA F 166 -23.88 16.37 -35.62
N LEU F 167 -23.54 15.34 -34.86
CA LEU F 167 -24.33 14.93 -33.71
C LEU F 167 -23.81 15.62 -32.46
N THR F 168 -24.60 16.55 -31.93
CA THR F 168 -24.23 17.27 -30.69
C THR F 168 -25.33 17.24 -29.63
N SER F 169 -26.52 16.75 -29.99
CA SER F 169 -27.63 16.59 -29.04
C SER F 169 -27.53 15.30 -28.24
N GLY F 170 -27.46 15.44 -26.92
CA GLY F 170 -27.37 14.31 -26.02
C GLY F 170 -25.94 13.90 -25.74
N VAL F 171 -25.01 14.76 -26.15
CA VAL F 171 -23.60 14.46 -26.06
C VAL F 171 -23.00 15.08 -24.82
N HIS F 172 -22.32 14.28 -24.00
CA HIS F 172 -21.45 14.85 -22.99
C HIS F 172 -20.11 14.17 -23.05
N THR F 173 -19.07 14.99 -23.15
CA THR F 173 -17.72 14.51 -23.04
C THR F 173 -17.19 14.90 -21.69
N PHE F 174 -16.79 13.90 -20.90
CA PHE F 174 -16.43 14.11 -19.50
C PHE F 174 -15.02 14.69 -19.34
N PRO F 175 -14.76 15.37 -18.23
CA PRO F 175 -13.36 15.71 -18.00
C PRO F 175 -12.58 14.45 -17.66
N ALA F 176 -11.26 14.55 -17.62
CA ALA F 176 -10.39 13.37 -17.56
C ALA F 176 -9.93 13.03 -16.15
N VAL F 177 -9.75 11.75 -15.88
CA VAL F 177 -9.17 11.34 -14.62
C VAL F 177 -7.68 11.19 -14.82
N LEU F 178 -6.92 11.53 -13.80
CA LEU F 178 -5.49 11.27 -13.84
C LEU F 178 -5.27 9.92 -13.20
N GLN F 179 -4.83 8.96 -13.99
CA GLN F 179 -4.54 7.65 -13.45
C GLN F 179 -3.26 7.64 -12.62
N SER F 180 -3.08 6.56 -11.87
CA SER F 180 -1.90 6.44 -11.03
C SER F 180 -0.65 6.14 -11.85
N SER F 181 -0.84 5.84 -13.14
CA SER F 181 0.29 5.61 -14.03
C SER F 181 0.81 6.93 -14.60
N GLY F 182 0.05 8.00 -14.39
CA GLY F 182 0.42 9.29 -14.89
C GLY F 182 -0.31 9.65 -16.15
N LEU F 183 -1.03 8.67 -16.71
CA LEU F 183 -1.80 8.93 -17.94
C LEU F 183 -3.23 9.33 -17.64
N TYR F 184 -3.83 10.06 -18.57
CA TYR F 184 -5.22 10.48 -18.43
C TYR F 184 -6.18 9.57 -19.21
N SER F 185 -7.46 9.66 -18.86
CA SER F 185 -8.53 8.97 -19.58
C SER F 185 -9.82 9.76 -19.44
N LEU F 186 -10.71 9.62 -20.42
CA LEU F 186 -12.05 10.16 -20.30
C LEU F 186 -13.01 9.29 -21.07
N SER F 187 -14.29 9.66 -21.04
CA SER F 187 -15.30 9.09 -21.90
C SER F 187 -16.17 10.18 -22.55
N SER F 188 -16.83 9.81 -23.63
CA SER F 188 -17.82 10.63 -24.24
C SER F 188 -19.04 9.73 -24.38
N VAL F 189 -20.17 10.15 -23.81
CA VAL F 189 -21.46 9.51 -24.11
C VAL F 189 -22.31 10.35 -25.01
N VAL F 190 -23.13 9.66 -25.78
CA VAL F 190 -24.25 10.27 -26.45
C VAL F 190 -25.52 9.48 -26.14
N THR F 191 -26.55 10.17 -25.66
CA THR F 191 -27.85 9.55 -25.44
C THR F 191 -28.74 9.77 -26.67
N VAL F 192 -29.30 8.70 -27.21
CA VAL F 192 -29.96 8.73 -28.50
C VAL F 192 -31.33 8.07 -28.42
N PRO F 193 -32.14 8.19 -29.49
CA PRO F 193 -33.38 7.40 -29.51
C PRO F 193 -33.07 5.92 -29.54
N SER F 194 -33.74 5.16 -28.69
CA SER F 194 -33.46 3.74 -28.59
C SER F 194 -34.00 2.90 -29.75
N SER F 195 -34.57 3.56 -30.76
CA SER F 195 -35.34 2.80 -31.77
C SER F 195 -34.69 2.16 -33.02
N SER F 196 -34.02 2.84 -33.97
CA SER F 196 -33.27 4.12 -33.97
C SER F 196 -31.85 3.92 -33.42
N LEU F 197 -31.41 2.68 -33.54
CA LEU F 197 -30.22 2.18 -32.88
C LEU F 197 -29.67 1.08 -33.76
N GLY F 198 -30.58 0.29 -34.32
CA GLY F 198 -30.23 -0.74 -35.28
C GLY F 198 -30.16 -0.15 -36.68
N THR F 199 -30.25 1.17 -36.77
CA THR F 199 -30.39 1.84 -38.04
C THR F 199 -29.47 3.05 -38.19
N GLN F 200 -29.40 3.87 -37.16
CA GLN F 200 -28.53 5.03 -37.22
C GLN F 200 -27.10 4.63 -36.90
N THR F 201 -26.16 5.21 -37.64
CA THR F 201 -24.74 4.92 -37.50
C THR F 201 -24.17 5.93 -36.55
N TYR F 202 -23.29 5.50 -35.66
CA TYR F 202 -22.74 6.36 -34.61
C TYR F 202 -21.24 6.22 -34.45
N ILE F 203 -20.52 7.32 -34.61
CA ILE F 203 -19.07 7.27 -34.65
C ILE F 203 -18.44 8.39 -33.84
N CYS F 204 -17.59 8.04 -32.90
CA CYS F 204 -16.86 9.07 -32.19
C CYS F 204 -15.54 9.35 -32.90
N ASN F 205 -15.16 10.61 -32.88
CA ASN F 205 -13.96 11.02 -33.54
C ASN F 205 -13.12 11.61 -32.44
N VAL F 206 -12.03 10.92 -32.14
CA VAL F 206 -11.17 11.33 -31.03
C VAL F 206 -9.91 11.95 -31.61
N ASN F 207 -9.65 13.18 -31.21
CA ASN F 207 -8.47 13.86 -31.67
C ASN F 207 -7.53 14.06 -30.50
N HIS F 208 -6.26 13.68 -30.67
CA HIS F 208 -5.23 13.97 -29.68
C HIS F 208 -4.02 14.59 -30.34
N LYS F 209 -4.04 15.92 -30.45
CA LYS F 209 -2.98 16.65 -31.13
C LYS F 209 -1.57 16.46 -30.56
N PRO F 210 -1.42 16.48 -29.22
CA PRO F 210 -0.05 16.31 -28.69
C PRO F 210 0.67 15.05 -29.19
N SER F 211 -0.07 14.05 -29.66
CA SER F 211 0.56 12.84 -30.17
C SER F 211 0.27 12.65 -31.65
N ASN F 212 -0.39 13.62 -32.24
CA ASN F 212 -0.81 13.55 -33.65
C ASN F 212 -1.59 12.29 -33.96
N THR F 213 -2.42 11.88 -33.02
CA THR F 213 -3.26 10.71 -33.16
C THR F 213 -4.73 11.10 -33.38
N LYS F 214 -5.39 10.39 -34.27
CA LYS F 214 -6.78 10.67 -34.56
C LYS F 214 -7.48 9.34 -34.74
N VAL F 215 -8.56 9.12 -33.99
CA VAL F 215 -9.24 7.83 -34.06
C VAL F 215 -10.74 8.00 -34.37
N ASP F 216 -11.24 7.21 -35.32
CA ASP F 216 -12.66 7.15 -35.60
C ASP F 216 -13.12 5.74 -35.30
N LYS F 217 -14.07 5.62 -34.39
CA LYS F 217 -14.55 4.29 -33.98
C LYS F 217 -16.07 4.19 -34.00
N LYS F 218 -16.59 3.20 -34.71
CA LYS F 218 -18.04 3.06 -34.83
C LYS F 218 -18.56 2.21 -33.67
N VAL F 219 -19.52 2.76 -32.94
CA VAL F 219 -20.09 2.10 -31.77
C VAL F 219 -21.41 1.45 -32.10
N GLU F 220 -21.44 0.13 -32.03
CA GLU F 220 -22.60 -0.64 -32.43
C GLU F 220 -23.18 -1.38 -31.25
N PRO F 221 -24.48 -1.72 -31.32
CA PRO F 221 -25.14 -2.62 -30.38
C PRO F 221 -24.37 -3.91 -30.25
N LYS F 222 -24.26 -4.40 -29.02
CA LYS F 222 -23.53 -5.62 -28.75
C LYS F 222 -24.45 -6.83 -28.95
N SER F 223 -24.21 -7.60 -30.02
CA SER F 223 -25.09 -8.72 -30.35
C SER F 223 -24.83 -9.97 -29.50
N GLN G 1 -17.21 37.23 -53.87
CA GLN G 1 -17.52 35.95 -53.24
C GLN G 1 -18.76 35.96 -52.33
N SER G 2 -18.63 36.59 -51.16
CA SER G 2 -19.80 36.91 -50.31
C SER G 2 -20.58 38.13 -50.83
N VAL G 3 -21.22 37.96 -51.99
CA VAL G 3 -21.82 39.03 -52.79
C VAL G 3 -23.35 38.86 -52.77
N LEU G 4 -23.80 37.79 -52.14
CA LEU G 4 -25.21 37.57 -51.93
C LEU G 4 -25.48 37.94 -50.49
N THR G 5 -26.43 38.85 -50.27
CA THR G 5 -26.72 39.36 -48.96
C THR G 5 -27.85 38.57 -48.30
N GLN G 6 -27.53 37.98 -47.15
CA GLN G 6 -28.51 37.25 -46.34
C GLN G 6 -28.67 37.95 -44.99
N PRO G 7 -29.79 37.70 -44.31
CA PRO G 7 -29.85 38.20 -42.94
C PRO G 7 -28.84 37.47 -42.05
N PRO G 8 -28.14 38.19 -41.18
CA PRO G 8 -27.18 37.56 -40.27
C PRO G 8 -27.86 36.55 -39.34
N SER G 9 -29.08 36.83 -38.95
CA SER G 9 -29.72 36.08 -37.88
C SER G 9 -31.19 35.87 -38.19
N VAL G 10 -31.70 34.69 -37.88
CA VAL G 10 -33.10 34.37 -38.07
C VAL G 10 -33.46 33.36 -36.98
N SER G 11 -34.61 33.53 -36.33
CA SER G 11 -35.03 32.61 -35.25
C SER G 11 -36.55 32.44 -35.16
N GLY G 12 -36.96 31.40 -34.45
CA GLY G 12 -38.36 31.03 -34.31
C GLY G 12 -38.49 29.93 -33.27
N ALA G 13 -39.71 29.69 -32.79
CA ALA G 13 -39.96 28.62 -31.83
C ALA G 13 -39.88 27.27 -32.53
N PRO G 14 -39.60 26.19 -31.79
CA PRO G 14 -39.70 24.87 -32.41
C PRO G 14 -41.09 24.67 -32.96
N GLY G 15 -41.19 24.02 -34.11
CA GLY G 15 -42.46 23.89 -34.79
C GLY G 15 -42.82 25.06 -35.69
N GLN G 16 -42.27 26.24 -35.41
CA GLN G 16 -42.61 27.42 -36.22
C GLN G 16 -41.93 27.45 -37.57
N ARG G 17 -42.08 28.55 -38.29
CA ARG G 17 -41.56 28.68 -39.64
C ARG G 17 -40.61 29.88 -39.76
N VAL G 18 -39.47 29.68 -40.40
CA VAL G 18 -38.57 30.79 -40.70
C VAL G 18 -38.23 30.86 -42.19
N THR G 19 -37.98 32.07 -42.67
CA THR G 19 -37.50 32.25 -44.02
C THR G 19 -36.16 32.97 -43.98
N ILE G 20 -35.30 32.63 -44.92
CA ILE G 20 -34.03 33.29 -45.05
C ILE G 20 -33.94 33.80 -46.47
N SER G 21 -33.75 35.10 -46.62
CA SER G 21 -33.63 35.65 -47.95
C SER G 21 -32.18 35.65 -48.43
N CYS G 22 -32.04 35.73 -49.75
CA CYS G 22 -30.76 35.80 -50.41
C CYS G 22 -30.89 36.88 -51.47
N THR G 23 -30.26 38.03 -51.25
CA THR G 23 -30.42 39.11 -52.21
C THR G 23 -29.20 39.24 -53.11
N GLY G 24 -29.45 39.22 -54.42
CA GLY G 24 -28.36 39.26 -55.38
C GLY G 24 -28.53 40.47 -56.27
N SER G 25 -27.91 40.43 -57.44
CA SER G 25 -27.90 41.57 -58.36
C SER G 25 -28.14 41.10 -59.78
N SER G 26 -27.96 41.99 -60.76
CA SER G 26 -28.34 41.65 -62.13
C SER G 26 -27.26 40.83 -62.85
N SER G 27 -26.17 40.55 -62.16
CA SER G 27 -25.08 39.77 -62.73
C SER G 27 -25.04 38.34 -62.18
N ASN G 28 -25.85 38.06 -61.17
CA ASN G 28 -25.95 36.69 -60.65
C ASN G 28 -27.37 36.13 -60.64
N ILE G 29 -28.06 36.25 -59.52
CA ILE G 29 -29.44 35.78 -59.44
C ILE G 29 -30.32 36.47 -60.52
N GLY G 30 -30.06 37.76 -60.75
CA GLY G 30 -30.81 38.51 -61.74
C GLY G 30 -30.52 38.16 -63.18
N ALA G 31 -29.46 37.38 -63.41
CA ALA G 31 -29.08 36.98 -64.76
C ALA G 31 -29.52 35.55 -65.08
N HIS G 32 -30.46 35.04 -64.28
CA HIS G 32 -31.06 33.72 -64.47
C HIS G 32 -30.09 32.60 -64.23
N TYR G 33 -29.28 32.73 -63.19
CA TYR G 33 -28.46 31.63 -62.72
C TYR G 33 -29.09 30.99 -61.48
N ASP G 34 -28.96 29.67 -61.42
CA ASP G 34 -29.42 28.87 -60.30
C ASP G 34 -28.94 29.33 -58.93
N VAL G 35 -29.82 29.22 -57.94
CA VAL G 35 -29.44 29.42 -56.55
C VAL G 35 -29.45 28.09 -55.79
N HIS G 36 -28.38 27.81 -55.05
CA HIS G 36 -28.30 26.61 -54.22
C HIS G 36 -28.06 26.97 -52.76
N TRP G 37 -28.45 26.08 -51.85
CA TRP G 37 -28.32 26.32 -50.43
C TRP G 37 -27.51 25.23 -49.74
N TYR G 38 -26.74 25.67 -48.74
CA TYR G 38 -25.95 24.78 -47.92
C TYR G 38 -26.21 25.01 -46.43
N GLN G 39 -26.29 23.90 -45.71
CA GLN G 39 -26.39 23.89 -44.27
C GLN G 39 -25.02 23.58 -43.74
N GLN G 40 -24.56 24.36 -42.76
CA GLN G 40 -23.31 24.07 -42.11
C GLN G 40 -23.55 23.97 -40.60
N LEU G 41 -23.58 22.74 -40.11
CA LEU G 41 -23.66 22.50 -38.68
C LEU G 41 -22.33 22.96 -38.09
N PRO G 42 -22.36 23.48 -36.86
CA PRO G 42 -21.17 24.00 -36.17
C PRO G 42 -20.00 23.02 -36.23
N GLY G 43 -18.88 23.45 -36.80
CA GLY G 43 -17.70 22.62 -36.87
C GLY G 43 -17.66 21.60 -38.00
N THR G 44 -18.63 21.68 -38.91
CA THR G 44 -18.78 20.70 -40.00
C THR G 44 -18.45 21.33 -41.36
N ALA G 45 -18.14 20.49 -42.34
CA ALA G 45 -18.13 20.89 -43.73
C ALA G 45 -19.54 21.27 -44.18
N PRO G 46 -19.65 22.19 -45.15
CA PRO G 46 -20.99 22.46 -45.65
C PRO G 46 -21.59 21.19 -46.26
N LYS G 47 -22.90 21.20 -46.43
CA LYS G 47 -23.64 20.07 -46.94
C LYS G 47 -24.75 20.62 -47.82
N LEU G 48 -24.92 20.01 -48.98
CA LEU G 48 -25.94 20.44 -49.91
C LEU G 48 -27.34 20.19 -49.33
N LEU G 49 -28.13 21.25 -49.31
CA LEU G 49 -29.45 21.24 -48.71
C LEU G 49 -30.51 21.43 -49.80
N ILE G 50 -30.33 22.48 -50.62
CA ILE G 50 -31.23 22.77 -51.74
C ILE G 50 -30.43 23.05 -53.00
N TYR G 51 -30.79 22.39 -54.10
CA TYR G 51 -30.16 22.70 -55.37
C TYR G 51 -31.21 23.09 -56.40
N GLY G 52 -30.78 23.84 -57.42
CA GLY G 52 -31.65 24.26 -58.51
C GLY G 52 -32.85 25.05 -58.03
N ASN G 53 -32.59 26.01 -57.14
CA ASN G 53 -33.62 26.86 -56.55
C ASN G 53 -34.55 26.20 -55.55
N SER G 54 -34.98 24.96 -55.81
CA SER G 54 -36.09 24.37 -55.03
C SER G 54 -36.09 22.85 -54.88
N ASN G 55 -35.11 22.17 -55.49
CA ASN G 55 -35.01 20.73 -55.35
C ASN G 55 -34.20 20.29 -54.14
N ARG G 56 -34.64 19.20 -53.52
CA ARG G 56 -34.00 18.65 -52.34
C ARG G 56 -33.32 17.36 -52.71
N PRO G 57 -32.07 17.20 -52.27
CA PRO G 57 -31.44 15.89 -52.45
C PRO G 57 -32.11 14.90 -51.52
N SER G 58 -32.14 13.63 -51.90
CA SER G 58 -32.76 12.62 -51.06
C SER G 58 -31.98 12.51 -49.75
N GLY G 59 -32.70 12.52 -48.64
CA GLY G 59 -32.09 12.62 -47.33
C GLY G 59 -32.46 13.91 -46.62
N VAL G 60 -32.70 14.96 -47.40
CA VAL G 60 -33.14 16.25 -46.86
C VAL G 60 -34.65 16.22 -46.65
N PRO G 61 -35.11 16.55 -45.42
CA PRO G 61 -36.53 16.56 -45.06
C PRO G 61 -37.35 17.60 -45.82
N ASP G 62 -38.64 17.33 -45.96
CA ASP G 62 -39.53 18.12 -46.80
C ASP G 62 -39.90 19.46 -46.17
N ARG G 63 -39.50 19.67 -44.92
CA ARG G 63 -39.79 20.95 -44.28
C ARG G 63 -38.80 22.03 -44.70
N PHE G 64 -37.77 21.61 -45.45
CA PHE G 64 -36.90 22.58 -46.10
C PHE G 64 -37.43 22.82 -47.50
N SER G 65 -37.52 24.08 -47.90
CA SER G 65 -37.87 24.38 -49.28
C SER G 65 -37.32 25.74 -49.70
N GLY G 66 -36.99 25.86 -50.99
CA GLY G 66 -36.43 27.09 -51.51
C GLY G 66 -37.20 27.62 -52.71
N SER G 67 -37.12 28.93 -52.92
CA SER G 67 -37.68 29.54 -54.12
C SER G 67 -36.77 30.67 -54.59
N LYS G 68 -36.92 31.06 -55.85
CA LYS G 68 -36.24 32.23 -56.37
C LYS G 68 -37.19 33.09 -57.20
N SER G 69 -37.03 34.41 -57.12
CA SER G 69 -37.80 35.32 -57.96
C SER G 69 -37.05 36.62 -58.21
N GLY G 70 -36.89 36.96 -59.48
CA GLY G 70 -36.18 38.16 -59.85
C GLY G 70 -34.75 38.13 -59.39
N THR G 71 -34.46 38.93 -58.37
CA THR G 71 -33.08 39.17 -57.98
C THR G 71 -32.82 38.54 -56.60
N SER G 72 -33.86 37.90 -56.08
CA SER G 72 -33.80 37.29 -54.77
C SER G 72 -34.15 35.81 -54.74
N ALA G 73 -33.76 35.16 -53.66
CA ALA G 73 -34.11 33.79 -53.41
C ALA G 73 -34.36 33.69 -51.93
N SER G 74 -35.06 32.63 -51.55
CA SER G 74 -35.34 32.44 -50.15
C SER G 74 -35.47 30.97 -49.80
N LEU G 75 -35.10 30.67 -48.56
CA LEU G 75 -35.17 29.33 -48.06
C LEU G 75 -36.13 29.32 -46.88
N ALA G 76 -37.15 28.47 -46.97
CA ALA G 76 -38.11 28.32 -45.89
C ALA G 76 -37.86 27.04 -45.12
N ILE G 77 -37.91 27.16 -43.80
CA ILE G 77 -37.97 26.00 -42.94
C ILE G 77 -39.27 26.08 -42.15
N THR G 78 -40.18 25.15 -42.41
CA THR G 78 -41.41 25.02 -41.65
C THR G 78 -41.16 23.90 -40.65
N GLY G 79 -41.94 23.86 -39.58
CA GLY G 79 -41.73 22.87 -38.55
C GLY G 79 -40.32 22.86 -37.99
N LEU G 80 -39.82 24.06 -37.68
CA LEU G 80 -38.49 24.25 -37.12
C LEU G 80 -38.14 23.20 -36.06
N GLN G 81 -36.98 22.60 -36.21
CA GLN G 81 -36.58 21.51 -35.33
C GLN G 81 -35.20 21.83 -34.74
N ALA G 82 -34.94 21.35 -33.53
CA ALA G 82 -33.69 21.67 -32.84
C ALA G 82 -32.43 21.34 -33.63
N GLU G 83 -32.47 20.25 -34.41
CA GLU G 83 -31.29 19.86 -35.18
C GLU G 83 -31.00 20.82 -36.34
N ASP G 84 -31.92 21.76 -36.58
CA ASP G 84 -31.78 22.69 -37.69
C ASP G 84 -31.02 23.95 -37.30
N GLU G 85 -30.62 24.04 -36.04
CA GLU G 85 -29.81 25.17 -35.62
C GLU G 85 -28.42 25.01 -36.27
N ALA G 86 -28.08 25.95 -37.15
CA ALA G 86 -26.89 25.85 -38.01
C ALA G 86 -26.69 27.14 -38.79
N ASP G 87 -25.60 27.21 -39.54
CA ASP G 87 -25.42 28.31 -40.48
C ASP G 87 -25.95 27.86 -41.85
N TYR G 88 -26.43 28.81 -42.64
CA TYR G 88 -26.95 28.53 -43.98
C TYR G 88 -26.46 29.55 -45.00
N TYR G 89 -26.00 29.05 -46.13
CA TYR G 89 -25.40 29.89 -47.14
C TYR G 89 -26.16 29.66 -48.41
N CYS G 90 -26.49 30.74 -49.13
CA CYS G 90 -26.97 30.60 -50.48
C CYS G 90 -25.76 30.68 -51.40
N GLN G 91 -25.93 30.21 -52.63
CA GLN G 91 -24.81 30.14 -53.55
C GLN G 91 -25.31 30.28 -54.97
N SER G 92 -24.48 30.88 -55.83
CA SER G 92 -24.83 31.03 -57.23
C SER G 92 -23.58 31.31 -58.05
N TYR G 93 -23.79 31.81 -59.26
CA TYR G 93 -22.71 32.15 -60.18
C TYR G 93 -22.87 33.61 -60.59
N ASP G 94 -21.74 34.31 -60.75
CA ASP G 94 -21.76 35.71 -61.16
C ASP G 94 -21.02 35.89 -62.48
N SER G 95 -21.73 36.33 -63.52
CA SER G 95 -21.12 36.40 -64.84
C SER G 95 -20.15 37.59 -65.01
N SER G 96 -20.02 38.44 -64.00
CA SER G 96 -19.04 39.51 -64.04
C SER G 96 -17.72 39.12 -63.37
N LEU G 97 -17.81 38.53 -62.19
CA LEU G 97 -16.64 37.99 -61.52
C LEU G 97 -16.17 36.81 -62.32
N SER G 98 -17.13 36.17 -63.00
CA SER G 98 -16.89 35.01 -63.84
C SER G 98 -16.41 33.85 -62.97
N GLY G 99 -17.19 33.57 -61.93
CA GLY G 99 -16.90 32.51 -61.01
C GLY G 99 -18.01 32.32 -60.00
N TYR G 100 -17.78 31.42 -59.06
CA TYR G 100 -18.72 31.12 -57.98
C TYR G 100 -18.91 32.30 -57.03
N VAL G 101 -20.07 32.31 -56.38
CA VAL G 101 -20.44 33.43 -55.52
C VAL G 101 -21.36 32.97 -54.39
N PHE G 102 -21.07 33.40 -53.17
CA PHE G 102 -21.76 32.89 -51.97
C PHE G 102 -22.47 33.97 -51.17
N GLY G 103 -23.47 33.57 -50.40
CA GLY G 103 -24.14 34.48 -49.51
C GLY G 103 -23.32 34.75 -48.26
N THR G 104 -23.73 35.75 -47.49
CA THR G 104 -22.94 36.17 -46.34
C THR G 104 -23.15 35.25 -45.15
N GLY G 105 -24.23 34.46 -45.19
CA GLY G 105 -24.50 33.44 -44.19
C GLY G 105 -25.54 33.84 -43.16
N THR G 106 -26.38 32.89 -42.76
CA THR G 106 -27.40 33.13 -41.76
C THR G 106 -27.38 32.05 -40.66
N LYS G 107 -27.31 32.45 -39.41
CA LYS G 107 -27.50 31.50 -38.32
C LYS G 107 -28.98 31.34 -37.99
N VAL G 108 -29.47 30.11 -37.87
CA VAL G 108 -30.78 29.95 -37.27
C VAL G 108 -30.70 29.38 -35.87
N THR G 109 -31.42 30.02 -34.96
CA THR G 109 -31.55 29.55 -33.60
C THR G 109 -32.95 29.00 -33.41
N VAL G 110 -33.04 27.82 -32.78
CA VAL G 110 -34.34 27.32 -32.31
C VAL G 110 -34.54 27.79 -30.87
N LEU G 111 -35.49 28.69 -30.68
CA LEU G 111 -35.70 29.39 -29.40
C LEU G 111 -36.07 28.49 -28.22
N GLY G 112 -35.20 28.46 -27.21
CA GLY G 112 -35.43 27.60 -26.05
C GLY G 112 -35.29 28.33 -24.73
N GLN G 113 -35.58 29.62 -24.76
CA GLN G 113 -35.28 30.51 -23.66
C GLN G 113 -35.84 31.85 -24.08
N PRO G 114 -36.24 32.69 -23.12
CA PRO G 114 -36.68 34.06 -23.41
C PRO G 114 -35.63 34.89 -24.15
N LYS G 115 -36.08 35.77 -25.05
CA LYS G 115 -35.19 36.66 -25.79
C LYS G 115 -34.64 37.76 -24.90
N ALA G 116 -33.33 37.94 -24.93
CA ALA G 116 -32.66 38.94 -24.09
C ALA G 116 -31.86 39.92 -24.92
N ASN G 117 -32.05 41.20 -24.63
CA ASN G 117 -31.27 42.25 -25.26
C ASN G 117 -29.85 42.28 -24.72
N PRO G 118 -28.89 42.71 -25.56
CA PRO G 118 -27.49 42.68 -25.16
C PRO G 118 -27.11 43.87 -24.30
N THR G 119 -26.39 43.62 -23.22
CA THR G 119 -25.73 44.68 -22.48
C THR G 119 -24.36 44.96 -23.10
N VAL G 120 -24.14 46.17 -23.58
CA VAL G 120 -22.92 46.50 -24.28
C VAL G 120 -22.00 47.40 -23.45
N THR G 121 -20.73 47.00 -23.33
CA THR G 121 -19.74 47.77 -22.56
C THR G 121 -18.48 48.03 -23.39
N LEU G 122 -18.03 49.28 -23.43
CA LEU G 122 -16.92 49.68 -24.29
C LEU G 122 -15.77 50.38 -23.53
N PHE G 123 -14.59 49.78 -23.60
CA PHE G 123 -13.45 50.31 -22.86
C PHE G 123 -12.47 51.01 -23.78
N PRO G 124 -12.08 52.24 -23.44
CA PRO G 124 -10.98 52.91 -24.13
C PRO G 124 -9.67 52.15 -23.88
N PRO G 125 -8.58 52.51 -24.59
CA PRO G 125 -7.29 51.92 -24.27
C PRO G 125 -6.78 52.41 -22.93
N SER G 126 -6.23 51.52 -22.11
CA SER G 126 -5.62 51.92 -20.85
C SER G 126 -4.38 52.78 -21.11
N SER G 127 -4.10 53.68 -20.18
CA SER G 127 -2.95 54.56 -20.32
C SER G 127 -1.68 53.74 -20.21
N GLU G 128 -1.79 52.59 -19.57
CA GLU G 128 -0.71 51.64 -19.52
C GLU G 128 -0.40 51.13 -20.93
N GLU G 129 -1.44 50.74 -21.67
CA GLU G 129 -1.25 50.24 -23.03
C GLU G 129 -0.73 51.35 -23.95
N LEU G 130 -1.22 52.57 -23.76
CA LEU G 130 -0.71 53.71 -24.52
C LEU G 130 0.81 53.88 -24.30
N GLN G 131 1.26 53.70 -23.06
CA GLN G 131 2.68 53.80 -22.73
C GLN G 131 3.53 52.67 -23.36
N ALA G 132 2.90 51.55 -23.70
CA ALA G 132 3.58 50.47 -24.42
C ALA G 132 3.43 50.61 -25.93
N ASN G 133 2.95 51.79 -26.36
CA ASN G 133 2.88 52.12 -27.79
C ASN G 133 1.81 51.33 -28.54
N LYS G 134 0.76 50.93 -27.84
CA LYS G 134 -0.36 50.23 -28.46
C LYS G 134 -1.69 50.87 -28.04
N ALA G 135 -2.78 50.40 -28.63
CA ALA G 135 -4.12 50.88 -28.31
C ALA G 135 -5.17 49.84 -28.70
N THR G 136 -6.04 49.47 -27.78
CA THR G 136 -7.09 48.53 -28.08
C THR G 136 -8.39 48.99 -27.44
N LEU G 137 -9.41 49.19 -28.27
CA LEU G 137 -10.74 49.47 -27.78
C LEU G 137 -11.38 48.13 -27.56
N VAL G 138 -12.00 47.94 -26.41
CA VAL G 138 -12.53 46.64 -26.08
C VAL G 138 -14.04 46.70 -25.89
N CYS G 139 -14.77 45.98 -26.72
CA CYS G 139 -16.22 46.01 -26.67
C CYS G 139 -16.82 44.69 -26.23
N LEU G 140 -17.32 44.65 -25.00
CA LEU G 140 -17.86 43.42 -24.44
C LEU G 140 -19.38 43.40 -24.47
N ILE G 141 -19.91 42.26 -24.91
CA ILE G 141 -21.33 42.12 -25.15
C ILE G 141 -21.83 40.94 -24.35
N SER G 142 -22.84 41.17 -23.52
CA SER G 142 -23.30 40.12 -22.63
C SER G 142 -24.82 40.08 -22.53
N ASP G 143 -25.32 38.99 -21.95
CA ASP G 143 -26.72 38.85 -21.57
C ASP G 143 -27.70 38.88 -22.72
N PHE G 144 -27.32 38.33 -23.86
CA PHE G 144 -28.22 38.32 -25.01
C PHE G 144 -28.59 36.92 -25.46
N TYR G 145 -29.84 36.74 -25.84
CA TYR G 145 -30.31 35.52 -26.48
C TYR G 145 -31.26 35.89 -27.60
N PRO G 146 -31.19 35.19 -28.73
CA PRO G 146 -30.27 34.09 -29.06
C PRO G 146 -28.81 34.53 -29.25
N GLY G 147 -27.91 33.55 -29.23
CA GLY G 147 -26.48 33.80 -29.34
C GLY G 147 -26.04 34.12 -30.75
N ALA G 148 -26.32 35.34 -31.18
CA ALA G 148 -25.94 35.77 -32.51
C ALA G 148 -25.99 37.30 -32.59
N VAL G 149 -24.81 37.91 -32.70
CA VAL G 149 -24.72 39.35 -32.82
C VAL G 149 -23.76 39.66 -33.94
N THR G 150 -23.78 40.89 -34.39
CA THR G 150 -22.83 41.34 -35.37
C THR G 150 -22.34 42.68 -34.88
N VAL G 151 -21.03 42.89 -34.94
CA VAL G 151 -20.45 44.12 -34.44
C VAL G 151 -19.92 44.92 -35.60
N ALA G 152 -19.92 46.23 -35.45
CA ALA G 152 -19.41 47.09 -36.48
C ALA G 152 -18.80 48.31 -35.82
N TRP G 153 -17.55 48.59 -36.12
CA TRP G 153 -16.85 49.70 -35.51
C TRP G 153 -16.78 50.89 -36.45
N LYS G 154 -17.03 52.08 -35.94
CA LYS G 154 -16.85 53.28 -36.74
C LYS G 154 -16.12 54.40 -36.01
N ALA G 155 -15.17 55.01 -36.72
CA ALA G 155 -14.37 56.10 -36.18
C ALA G 155 -15.02 57.46 -36.46
N ASP G 156 -15.47 58.12 -35.40
CA ASP G 156 -15.97 59.49 -35.46
C ASP G 156 -17.21 59.68 -36.36
N SER G 157 -17.37 58.79 -37.34
CA SER G 157 -18.47 58.85 -38.30
C SER G 157 -18.48 57.61 -39.20
N SER G 158 -17.53 57.55 -40.12
CA SER G 158 -17.54 56.49 -41.12
C SER G 158 -16.92 55.21 -40.58
N PRO G 159 -17.49 54.07 -40.98
CA PRO G 159 -17.04 52.75 -40.52
C PRO G 159 -15.60 52.45 -40.90
N VAL G 160 -14.89 51.75 -40.02
CA VAL G 160 -13.56 51.27 -40.34
C VAL G 160 -13.60 49.76 -40.55
N LYS G 161 -12.70 49.24 -41.39
CA LYS G 161 -12.75 47.83 -41.74
C LYS G 161 -11.64 47.01 -41.06
N ALA G 162 -10.39 47.45 -41.20
CA ALA G 162 -9.27 46.73 -40.60
C ALA G 162 -8.98 47.22 -39.18
N GLY G 163 -8.78 46.26 -38.28
CA GLY G 163 -8.54 46.55 -36.87
C GLY G 163 -9.35 45.63 -35.98
N VAL G 164 -10.35 44.98 -36.57
CA VAL G 164 -11.36 44.27 -35.79
C VAL G 164 -11.21 42.76 -35.77
N GLU G 165 -11.28 42.19 -34.57
CA GLU G 165 -11.53 40.77 -34.39
C GLU G 165 -12.72 40.62 -33.44
N THR G 166 -13.45 39.50 -33.52
CA THR G 166 -14.65 39.33 -32.72
C THR G 166 -14.87 37.85 -32.37
N THR G 167 -15.08 37.52 -31.11
CA THR G 167 -15.42 36.13 -30.78
C THR G 167 -16.82 35.82 -31.28
N THR G 168 -17.21 34.56 -31.19
CA THR G 168 -18.57 34.18 -31.50
C THR G 168 -19.22 33.81 -30.20
N PRO G 169 -20.48 34.23 -30.01
CA PRO G 169 -21.28 34.03 -28.82
C PRO G 169 -20.97 32.73 -28.11
N SER G 170 -20.90 32.77 -26.79
CA SER G 170 -20.57 31.60 -26.01
C SER G 170 -21.27 31.72 -24.67
N LYS G 171 -21.79 30.60 -24.17
CA LYS G 171 -22.63 30.60 -22.97
C LYS G 171 -21.93 31.27 -21.80
N GLN G 172 -22.71 31.90 -20.92
CA GLN G 172 -22.19 32.53 -19.73
C GLN G 172 -22.41 31.61 -18.53
N SER G 173 -22.26 32.17 -17.33
CA SER G 173 -22.62 31.46 -16.12
C SER G 173 -24.14 31.25 -16.05
N ASN G 174 -24.89 32.24 -16.51
CA ASN G 174 -26.35 32.17 -16.48
C ASN G 174 -27.00 31.65 -17.78
N ASN G 175 -26.27 30.83 -18.52
CA ASN G 175 -26.78 30.20 -19.74
C ASN G 175 -27.20 31.16 -20.86
N LYS G 176 -27.03 32.46 -20.64
CA LYS G 176 -27.19 33.45 -21.70
C LYS G 176 -25.88 33.58 -22.46
N TYR G 177 -25.87 34.31 -23.57
CA TYR G 177 -24.68 34.42 -24.38
C TYR G 177 -23.84 35.68 -24.15
N ALA G 178 -22.61 35.64 -24.65
CA ALA G 178 -21.70 36.77 -24.56
C ALA G 178 -20.74 36.76 -25.74
N ALA G 179 -20.36 37.94 -26.19
CA ALA G 179 -19.34 38.01 -27.23
C ALA G 179 -18.42 39.19 -26.93
N SER G 180 -17.29 39.24 -27.64
CA SER G 180 -16.36 40.34 -27.48
C SER G 180 -15.83 40.74 -28.83
N SER G 181 -15.43 41.99 -28.94
CA SER G 181 -14.86 42.48 -30.17
C SER G 181 -13.78 43.49 -29.82
N TYR G 182 -12.72 43.51 -30.63
CA TYR G 182 -11.56 44.34 -30.32
C TYR G 182 -11.22 45.17 -31.54
N LEU G 183 -10.93 46.44 -31.32
CA LEU G 183 -10.46 47.30 -32.36
C LEU G 183 -9.05 47.75 -32.03
N SER G 184 -8.08 47.19 -32.74
CA SER G 184 -6.67 47.54 -32.51
C SER G 184 -6.22 48.74 -33.34
N LEU G 185 -6.06 49.89 -32.67
CA LEU G 185 -5.51 51.09 -33.28
C LEU G 185 -4.06 51.31 -32.90
N THR G 186 -3.58 52.52 -33.18
CA THR G 186 -2.30 53.01 -32.71
C THR G 186 -2.62 54.24 -31.87
N PRO G 187 -1.75 54.58 -30.90
CA PRO G 187 -2.03 55.65 -29.95
C PRO G 187 -2.38 56.98 -30.62
N GLU G 188 -1.81 57.20 -31.80
CA GLU G 188 -2.02 58.43 -32.54
C GLU G 188 -3.37 58.41 -33.25
N GLN G 189 -3.70 57.28 -33.87
CA GLN G 189 -5.04 57.07 -34.42
C GLN G 189 -6.08 57.36 -33.35
N TRP G 190 -5.88 56.76 -32.19
CA TRP G 190 -6.79 56.93 -31.06
C TRP G 190 -6.97 58.39 -30.64
N LYS G 191 -5.88 59.13 -30.55
CA LYS G 191 -5.97 60.50 -30.05
C LYS G 191 -6.34 61.49 -31.15
N SER G 192 -6.36 61.02 -32.39
CA SER G 192 -6.71 61.87 -33.53
C SER G 192 -8.22 62.17 -33.60
N HIS G 193 -9.05 61.13 -33.66
CA HIS G 193 -10.50 61.29 -33.81
C HIS G 193 -11.18 61.88 -32.58
N ARG G 194 -12.44 62.28 -32.74
CA ARG G 194 -13.23 62.85 -31.64
C ARG G 194 -13.76 61.76 -30.73
N SER G 195 -14.15 60.65 -31.33
CA SER G 195 -14.77 59.56 -30.58
C SER G 195 -14.85 58.33 -31.45
N TYR G 196 -14.93 57.17 -30.80
CA TYR G 196 -15.00 55.91 -31.51
C TYR G 196 -16.27 55.18 -31.12
N SER G 197 -16.72 54.28 -31.99
CA SER G 197 -18.03 53.68 -31.80
C SER G 197 -18.09 52.18 -32.02
N CYS G 198 -18.66 51.50 -31.03
CA CYS G 198 -18.98 50.09 -31.10
C CYS G 198 -20.49 49.96 -31.35
N GLN G 199 -20.88 49.50 -32.54
CA GLN G 199 -22.29 49.32 -32.89
C GLN G 199 -22.67 47.85 -32.91
N VAL G 200 -23.47 47.41 -31.96
CA VAL G 200 -23.84 45.99 -31.87
C VAL G 200 -25.26 45.76 -32.32
N THR G 201 -25.46 44.72 -33.13
CA THR G 201 -26.77 44.40 -33.69
C THR G 201 -27.24 43.00 -33.31
N HIS G 202 -28.39 42.94 -32.64
CA HIS G 202 -28.97 41.69 -32.19
C HIS G 202 -30.41 41.64 -32.65
N GLU G 203 -30.67 40.80 -33.65
CA GLU G 203 -32.00 40.65 -34.24
C GLU G 203 -32.58 41.97 -34.77
N GLY G 204 -31.81 42.66 -35.60
CA GLY G 204 -32.29 43.84 -36.30
C GLY G 204 -32.22 45.11 -35.48
N SER G 205 -32.09 44.96 -34.17
CA SER G 205 -31.98 46.12 -33.27
C SER G 205 -30.51 46.44 -33.09
N THR G 206 -30.16 47.72 -33.16
CA THR G 206 -28.77 48.10 -32.93
C THR G 206 -28.54 49.02 -31.74
N VAL G 207 -27.66 48.57 -30.84
CA VAL G 207 -27.16 49.38 -29.74
C VAL G 207 -25.74 49.83 -30.05
N GLU G 208 -25.42 51.08 -29.70
CA GLU G 208 -24.06 51.57 -29.86
C GLU G 208 -23.54 52.30 -28.61
N LYS G 209 -22.26 52.12 -28.33
CA LYS G 209 -21.60 52.84 -27.24
C LYS G 209 -20.43 53.62 -27.80
N THR G 210 -20.07 54.70 -27.12
CA THR G 210 -19.06 55.61 -27.64
C THR G 210 -18.03 56.03 -26.59
N VAL G 211 -16.76 55.93 -26.95
CA VAL G 211 -15.68 56.41 -26.07
C VAL G 211 -14.96 57.58 -26.71
N ALA G 212 -14.52 58.52 -25.87
CA ALA G 212 -13.82 59.70 -26.33
C ALA G 212 -12.42 59.81 -25.71
N PRO G 213 -11.41 60.12 -26.54
CA PRO G 213 -10.04 60.41 -26.07
C PRO G 213 -9.94 61.57 -25.08
N THR G 214 -10.95 61.74 -24.23
CA THR G 214 -10.98 62.79 -23.21
C THR G 214 -11.88 62.34 -22.05
N GLU G 215 -11.33 61.51 -21.16
CA GLU G 215 -12.04 61.11 -19.93
C GLU G 215 -11.09 60.55 -18.87
N GLN H 1 -22.35 8.52 -54.99
CA GLN H 1 -21.78 8.78 -53.68
C GLN H 1 -20.25 8.72 -53.65
N VAL H 2 -19.63 9.83 -54.06
CA VAL H 2 -18.19 10.02 -53.93
C VAL H 2 -17.81 10.08 -52.45
N GLN H 3 -16.56 9.79 -52.17
CA GLN H 3 -16.00 10.12 -50.87
C GLN H 3 -14.67 10.83 -51.05
N LEU H 4 -14.60 12.04 -50.50
CA LEU H 4 -13.43 12.90 -50.60
C LEU H 4 -12.67 12.94 -49.29
N VAL H 5 -11.44 12.44 -49.28
CA VAL H 5 -10.62 12.43 -48.07
C VAL H 5 -9.41 13.33 -48.26
N GLN H 6 -9.31 14.38 -47.45
CA GLN H 6 -8.26 15.35 -47.65
C GLN H 6 -7.03 15.08 -46.79
N SER H 7 -5.93 15.72 -47.14
CA SER H 7 -4.70 15.60 -46.35
C SER H 7 -4.83 16.33 -45.02
N GLY H 8 -3.89 16.05 -44.11
CA GLY H 8 -3.96 16.57 -42.76
C GLY H 8 -3.70 18.06 -42.61
N ALA H 9 -4.08 18.60 -41.45
CA ALA H 9 -3.84 19.98 -41.10
C ALA H 9 -2.37 20.34 -41.22
N GLU H 10 -2.10 21.60 -41.52
CA GLU H 10 -0.74 22.06 -41.62
C GLU H 10 -0.56 23.47 -41.08
N VAL H 11 0.65 23.76 -40.62
CA VAL H 11 1.00 25.12 -40.25
C VAL H 11 2.28 25.53 -41.00
N LYS H 12 2.18 26.65 -41.71
CA LYS H 12 3.26 27.11 -42.58
C LYS H 12 3.66 28.51 -42.19
N LYS H 13 4.94 28.83 -42.37
CA LYS H 13 5.42 30.18 -42.18
C LYS H 13 5.00 31.05 -43.37
N PRO H 14 4.82 32.35 -43.13
CA PRO H 14 4.48 33.23 -44.25
C PRO H 14 5.49 33.09 -45.40
N GLY H 15 5.02 33.23 -46.63
CA GLY H 15 5.90 33.19 -47.79
C GLY H 15 6.20 31.80 -48.33
N SER H 16 6.01 30.78 -47.51
CA SER H 16 6.15 29.41 -47.99
C SER H 16 4.92 28.98 -48.83
N SER H 17 4.80 27.69 -49.10
CA SER H 17 3.68 27.22 -49.93
C SER H 17 3.06 25.99 -49.31
N VAL H 18 1.79 25.76 -49.62
CA VAL H 18 1.10 24.61 -49.07
C VAL H 18 0.46 23.80 -50.19
N LYS H 19 0.52 22.47 -50.06
CA LYS H 19 -0.11 21.57 -51.03
C LYS H 19 -1.14 20.65 -50.36
N VAL H 20 -2.41 20.88 -50.69
CA VAL H 20 -3.49 20.11 -50.09
C VAL H 20 -4.00 19.10 -51.09
N SER H 21 -4.18 17.85 -50.65
CA SER H 21 -4.64 16.80 -51.56
C SER H 21 -6.04 16.38 -51.19
N CYS H 22 -6.73 15.81 -52.17
CA CYS H 22 -8.12 15.37 -52.03
C CYS H 22 -8.26 14.06 -52.81
N LYS H 23 -8.26 12.94 -52.12
CA LYS H 23 -8.39 11.62 -52.76
C LYS H 23 -9.85 11.18 -52.87
N ALA H 24 -10.25 10.81 -54.08
CA ALA H 24 -11.65 10.43 -54.30
C ALA H 24 -11.83 8.93 -54.45
N SER H 25 -12.72 8.38 -53.64
CA SER H 25 -13.13 6.99 -53.75
C SER H 25 -14.50 6.90 -54.38
N GLY H 26 -14.79 5.75 -55.00
CA GLY H 26 -16.09 5.51 -55.56
C GLY H 26 -16.44 6.36 -56.78
N GLY H 27 -15.43 6.65 -57.60
CA GLY H 27 -15.64 7.41 -58.82
C GLY H 27 -14.35 7.95 -59.40
N ASN H 28 -14.09 7.62 -60.66
CA ASN H 28 -12.97 8.18 -61.41
C ASN H 28 -13.20 9.68 -61.58
N PHE H 29 -12.18 10.51 -61.28
CA PHE H 29 -12.39 11.96 -61.24
C PHE H 29 -12.65 12.57 -62.62
N ASN H 30 -12.49 11.75 -63.65
CA ASN H 30 -12.89 12.16 -64.98
C ASN H 30 -14.41 12.24 -65.16
N THR H 31 -15.15 11.66 -64.22
CA THR H 31 -16.61 11.74 -64.27
C THR H 31 -17.15 12.96 -63.55
N TYR H 32 -16.25 13.80 -63.02
CA TYR H 32 -16.72 15.08 -62.42
C TYR H 32 -15.71 16.23 -62.40
N THR H 33 -16.13 17.31 -61.75
CA THR H 33 -15.38 18.55 -61.64
C THR H 33 -14.95 18.68 -60.17
N ILE H 34 -13.73 19.14 -59.92
CA ILE H 34 -13.28 19.37 -58.55
C ILE H 34 -13.01 20.86 -58.28
N SER H 35 -13.66 21.42 -57.27
CA SER H 35 -13.35 22.78 -56.86
C SER H 35 -12.69 22.77 -55.50
N TRP H 36 -11.98 23.86 -55.20
CA TRP H 36 -11.52 24.13 -53.85
C TRP H 36 -12.21 25.38 -53.30
N VAL H 37 -12.74 25.27 -52.10
CA VAL H 37 -13.41 26.37 -51.45
C VAL H 37 -12.81 26.52 -50.06
N ARG H 38 -12.55 27.76 -49.64
CA ARG H 38 -11.94 28.00 -48.33
C ARG H 38 -12.82 28.83 -47.40
N GLN H 39 -12.58 28.69 -46.11
CA GLN H 39 -13.39 29.39 -45.10
C GLN H 39 -12.54 29.83 -43.93
N ALA H 40 -12.29 31.13 -43.82
CA ALA H 40 -11.47 31.64 -42.73
C ALA H 40 -12.27 31.57 -41.43
N PRO H 41 -11.59 31.57 -40.28
CA PRO H 41 -12.35 31.29 -39.05
C PRO H 41 -13.44 32.34 -38.75
N GLY H 42 -14.67 31.87 -38.57
CA GLY H 42 -15.80 32.75 -38.36
C GLY H 42 -16.17 33.55 -39.60
N GLN H 43 -15.80 33.03 -40.77
CA GLN H 43 -16.05 33.73 -42.03
C GLN H 43 -16.95 32.95 -42.99
N GLY H 44 -17.11 33.50 -44.19
CA GLY H 44 -17.90 32.87 -45.23
C GLY H 44 -17.09 31.97 -46.15
N LEU H 45 -17.59 31.76 -47.37
CA LEU H 45 -17.02 30.78 -48.27
C LEU H 45 -16.37 31.45 -49.47
N GLU H 46 -15.20 30.96 -49.85
CA GLU H 46 -14.51 31.51 -50.99
C GLU H 46 -13.92 30.47 -51.92
N TRP H 47 -14.25 30.59 -53.21
CA TRP H 47 -13.80 29.69 -54.27
C TRP H 47 -12.35 29.94 -54.67
N MET H 48 -11.55 28.89 -54.72
CA MET H 48 -10.13 29.02 -55.05
C MET H 48 -9.85 28.61 -56.49
N GLY H 49 -10.87 28.10 -57.18
CA GLY H 49 -10.69 27.55 -58.51
C GLY H 49 -11.15 26.11 -58.70
N ARG H 50 -11.20 25.67 -59.95
CA ARG H 50 -11.67 24.32 -60.25
C ARG H 50 -10.82 23.60 -61.31
N ILE H 51 -10.92 22.28 -61.35
CA ILE H 51 -10.28 21.52 -62.43
C ILE H 51 -11.31 20.57 -63.02
N ILE H 52 -11.27 20.41 -64.34
CA ILE H 52 -12.17 19.50 -65.01
C ILE H 52 -11.32 18.57 -65.82
N PRO H 53 -10.87 17.48 -65.17
CA PRO H 53 -9.84 16.56 -65.69
C PRO H 53 -10.17 16.03 -67.08
N ILE H 54 -11.43 15.70 -67.34
CA ILE H 54 -11.80 15.17 -68.65
C ILE H 54 -11.53 16.18 -69.76
N PHE H 55 -11.60 17.47 -69.46
CA PHE H 55 -11.33 18.48 -70.47
C PHE H 55 -9.90 19.05 -70.40
N GLY H 56 -9.13 18.67 -69.38
CA GLY H 56 -7.79 19.20 -69.20
C GLY H 56 -7.81 20.71 -68.92
N ILE H 57 -8.85 21.15 -68.25
CA ILE H 57 -9.05 22.57 -68.03
C ILE H 57 -9.06 22.88 -66.54
N VAL H 58 -8.30 23.90 -66.14
CA VAL H 58 -8.51 24.48 -64.81
C VAL H 58 -8.94 25.95 -64.92
N ASN H 59 -9.92 26.35 -64.10
CA ASN H 59 -10.37 27.73 -64.01
C ASN H 59 -9.94 28.26 -62.65
N PRO H 60 -8.80 28.95 -62.61
CA PRO H 60 -8.31 29.50 -61.35
C PRO H 60 -9.21 30.63 -60.88
N ALA H 61 -9.39 30.78 -59.57
CA ALA H 61 -10.02 32.00 -59.03
C ALA H 61 -9.07 33.15 -59.33
N GLN H 62 -9.58 34.17 -60.01
CA GLN H 62 -8.72 35.24 -60.49
C GLN H 62 -8.31 36.21 -59.39
N LYS H 63 -8.93 36.10 -58.23
CA LYS H 63 -8.45 36.82 -57.04
C LYS H 63 -7.06 36.35 -56.60
N PHE H 64 -6.61 35.20 -57.07
CA PHE H 64 -5.28 34.71 -56.69
C PHE H 64 -4.37 34.43 -57.87
N PRO H 65 -4.10 35.44 -58.69
CA PRO H 65 -3.34 35.18 -59.92
C PRO H 65 -1.94 34.70 -59.60
N GLY H 66 -1.45 33.69 -60.33
CA GLY H 66 -0.12 33.17 -60.10
C GLY H 66 0.09 32.25 -58.90
N ARG H 67 -0.78 32.36 -57.89
CA ARG H 67 -0.52 31.73 -56.61
C ARG H 67 -1.17 30.37 -56.42
N VAL H 68 -2.21 30.08 -57.20
CA VAL H 68 -2.93 28.83 -57.05
C VAL H 68 -2.67 27.90 -58.23
N THR H 69 -2.19 26.71 -57.95
CA THR H 69 -2.04 25.72 -59.01
C THR H 69 -2.81 24.46 -58.66
N ILE H 70 -3.75 24.11 -59.54
CA ILE H 70 -4.55 22.92 -59.33
C ILE H 70 -4.21 21.87 -60.35
N ASN H 71 -3.94 20.66 -59.87
CA ASN H 71 -3.72 19.57 -60.80
C ASN H 71 -4.21 18.27 -60.24
N VAL H 72 -3.93 17.19 -60.95
CA VAL H 72 -4.57 15.94 -60.64
C VAL H 72 -3.56 14.83 -60.91
N ASP H 73 -3.57 13.80 -60.08
CA ASP H 73 -2.68 12.65 -60.24
C ASP H 73 -3.55 11.49 -60.64
N LYS H 74 -3.44 11.11 -61.91
CA LYS H 74 -4.28 10.08 -62.52
C LYS H 74 -4.16 8.70 -61.85
N SER H 75 -2.95 8.36 -61.43
CA SER H 75 -2.71 7.02 -60.90
C SER H 75 -3.24 6.79 -59.48
N THR H 76 -3.70 7.83 -58.82
CA THR H 76 -4.19 7.66 -57.45
C THR H 76 -5.59 8.21 -57.30
N ASN H 77 -6.08 8.81 -58.38
CA ASN H 77 -7.35 9.52 -58.36
C ASN H 77 -7.36 10.60 -57.28
N THR H 78 -6.28 11.34 -57.19
CA THR H 78 -6.12 12.43 -56.22
C THR H 78 -6.05 13.80 -56.91
N ALA H 79 -6.77 14.78 -56.37
CA ALA H 79 -6.66 16.15 -56.86
C ALA H 79 -5.82 16.98 -55.90
N TYR H 80 -5.14 18.01 -56.41
CA TYR H 80 -4.27 18.84 -55.59
C TYR H 80 -4.54 20.33 -55.72
N MET H 81 -4.36 21.02 -54.62
CA MET H 81 -4.39 22.46 -54.61
C MET H 81 -3.13 22.94 -53.92
N GLU H 82 -2.32 23.69 -54.67
CA GLU H 82 -1.10 24.24 -54.13
C GLU H 82 -1.21 25.76 -54.12
N LEU H 83 -1.08 26.32 -52.93
CA LEU H 83 -1.22 27.76 -52.73
C LEU H 83 0.12 28.27 -52.27
N SER H 84 0.74 29.11 -53.09
CA SER H 84 2.07 29.65 -52.75
C SER H 84 2.05 31.10 -52.23
N SER H 85 3.20 31.55 -51.72
CA SER H 85 3.37 32.88 -51.11
C SER H 85 2.39 33.11 -49.96
N LEU H 86 2.43 32.25 -48.96
CA LEU H 86 1.41 32.29 -47.91
C LEU H 86 1.48 33.55 -47.04
N ARG H 87 0.33 34.21 -46.93
CA ARG H 87 0.17 35.34 -46.03
C ARG H 87 -0.65 34.84 -44.84
N SER H 88 -0.75 35.60 -43.77
CA SER H 88 -1.61 35.17 -42.67
C SER H 88 -3.11 35.27 -43.06
N GLU H 89 -3.43 36.07 -44.08
CA GLU H 89 -4.82 36.13 -44.53
C GLU H 89 -5.29 34.84 -45.20
N ASP H 90 -4.35 33.94 -45.52
CA ASP H 90 -4.68 32.66 -46.13
C ASP H 90 -4.99 31.58 -45.10
N THR H 91 -5.02 31.93 -43.82
CA THR H 91 -5.41 30.99 -42.77
C THR H 91 -6.91 30.67 -42.87
N ALA H 92 -7.21 29.41 -43.15
CA ALA H 92 -8.59 28.98 -43.41
C ALA H 92 -8.70 27.45 -43.34
N VAL H 93 -9.93 26.95 -43.31
CA VAL H 93 -10.17 25.55 -43.63
C VAL H 93 -10.36 25.47 -45.14
N TYR H 94 -9.59 24.61 -45.79
CA TYR H 94 -9.70 24.44 -47.24
C TYR H 94 -10.45 23.17 -47.55
N TYR H 95 -11.47 23.28 -48.41
CA TYR H 95 -12.33 22.14 -48.78
C TYR H 95 -12.22 21.84 -50.26
N CYS H 96 -12.16 20.57 -50.60
CA CYS H 96 -12.44 20.22 -51.98
C CYS H 96 -13.90 19.85 -52.10
N ALA H 97 -14.44 20.08 -53.28
CA ALA H 97 -15.85 19.80 -53.50
C ALA H 97 -15.99 19.43 -54.95
N THR H 98 -16.85 18.45 -55.21
CA THR H 98 -17.11 18.04 -56.57
C THR H 98 -18.42 18.61 -57.06
N SER H 99 -18.50 18.85 -58.35
CA SER H 99 -19.77 19.10 -59.00
C SER H 99 -19.86 18.23 -60.26
N GLY H 100 -20.95 18.35 -61.02
CA GLY H 100 -21.08 17.47 -62.17
C GLY H 100 -20.14 17.86 -63.30
N VAL H 101 -19.64 16.89 -64.06
CA VAL H 101 -18.81 17.19 -65.22
C VAL H 101 -19.50 18.12 -66.19
N GLY H 102 -18.72 18.99 -66.79
CA GLY H 102 -19.22 19.91 -67.80
C GLY H 102 -18.48 21.22 -67.65
N LEU H 103 -18.83 22.19 -68.49
CA LEU H 103 -18.20 23.50 -68.44
C LEU H 103 -19.11 24.49 -67.69
N HIS H 104 -20.28 24.02 -67.31
CA HIS H 104 -21.20 24.79 -66.51
C HIS H 104 -20.70 24.77 -65.06
N PHE H 105 -21.14 25.74 -64.27
CA PHE H 105 -20.80 25.83 -62.84
C PHE H 105 -21.90 25.27 -61.92
N GLY H 106 -21.88 23.96 -61.67
CA GLY H 106 -22.94 23.31 -60.93
C GLY H 106 -22.83 23.49 -59.44
N TYR H 107 -23.81 22.99 -58.71
CA TYR H 107 -23.74 22.98 -57.26
C TYR H 107 -22.71 21.97 -56.77
N PHE H 108 -22.22 22.17 -55.55
CA PHE H 108 -21.27 21.24 -54.95
C PHE H 108 -22.04 20.18 -54.15
N ASP H 109 -22.08 18.95 -54.67
CA ASP H 109 -22.90 17.93 -54.00
C ASP H 109 -22.15 17.03 -53.00
N TYR H 110 -20.82 17.05 -53.05
CA TYR H 110 -20.00 16.30 -52.08
C TYR H 110 -18.78 17.14 -51.67
N TRP H 111 -18.39 17.01 -50.40
CA TRP H 111 -17.34 17.83 -49.82
C TRP H 111 -16.31 17.00 -49.05
N GLY H 112 -15.07 17.49 -49.03
CA GLY H 112 -14.06 16.87 -48.20
C GLY H 112 -14.31 17.24 -46.77
N GLN H 113 -13.61 16.61 -45.82
CA GLN H 113 -13.75 16.98 -44.41
C GLN H 113 -13.08 18.32 -44.14
N GLY H 114 -12.29 18.78 -45.09
CA GLY H 114 -11.58 20.04 -44.97
C GLY H 114 -10.18 19.87 -44.39
N THR H 115 -9.29 20.79 -44.76
CA THR H 115 -7.94 20.78 -44.25
C THR H 115 -7.64 22.14 -43.68
N GLN H 116 -7.31 22.18 -42.39
CA GLN H 116 -6.94 23.44 -41.74
C GLN H 116 -5.53 23.87 -42.18
N VAL H 117 -5.44 25.11 -42.64
CA VAL H 117 -4.15 25.70 -42.98
C VAL H 117 -3.94 26.97 -42.19
N THR H 118 -2.94 26.93 -41.31
CA THR H 118 -2.58 28.05 -40.45
C THR H 118 -1.24 28.65 -40.87
N VAL H 119 -1.26 29.91 -41.26
CA VAL H 119 -0.04 30.58 -41.65
C VAL H 119 0.43 31.46 -40.51
N SER H 120 1.51 31.03 -39.87
CA SER H 120 1.95 31.66 -38.63
C SER H 120 3.42 31.40 -38.41
N SER H 121 4.13 32.42 -37.91
CA SER H 121 5.51 32.22 -37.44
C SER H 121 5.59 32.54 -35.97
N ALA H 122 4.70 31.95 -35.19
CA ALA H 122 4.50 32.33 -33.79
C ALA H 122 4.88 31.25 -32.77
N SER H 123 6.06 31.38 -32.19
CA SER H 123 6.45 30.48 -31.09
C SER H 123 5.85 30.94 -29.76
N THR H 124 6.25 30.26 -28.69
CA THR H 124 5.73 30.52 -27.36
C THR H 124 5.97 31.98 -26.92
N LYS H 125 4.95 32.57 -26.29
CA LYS H 125 5.03 33.96 -25.80
C LYS H 125 4.04 34.18 -24.67
N GLY H 126 4.48 34.90 -23.64
CA GLY H 126 3.63 35.21 -22.52
C GLY H 126 2.79 36.43 -22.84
N PRO H 127 1.67 36.58 -22.12
CA PRO H 127 0.71 37.69 -22.31
C PRO H 127 1.19 39.01 -21.68
N SER H 128 0.80 40.13 -22.28
CA SER H 128 0.90 41.43 -21.63
C SER H 128 -0.45 41.63 -20.99
N VAL H 129 -0.49 42.17 -19.79
CA VAL H 129 -1.76 42.36 -19.09
C VAL H 129 -2.06 43.84 -18.77
N PHE H 130 -3.22 44.29 -19.23
CA PHE H 130 -3.63 45.68 -19.04
C PHE H 130 -4.98 45.75 -18.38
N PRO H 131 -5.15 46.68 -17.44
CA PRO H 131 -6.41 46.82 -16.70
C PRO H 131 -7.48 47.50 -17.54
N LEU H 132 -8.71 47.04 -17.43
CA LEU H 132 -9.83 47.78 -17.97
C LEU H 132 -10.58 48.45 -16.82
N ALA H 133 -10.17 49.67 -16.48
CA ALA H 133 -10.73 50.40 -15.34
C ALA H 133 -12.17 50.92 -15.51
N PRO H 134 -12.98 50.81 -14.44
CA PRO H 134 -14.36 51.32 -14.43
C PRO H 134 -14.44 52.79 -13.98
N SER H 135 -15.60 53.40 -14.19
CA SER H 135 -16.01 54.63 -13.50
C SER H 135 -17.45 54.98 -13.85
N GLY H 141 -26.74 51.55 -12.86
CA GLY H 141 -27.79 50.81 -12.17
C GLY H 141 -27.26 50.08 -10.94
N GLY H 142 -26.33 50.73 -10.24
CA GLY H 142 -25.73 50.16 -9.06
C GLY H 142 -24.55 49.26 -9.38
N THR H 143 -24.38 48.97 -10.67
CA THR H 143 -23.28 48.10 -11.08
C THR H 143 -22.22 48.82 -11.93
N ALA H 144 -21.03 48.24 -12.00
CA ALA H 144 -19.93 48.79 -12.78
C ALA H 144 -19.03 47.65 -13.23
N ALA H 145 -18.58 47.72 -14.48
CA ALA H 145 -17.79 46.63 -15.08
C ALA H 145 -16.29 46.88 -15.05
N LEU H 146 -15.53 45.79 -15.04
CA LEU H 146 -14.06 45.79 -15.06
C LEU H 146 -13.70 44.31 -15.04
N GLY H 147 -12.58 43.89 -15.62
CA GLY H 147 -11.65 44.75 -16.32
C GLY H 147 -10.23 44.22 -16.48
N CYS H 148 -10.05 43.12 -17.19
CA CYS H 148 -8.69 42.66 -17.49
C CYS H 148 -8.44 42.22 -18.94
N LEU H 149 -7.50 42.90 -19.60
CA LEU H 149 -7.16 42.66 -21.01
C LEU H 149 -5.84 41.89 -21.16
N VAL H 150 -5.90 40.63 -21.54
CA VAL H 150 -4.67 39.88 -21.80
C VAL H 150 -4.33 39.80 -23.30
N LYS H 151 -3.14 40.28 -23.65
CA LYS H 151 -2.79 40.53 -25.06
C LYS H 151 -1.61 39.70 -25.57
N ASP H 152 -1.75 39.22 -26.81
CA ASP H 152 -0.64 38.68 -27.59
C ASP H 152 0.16 37.52 -26.97
N TYR H 153 -0.54 36.47 -26.55
CA TYR H 153 0.12 35.29 -26.02
C TYR H 153 0.04 34.11 -27.01
N PHE H 154 0.95 33.15 -26.83
CA PHE H 154 0.92 31.91 -27.60
C PHE H 154 1.62 30.77 -26.87
N PRO H 155 1.04 29.56 -26.91
CA PRO H 155 -0.29 29.28 -27.47
C PRO H 155 -1.33 29.28 -26.37
N GLU H 156 -2.47 28.63 -26.63
CA GLU H 156 -3.53 28.54 -25.65
C GLU H 156 -3.13 27.50 -24.62
N PRO H 157 -3.80 27.51 -23.45
CA PRO H 157 -4.78 28.50 -23.02
C PRO H 157 -4.18 29.40 -21.96
N VAL H 158 -4.93 30.40 -21.54
CA VAL H 158 -4.65 31.08 -20.29
C VAL H 158 -5.84 30.87 -19.36
N THR H 159 -5.61 31.07 -18.07
CA THR H 159 -6.69 31.02 -17.09
C THR H 159 -6.74 32.37 -16.39
N VAL H 160 -7.96 32.82 -16.09
CA VAL H 160 -8.12 34.05 -15.35
C VAL H 160 -8.99 33.80 -14.15
N SER H 161 -8.52 34.23 -12.99
CA SER H 161 -9.31 34.19 -11.78
C SER H 161 -9.28 35.59 -11.23
N TRP H 162 -10.12 35.87 -10.24
CA TRP H 162 -10.10 37.18 -9.60
C TRP H 162 -9.91 37.05 -8.10
N ASN H 163 -9.09 37.93 -7.54
CA ASN H 163 -8.75 37.89 -6.14
C ASN H 163 -8.34 36.48 -5.68
N SER H 164 -7.65 35.78 -6.58
CA SER H 164 -7.12 34.43 -6.34
C SER H 164 -8.22 33.37 -6.24
N GLY H 165 -9.36 33.63 -6.86
CA GLY H 165 -10.46 32.68 -6.86
C GLY H 165 -11.54 32.97 -5.83
N ALA H 166 -11.34 34.02 -5.03
CA ALA H 166 -12.31 34.42 -4.01
C ALA H 166 -13.43 35.25 -4.61
N LEU H 167 -13.17 35.83 -5.78
CA LEU H 167 -14.19 36.55 -6.52
C LEU H 167 -14.70 35.68 -7.66
N THR H 168 -15.97 35.30 -7.57
CA THR H 168 -16.55 34.31 -8.47
C THR H 168 -17.76 34.87 -9.20
N SER H 169 -18.58 35.62 -8.48
CA SER H 169 -19.86 36.09 -9.00
C SER H 169 -19.72 37.38 -9.81
N GLY H 170 -20.17 37.30 -11.06
CA GLY H 170 -20.19 38.47 -11.92
C GLY H 170 -19.09 38.40 -12.93
N VAL H 171 -18.31 37.33 -12.83
CA VAL H 171 -17.15 37.13 -13.67
C VAL H 171 -17.46 36.34 -14.93
N HIS H 172 -17.09 36.88 -16.08
CA HIS H 172 -17.10 36.11 -17.31
C HIS H 172 -15.76 36.33 -17.99
N THR H 173 -15.00 35.26 -18.11
CA THR H 173 -13.80 35.31 -18.92
C THR H 173 -14.19 34.86 -20.31
N PHE H 174 -13.89 35.69 -21.29
CA PHE H 174 -14.33 35.44 -22.65
C PHE H 174 -13.44 34.42 -23.30
N PRO H 175 -13.96 33.76 -24.35
CA PRO H 175 -13.09 32.95 -25.19
C PRO H 175 -12.11 33.87 -25.90
N ALA H 176 -10.99 33.30 -26.33
CA ALA H 176 -9.93 34.10 -26.91
C ALA H 176 -10.10 34.26 -28.41
N VAL H 177 -9.88 35.48 -28.88
CA VAL H 177 -9.67 35.73 -30.29
C VAL H 177 -8.28 35.29 -30.70
N LEU H 178 -8.13 35.05 -31.99
CA LEU H 178 -6.83 34.69 -32.57
C LEU H 178 -6.54 35.73 -33.62
N GLN H 179 -5.68 36.68 -33.26
CA GLN H 179 -5.40 37.83 -34.08
C GLN H 179 -4.73 37.48 -35.41
N SER H 180 -4.93 38.34 -36.40
CA SER H 180 -4.22 38.19 -37.66
C SER H 180 -2.76 38.58 -37.45
N SER H 181 -2.09 37.79 -36.61
CA SER H 181 -0.71 38.03 -36.19
C SER H 181 -0.12 36.74 -35.66
N GLY H 182 -0.98 35.81 -35.27
CA GLY H 182 -0.55 34.53 -34.75
C GLY H 182 -0.89 34.37 -33.28
N LEU H 183 -0.91 35.50 -32.58
CA LEU H 183 -1.07 35.51 -31.13
C LEU H 183 -2.54 35.57 -30.71
N TYR H 184 -2.86 34.98 -29.57
CA TYR H 184 -4.22 35.04 -29.05
C TYR H 184 -4.38 36.22 -28.09
N SER H 185 -5.62 36.65 -27.89
CA SER H 185 -5.95 37.65 -26.88
C SER H 185 -7.28 37.33 -26.24
N LEU H 186 -7.50 37.78 -25.02
CA LEU H 186 -8.82 37.70 -24.40
C LEU H 186 -9.06 38.76 -23.35
N SER H 187 -10.27 38.76 -22.79
CA SER H 187 -10.62 39.68 -21.75
C SER H 187 -11.44 38.94 -20.73
N SER H 188 -11.32 39.35 -19.49
CA SER H 188 -12.17 38.82 -18.45
C SER H 188 -12.72 40.02 -17.70
N VAL H 189 -14.02 40.05 -17.50
CA VAL H 189 -14.61 41.12 -16.72
C VAL H 189 -15.44 40.59 -15.60
N VAL H 190 -15.72 41.49 -14.67
CA VAL H 190 -16.56 41.19 -13.56
C VAL H 190 -17.41 42.43 -13.27
N THR H 191 -18.72 42.25 -13.34
CA THR H 191 -19.62 43.30 -12.91
C THR H 191 -19.78 43.19 -11.39
N VAL H 192 -19.50 44.28 -10.71
CA VAL H 192 -19.50 44.28 -9.27
C VAL H 192 -20.45 45.38 -8.80
N PRO H 193 -20.93 45.31 -7.54
CA PRO H 193 -21.66 46.46 -7.02
C PRO H 193 -20.72 47.64 -7.06
N SER H 194 -21.17 48.77 -7.59
CA SER H 194 -20.28 49.90 -7.73
C SER H 194 -20.02 50.56 -6.38
N SER H 195 -20.07 49.78 -5.31
CA SER H 195 -20.25 50.33 -3.97
C SER H 195 -19.02 50.68 -3.09
N SER H 196 -18.08 49.78 -2.74
CA SER H 196 -17.62 48.52 -3.36
C SER H 196 -16.70 48.78 -4.55
N LEU H 197 -16.15 49.99 -4.57
CA LEU H 197 -15.23 50.40 -5.62
C LEU H 197 -14.14 51.23 -4.99
N GLY H 198 -14.51 52.02 -3.98
CA GLY H 198 -13.54 52.77 -3.21
C GLY H 198 -13.01 51.94 -2.06
N THR H 199 -13.58 50.75 -1.88
CA THR H 199 -13.23 49.88 -0.75
C THR H 199 -12.58 48.57 -1.18
N GLN H 200 -13.37 47.67 -1.77
CA GLN H 200 -12.86 46.34 -2.12
C GLN H 200 -11.76 46.42 -3.17
N THR H 201 -10.79 45.51 -3.07
CA THR H 201 -9.69 45.44 -4.01
C THR H 201 -9.92 44.36 -5.07
N TYR H 202 -9.64 44.71 -6.32
CA TYR H 202 -9.84 43.78 -7.43
C TYR H 202 -8.54 43.45 -8.16
N ILE H 203 -8.15 42.19 -8.12
CA ILE H 203 -6.90 41.76 -8.74
C ILE H 203 -7.20 40.62 -9.66
N CYS H 204 -6.74 40.71 -10.90
CA CYS H 204 -6.89 39.55 -11.79
C CYS H 204 -5.61 38.71 -11.86
N ASN H 205 -5.79 37.40 -11.86
CA ASN H 205 -4.67 36.49 -11.89
C ASN H 205 -4.65 35.79 -13.22
N VAL H 206 -3.69 36.17 -14.04
CA VAL H 206 -3.52 35.58 -15.34
C VAL H 206 -2.45 34.50 -15.23
N ASN H 207 -2.72 33.35 -15.84
CA ASN H 207 -1.82 32.23 -15.74
C ASN H 207 -1.70 31.64 -17.12
N HIS H 208 -0.47 31.54 -17.61
CA HIS H 208 -0.22 31.00 -18.93
C HIS H 208 0.86 29.92 -18.85
N LYS H 209 0.43 28.67 -18.66
CA LYS H 209 1.36 27.55 -18.52
C LYS H 209 2.31 27.30 -19.71
N PRO H 210 1.82 27.44 -20.95
CA PRO H 210 2.74 27.27 -22.08
C PRO H 210 4.00 28.15 -22.03
N SER H 211 3.93 29.31 -21.39
CA SER H 211 5.10 30.18 -21.30
C SER H 211 5.65 30.26 -19.88
N ASN H 212 5.07 29.45 -19.00
CA ASN H 212 5.41 29.50 -17.59
C ASN H 212 5.41 30.94 -17.09
N THR H 213 4.25 31.58 -17.20
CA THR H 213 4.14 33.00 -16.91
C THR H 213 2.91 33.18 -16.05
N LYS H 214 3.04 34.01 -15.02
CA LYS H 214 1.93 34.30 -14.15
C LYS H 214 1.91 35.80 -13.88
N VAL H 215 0.77 36.43 -14.12
CA VAL H 215 0.68 37.86 -13.88
C VAL H 215 -0.46 38.20 -12.93
N ASP H 216 -0.18 39.06 -11.97
CA ASP H 216 -1.22 39.61 -11.10
C ASP H 216 -1.30 41.11 -11.28
N LYS H 217 -2.52 41.61 -11.42
CA LYS H 217 -2.70 43.00 -11.77
C LYS H 217 -3.92 43.55 -11.02
N LYS H 218 -3.72 44.60 -10.24
CA LYS H 218 -4.81 45.29 -9.59
C LYS H 218 -5.49 46.25 -10.57
N VAL H 219 -6.81 46.12 -10.68
CA VAL H 219 -7.60 47.02 -11.50
C VAL H 219 -8.25 48.06 -10.59
N GLU H 220 -7.91 49.33 -10.80
CA GLU H 220 -8.38 50.42 -9.96
C GLU H 220 -9.28 51.37 -10.75
N PRO H 221 -10.15 52.12 -10.05
CA PRO H 221 -11.03 53.07 -10.74
C PRO H 221 -10.26 54.26 -11.26
N LYS H 222 -10.68 54.78 -12.40
CA LYS H 222 -10.04 55.94 -13.01
C LYS H 222 -10.11 57.16 -12.09
#